data_2VYV
#
_entry.id   2VYV
#
_cell.length_a   68.445
_cell.length_b   103.562
_cell.length_c   177.832
_cell.angle_alpha   90.00
_cell.angle_beta   90.00
_cell.angle_gamma   90.00
#
_symmetry.space_group_name_H-M   'P 21 21 21'
#
loop_
_entity.id
_entity.type
_entity.pdbx_description
1 polymer 'GLYCERALDEHYDE-3-PHOSPHATE DEHYDROGENASE'
2 polymer 'GLYCERALDEHYDE-3-PHOSPHATE DEHYDROGENASE'
3 non-polymer 'FORMIC ACID'
4 non-polymer NICOTINAMIDE-ADENINE-DINUCLEOTIDE
5 non-polymer SN-GLYCEROL-1-PHOSPHATE
6 water water
#
loop_
_entity_poly.entity_id
_entity_poly.type
_entity_poly.pdbx_seq_one_letter_code
_entity_poly.pdbx_strand_id
1 'polypeptide(L)'
;MTIKVGINGFGRIGRIVFRAAQKRSDIEIVAINDLLDADYMAYMLKYDSTHGRFDGTVEVKDGHLIVNGKKIRVTAERDP
ANLKWDEVGVDVVAEATGLFLTDETARKHITAGAKKVVMTGPSKDNTPMFVKGANFDKYAGQDIVSNAS(CSD)TTNCLA
PLAKVINDNFGIIEGLMTTVHATTATQKTVDGPSHKDWRGGRGASQNIIPSSTGAAKAVGKVLPELNGKLTGMAFRVPTP
NVSVVDLTVRLEKAATYEQIKAAVKAAAEGEMKGVLGYTEDDVVSTDFNGEV(CSD)TSVFDAKAGIALNDNFVKLVSWY
DNETGYSNKVLDLIAHISK
;
A,B,C
2 'polypeptide(L)'
;MVKVGINGFGRIGRLVLRVCMEKGVRVVAVNDPFIDPEYMVYMFKYDSTHGRYKGTVEHKNGRLVVDNLEINVFQ(CSX)
KEPKEIPWSSVGNPYVVEATGVYLSIEAASGHISSGARRVIVTAPSPDAPMLVMGVNEKDYNPGSMTVVSNAS(CSD)TT
NCLAPLAKVIHERFGIVEGLMTTVHAYTATQKTVDGPSKKDWRGGRGAHQNIIPSSTGAAKAVGKVIPELNGKLTGMAFR
VPTPNVSVVDLTCRLAQPASYTAIKEAVKAAAKGPMAGILAYTEDQVVSTDFNGDSHSSIFDAKAGIALNDNFVKLVSWY
DNEYGYSHRVVDLLRYMFSREK
;
D
#
# COMPACT_ATOMS: atom_id res chain seq x y z
N THR A 2 14.46 37.62 18.73
CA THR A 2 13.91 36.32 18.22
C THR A 2 15.03 35.39 17.73
N ILE A 3 14.91 34.10 18.05
CA ILE A 3 15.95 33.11 17.79
C ILE A 3 16.07 32.80 16.30
N LYS A 4 17.27 32.93 15.76
CA LYS A 4 17.50 32.70 14.34
C LYS A 4 18.03 31.30 14.06
N VAL A 5 17.33 30.56 13.21
CA VAL A 5 17.64 29.16 12.99
C VAL A 5 18.04 28.89 11.53
N GLY A 6 19.05 28.02 11.40
CA GLY A 6 19.47 27.47 10.11
C GLY A 6 19.19 25.98 10.11
N ILE A 7 18.63 25.51 9.00
CA ILE A 7 18.35 24.09 8.85
C ILE A 7 19.40 23.51 7.90
N ASN A 8 20.08 22.45 8.35
CA ASN A 8 20.93 21.66 7.49
C ASN A 8 20.27 20.30 7.17
N GLY A 9 19.97 20.07 5.89
CA GLY A 9 19.19 18.91 5.48
C GLY A 9 17.69 19.21 5.47
N PHE A 10 17.16 19.36 4.27
CA PHE A 10 15.78 19.80 4.06
C PHE A 10 14.91 18.61 3.69
N GLY A 11 15.06 17.53 4.47
CA GLY A 11 14.32 16.30 4.29
C GLY A 11 13.04 16.35 5.07
N ARG A 12 12.52 15.18 5.44
CA ARG A 12 11.27 15.07 6.19
C ARG A 12 11.27 15.90 7.48
N ILE A 13 12.31 15.78 8.30
CA ILE A 13 12.39 16.56 9.54
C ILE A 13 12.66 18.03 9.25
N GLY A 14 13.64 18.30 8.39
CA GLY A 14 13.96 19.65 8.00
C GLY A 14 12.77 20.44 7.50
N ARG A 15 11.96 19.83 6.65
CA ARG A 15 10.82 20.51 6.03
C ARG A 15 9.65 20.67 6.99
N ILE A 16 9.48 19.70 7.91
CA ILE A 16 8.40 19.80 8.89
C ILE A 16 8.80 20.76 10.06
N VAL A 17 10.04 20.69 10.52
CA VAL A 17 10.56 21.73 11.41
C VAL A 17 10.31 23.12 10.81
N PHE A 18 10.61 23.30 9.52
CA PHE A 18 10.35 24.60 8.83
C PHE A 18 8.89 25.08 8.95
N ARG A 19 7.96 24.20 8.60
CA ARG A 19 6.54 24.53 8.69
C ARG A 19 6.13 24.89 10.10
N ALA A 20 6.58 24.11 11.09
CA ALA A 20 6.22 24.35 12.49
C ALA A 20 6.77 25.70 12.97
N ALA A 21 7.98 26.04 12.55
CA ALA A 21 8.57 27.31 12.92
C ALA A 21 7.75 28.52 12.41
N GLN A 22 6.99 28.33 11.33
CA GLN A 22 6.13 29.41 10.82
C GLN A 22 5.01 29.71 11.79
N LYS A 23 4.61 28.71 12.57
CA LYS A 23 3.52 28.86 13.54
C LYS A 23 3.97 29.36 14.91
N ARG A 24 5.26 29.70 15.05
CA ARG A 24 5.83 30.26 16.28
C ARG A 24 6.42 31.65 16.03
N SER A 25 6.41 32.48 17.06
CA SER A 25 6.96 33.83 16.95
C SER A 25 8.37 33.94 17.56
N ASP A 26 8.71 33.07 18.52
CA ASP A 26 10.05 33.08 19.09
C ASP A 26 11.17 32.68 18.11
N ILE A 27 10.84 31.86 17.09
CA ILE A 27 11.84 31.29 16.18
C ILE A 27 11.58 31.65 14.73
N GLU A 28 12.62 32.12 14.02
CA GLU A 28 12.54 32.36 12.57
C GLU A 28 13.64 31.65 11.78
N ILE A 29 13.23 30.90 10.76
CA ILE A 29 14.18 30.23 9.87
C ILE A 29 14.75 31.25 8.90
N VAL A 30 16.05 31.48 9.02
CA VAL A 30 16.76 32.44 8.18
C VAL A 30 17.46 31.75 7.01
N ALA A 31 17.94 30.53 7.19
CA ALA A 31 18.78 29.89 6.18
C ALA A 31 18.51 28.39 6.07
N ILE A 32 18.73 27.85 4.87
CA ILE A 32 18.52 26.43 4.60
C ILE A 32 19.63 25.92 3.73
N ASN A 33 20.18 24.76 4.11
CA ASN A 33 21.20 24.09 3.32
C ASN A 33 20.80 22.67 2.96
N ASP A 34 20.99 22.34 1.69
CA ASP A 34 20.82 20.99 1.19
C ASP A 34 21.63 20.91 -0.10
N LEU A 35 21.52 19.85 -0.89
CA LEU A 35 22.19 19.78 -2.17
C LEU A 35 21.11 19.91 -3.25
N LEU A 36 20.38 21.03 -3.19
CA LEU A 36 19.23 21.27 -4.06
C LEU A 36 19.09 22.76 -4.43
N ASP A 37 18.58 23.01 -5.63
CA ASP A 37 18.27 24.35 -6.11
C ASP A 37 17.14 25.00 -5.30
N ALA A 38 17.12 26.32 -5.28
CA ALA A 38 16.08 27.08 -4.60
C ALA A 38 14.66 26.76 -5.11
N ASP A 39 14.51 26.57 -6.41
CA ASP A 39 13.20 26.31 -7.00
C ASP A 39 12.70 24.93 -6.68
N TYR A 40 13.64 23.98 -6.53
CA TYR A 40 13.28 22.64 -6.11
C TYR A 40 12.87 22.65 -4.64
N MET A 41 13.58 23.42 -3.81
CA MET A 41 13.19 23.54 -2.42
C MET A 41 11.79 24.11 -2.28
N ALA A 42 11.47 25.11 -3.09
CA ALA A 42 10.15 25.75 -3.07
C ALA A 42 9.08 24.70 -3.31
N TYR A 43 9.34 23.83 -4.29
CA TYR A 43 8.45 22.73 -4.64
C TYR A 43 8.24 21.73 -3.49
N MET A 44 9.33 21.35 -2.83
CA MET A 44 9.27 20.37 -1.76
C MET A 44 8.55 20.93 -0.53
N LEU A 45 8.66 22.24 -0.33
CA LEU A 45 7.92 22.95 0.71
C LEU A 45 6.41 23.10 0.40
N LYS A 46 6.11 23.59 -0.80
CA LYS A 46 4.72 23.78 -1.27
C LYS A 46 3.84 22.55 -1.15
N TYR A 47 4.37 21.40 -1.51
CA TYR A 47 3.57 20.20 -1.62
C TYR A 47 4.13 19.10 -0.74
N ASP A 48 3.25 18.50 0.05
CA ASP A 48 3.65 17.38 0.89
C ASP A 48 2.62 16.29 0.80
N SER A 49 3.06 15.07 0.52
CA SER A 49 2.13 13.94 0.32
C SER A 49 1.39 13.58 1.62
N THR A 50 2.08 13.76 2.74
CA THR A 50 1.55 13.41 4.06
C THR A 50 0.80 14.55 4.73
N HIS A 51 1.31 15.78 4.63
CA HIS A 51 0.80 16.90 5.46
C HIS A 51 0.15 18.01 4.65
N GLY A 52 -0.05 17.76 3.35
CA GLY A 52 -0.81 18.66 2.51
C GLY A 52 -0.01 19.86 2.06
N ARG A 53 -0.70 20.78 1.41
CA ARG A 53 -0.07 21.95 0.82
C ARG A 53 0.34 22.90 1.92
N PHE A 54 1.46 23.58 1.72
CA PHE A 54 1.90 24.61 2.64
C PHE A 54 0.87 25.74 2.83
N ASP A 55 0.52 26.01 4.09
CA ASP A 55 -0.41 27.07 4.43
C ASP A 55 0.32 28.41 4.37
N GLY A 56 0.26 29.06 3.21
CA GLY A 56 0.99 30.31 3.01
C GLY A 56 1.58 30.43 1.63
N THR A 57 2.43 31.43 1.44
CA THR A 57 3.00 31.73 0.14
C THR A 57 4.43 31.23 0.04
N VAL A 58 4.83 30.85 -1.17
CA VAL A 58 6.21 30.51 -1.40
C VAL A 58 6.63 30.81 -2.83
N GLU A 59 7.78 31.46 -2.96
CA GLU A 59 8.31 31.84 -4.24
C GLU A 59 9.82 31.91 -4.18
N VAL A 60 10.42 31.86 -5.36
CA VAL A 60 11.85 31.99 -5.55
C VAL A 60 12.10 33.32 -6.26
N LYS A 61 13.13 34.03 -5.81
CA LYS A 61 13.47 35.35 -6.34
C LYS A 61 14.97 35.52 -6.15
N ASP A 62 15.67 35.83 -7.23
CA ASP A 62 17.13 36.02 -7.18
C ASP A 62 17.86 34.86 -6.45
N GLY A 63 17.40 33.63 -6.67
CA GLY A 63 18.05 32.45 -6.11
C GLY A 63 17.89 32.30 -4.60
N HIS A 64 16.81 32.85 -4.06
CA HIS A 64 16.48 32.64 -2.67
C HIS A 64 14.98 32.49 -2.49
N LEU A 65 14.59 31.78 -1.44
CA LEU A 65 13.21 31.56 -1.12
C LEU A 65 12.57 32.81 -0.57
N ILE A 66 11.29 32.96 -0.88
CA ILE A 66 10.44 33.93 -0.23
C ILE A 66 9.23 33.19 0.36
N VAL A 67 9.25 32.96 1.66
CA VAL A 67 8.21 32.18 2.34
C VAL A 67 7.39 33.09 3.25
N ASN A 68 6.11 33.25 2.92
CA ASN A 68 5.25 34.23 3.60
C ASN A 68 5.93 35.59 3.60
N GLY A 69 6.55 35.97 2.48
CA GLY A 69 7.21 37.27 2.35
C GLY A 69 8.55 37.48 3.02
N LYS A 70 9.11 36.45 3.67
CA LYS A 70 10.46 36.54 4.28
C LYS A 70 11.48 35.77 3.47
N LYS A 71 12.59 36.43 3.19
CA LYS A 71 13.68 35.90 2.37
C LYS A 71 14.50 34.86 3.14
N ILE A 72 14.52 33.62 2.65
CA ILE A 72 15.34 32.56 3.22
C ILE A 72 16.57 32.32 2.34
N ARG A 73 17.74 32.30 2.97
CA ARG A 73 18.96 32.01 2.23
C ARG A 73 18.98 30.53 1.91
N VAL A 74 19.38 30.23 0.68
CA VAL A 74 19.53 28.87 0.20
C VAL A 74 20.97 28.69 -0.24
N THR A 75 21.61 27.66 0.30
CA THR A 75 22.98 27.31 0.00
C THR A 75 23.01 25.82 -0.27
N ALA A 76 24.11 25.36 -0.87
CA ALA A 76 24.23 23.96 -1.30
C ALA A 76 25.61 23.39 -0.99
N GLU A 77 26.04 23.57 0.25
CA GLU A 77 27.34 23.10 0.69
C GLU A 77 27.25 21.69 1.26
N ARG A 78 28.16 20.83 0.81
CA ARG A 78 28.23 19.46 1.28
C ARG A 78 28.95 19.41 2.61
N ASP A 79 29.82 20.37 2.83
CA ASP A 79 30.61 20.45 4.03
C ASP A 79 30.04 21.57 4.90
N PRO A 80 29.57 21.24 6.13
CA PRO A 80 29.06 22.22 7.11
C PRO A 80 30.01 23.37 7.50
N ALA A 81 31.32 23.13 7.46
CA ALA A 81 32.31 24.14 7.81
C ALA A 81 32.28 25.32 6.83
N ASN A 82 31.81 25.06 5.62
CA ASN A 82 31.78 26.04 4.54
C ASN A 82 30.49 26.84 4.50
N LEU A 83 29.65 26.68 5.52
CA LEU A 83 28.27 27.18 5.46
C LEU A 83 28.06 28.65 5.78
N LYS A 84 29.05 29.33 6.33
CA LYS A 84 28.94 30.78 6.54
C LYS A 84 27.65 31.24 7.26
N TRP A 85 27.24 30.46 8.26
CA TRP A 85 26.06 30.76 9.06
C TRP A 85 26.08 32.17 9.67
N ASP A 86 27.28 32.69 9.95
CA ASP A 86 27.45 34.05 10.48
C ASP A 86 26.99 35.15 9.52
N GLU A 87 27.06 34.90 8.22
CA GLU A 87 26.60 35.90 7.27
C GLU A 87 25.08 36.10 7.35
N VAL A 88 24.37 35.08 7.81
CA VAL A 88 22.94 35.20 8.10
C VAL A 88 22.64 35.36 9.60
N GLY A 89 23.67 35.37 10.44
CA GLY A 89 23.49 35.59 11.89
C GLY A 89 22.72 34.50 12.63
N VAL A 90 22.91 33.25 12.20
CA VAL A 90 22.19 32.12 12.79
C VAL A 90 22.62 31.84 14.22
N ASP A 91 21.64 31.66 15.10
CA ASP A 91 21.88 31.28 16.48
C ASP A 91 22.07 29.78 16.63
N VAL A 92 21.07 29.00 16.23
CA VAL A 92 21.13 27.56 16.39
C VAL A 92 20.88 26.89 15.05
N VAL A 93 21.68 25.87 14.74
CA VAL A 93 21.47 25.08 13.54
C VAL A 93 20.72 23.81 13.90
N ALA A 94 19.60 23.56 13.19
CA ALA A 94 18.94 22.25 13.26
C ALA A 94 19.68 21.34 12.29
N GLU A 95 20.43 20.39 12.83
CA GLU A 95 21.27 19.52 12.02
C GLU A 95 20.51 18.22 11.74
N ALA A 96 19.92 18.17 10.54
CA ALA A 96 18.95 17.15 10.17
C ALA A 96 19.29 16.42 8.85
N THR A 97 20.57 16.28 8.57
CA THR A 97 21.04 15.48 7.41
C THR A 97 21.17 13.98 7.73
N GLY A 98 21.28 13.65 9.01
CA GLY A 98 21.53 12.30 9.45
C GLY A 98 22.99 11.91 9.38
N LEU A 99 23.85 12.84 8.95
CA LEU A 99 25.26 12.55 8.65
C LEU A 99 26.23 13.08 9.70
N PHE A 100 25.78 14.05 10.51
CA PHE A 100 26.66 14.76 11.43
C PHE A 100 26.13 14.67 12.87
N LEU A 101 26.26 13.48 13.45
CA LEU A 101 25.67 13.14 14.75
C LEU A 101 26.72 12.89 15.85
N THR A 102 27.94 13.35 15.59
CA THR A 102 28.96 13.45 16.64
C THR A 102 29.28 14.93 16.87
N ASP A 103 29.83 15.22 18.05
CA ASP A 103 30.43 16.51 18.35
C ASP A 103 31.41 16.92 17.27
N GLU A 104 32.31 16.01 16.92
CA GLU A 104 33.33 16.26 15.89
C GLU A 104 32.68 16.89 14.65
N THR A 105 31.70 16.19 14.07
CA THR A 105 31.05 16.63 12.83
C THR A 105 30.06 17.79 13.00
N ALA A 106 29.22 17.73 14.03
CA ALA A 106 28.25 18.80 14.31
C ALA A 106 28.93 20.15 14.58
N ARG A 107 30.12 20.09 15.17
CA ARG A 107 30.85 21.29 15.56
C ARG A 107 31.32 22.14 14.37
N LYS A 108 31.38 21.55 13.18
CA LYS A 108 31.67 22.29 11.95
C LYS A 108 30.69 23.45 11.71
N HIS A 109 29.47 23.34 12.26
CA HIS A 109 28.49 24.42 12.17
C HIS A 109 28.89 25.61 13.02
N ILE A 110 29.59 25.34 14.12
CA ILE A 110 30.09 26.39 15.00
C ILE A 110 31.33 27.02 14.38
N THR A 111 32.21 26.17 13.85
CA THR A 111 33.31 26.63 13.01
C THR A 111 32.78 27.57 11.90
N ALA A 112 31.62 27.23 11.34
CA ALA A 112 30.97 28.02 10.28
C ALA A 112 30.16 29.26 10.77
N GLY A 113 30.15 29.56 12.06
CA GLY A 113 29.53 30.80 12.58
C GLY A 113 28.27 30.66 13.40
N ALA A 114 27.85 29.43 13.70
CA ALA A 114 26.66 29.18 14.53
C ALA A 114 27.05 29.11 15.98
N LYS A 115 26.15 29.54 16.87
N LYS A 115 26.13 29.50 16.86
CA LYS A 115 26.38 29.49 18.32
CA LYS A 115 26.36 29.50 18.31
C LYS A 115 26.22 28.07 18.84
C LYS A 115 26.19 28.10 18.87
N LYS A 116 25.05 27.49 18.58
CA LYS A 116 24.73 26.14 19.05
C LYS A 116 24.12 25.29 17.93
N VAL A 117 24.12 23.96 18.13
CA VAL A 117 23.58 23.02 17.17
C VAL A 117 22.67 22.02 17.89
N VAL A 118 21.46 21.85 17.36
CA VAL A 118 20.55 20.76 17.80
C VAL A 118 20.53 19.65 16.74
N MET A 119 21.00 18.46 17.11
CA MET A 119 20.92 17.29 16.22
C MET A 119 19.52 16.71 16.22
N THR A 120 18.94 16.47 15.05
CA THR A 120 17.59 15.90 14.97
C THR A 120 17.59 14.36 14.96
N GLY A 121 18.52 13.77 15.71
CA GLY A 121 18.59 12.32 15.84
C GLY A 121 19.40 11.95 17.06
N PRO A 122 19.41 10.65 17.43
CA PRO A 122 20.30 10.22 18.50
C PRO A 122 21.75 10.50 18.14
N SER A 123 22.51 11.02 19.09
CA SER A 123 23.92 11.35 18.85
C SER A 123 24.72 10.08 18.92
N LYS A 124 25.74 9.98 18.09
CA LYS A 124 26.51 8.76 17.97
C LYS A 124 27.75 8.77 18.87
N ASP A 125 27.82 9.72 19.78
CA ASP A 125 28.86 9.75 20.80
C ASP A 125 28.19 10.18 22.11
N ASN A 126 28.98 10.71 23.05
N ASN A 126 28.97 10.70 23.05
CA ASN A 126 28.45 11.15 24.35
CA ASN A 126 28.44 11.14 24.35
C ASN A 126 27.79 12.53 24.33
C ASN A 126 27.81 12.54 24.32
N THR A 127 27.45 13.03 23.14
CA THR A 127 26.79 14.35 22.99
C THR A 127 25.43 14.30 23.67
N PRO A 128 25.17 15.23 24.61
CA PRO A 128 24.01 15.03 25.47
C PRO A 128 22.66 15.07 24.74
N MET A 129 21.74 14.21 25.20
CA MET A 129 20.41 14.08 24.59
C MET A 129 19.33 14.63 25.48
N PHE A 130 18.40 15.37 24.90
CA PHE A 130 17.28 15.95 25.64
C PHE A 130 15.91 15.63 25.04
N VAL A 131 15.01 15.15 25.89
CA VAL A 131 13.63 14.80 25.54
C VAL A 131 12.69 15.59 26.46
N LYS A 132 11.78 16.37 25.87
CA LYS A 132 10.90 17.25 26.62
C LYS A 132 9.89 16.42 27.40
N GLY A 133 9.70 16.76 28.68
CA GLY A 133 8.93 15.93 29.59
C GLY A 133 9.79 15.04 30.47
N ALA A 134 11.07 14.88 30.11
CA ALA A 134 12.02 14.01 30.83
C ALA A 134 13.16 14.78 31.48
N ASN A 135 13.92 15.53 30.67
CA ASN A 135 15.14 16.17 31.13
C ASN A 135 15.56 17.51 30.50
N PHE A 136 14.64 18.24 29.84
CA PHE A 136 15.00 19.57 29.29
C PHE A 136 15.73 20.42 30.32
N ASP A 137 15.24 20.37 31.57
CA ASP A 137 15.76 21.20 32.67
C ASP A 137 17.13 20.77 33.17
N LYS A 138 17.64 19.65 32.68
CA LYS A 138 19.03 19.27 32.90
C LYS A 138 19.95 19.82 31.80
N TYR A 139 19.48 20.78 31.01
CA TYR A 139 20.34 21.44 30.03
C TYR A 139 21.27 22.41 30.74
N ALA A 140 22.57 22.18 30.60
CA ALA A 140 23.62 22.86 31.37
C ALA A 140 24.53 23.74 30.49
N GLY A 141 23.90 24.40 29.51
CA GLY A 141 24.59 25.40 28.70
C GLY A 141 25.41 24.89 27.53
N GLN A 142 25.41 23.57 27.31
CA GLN A 142 26.23 22.93 26.25
C GLN A 142 25.91 23.49 24.88
N ASP A 143 26.91 23.52 23.99
CA ASP A 143 26.74 24.15 22.67
C ASP A 143 26.30 23.19 21.53
N ILE A 144 26.39 21.89 21.77
CA ILE A 144 25.92 20.87 20.83
C ILE A 144 25.12 19.85 21.62
N VAL A 145 23.86 19.64 21.23
CA VAL A 145 22.96 18.70 21.90
C VAL A 145 22.20 17.88 20.87
N SER A 146 21.46 16.88 21.35
CA SER A 146 20.57 16.03 20.52
C SER A 146 19.17 15.94 21.11
N ASN A 147 18.17 16.01 20.25
CA ASN A 147 16.77 15.83 20.66
C ASN A 147 16.34 14.34 20.69
N ALA A 148 17.32 13.43 20.65
CA ALA A 148 17.09 11.98 20.64
C ALA A 148 16.34 11.54 19.39
N SER A 149 15.56 10.46 19.51
CA SER A 149 14.77 9.94 18.41
C SER A 149 13.30 10.24 18.64
N THR A 151 11.06 7.96 18.62
CA THR A 151 10.57 6.85 19.45
C THR A 151 10.85 7.08 20.94
N THR A 152 12.07 7.51 21.27
CA THR A 152 12.38 7.93 22.64
C THR A 152 11.46 9.04 23.17
N ASN A 153 11.20 10.06 22.36
CA ASN A 153 10.29 11.14 22.74
C ASN A 153 8.86 10.66 23.03
N CYS A 154 8.46 9.55 22.42
CA CYS A 154 7.18 8.92 22.71
C CYS A 154 7.26 8.09 23.98
N LEU A 155 8.35 7.36 24.14
CA LEU A 155 8.49 6.42 25.23
C LEU A 155 8.86 7.09 26.55
N ALA A 156 9.78 8.06 26.51
CA ALA A 156 10.31 8.67 27.74
C ALA A 156 9.23 9.22 28.66
N PRO A 157 8.35 10.11 28.12
CA PRO A 157 7.26 10.71 28.92
C PRO A 157 6.32 9.69 29.52
N LEU A 158 5.93 8.70 28.73
CA LEU A 158 5.07 7.61 29.22
C LEU A 158 5.79 6.82 30.31
N ALA A 159 7.05 6.48 30.09
CA ALA A 159 7.82 5.74 31.07
C ALA A 159 7.91 6.50 32.38
N LYS A 160 8.36 7.75 32.30
CA LYS A 160 8.46 8.62 33.49
C LYS A 160 7.17 8.66 34.31
N VAL A 161 6.03 8.86 33.66
CA VAL A 161 4.75 8.87 34.37
C VAL A 161 4.47 7.52 35.06
N ILE A 162 4.75 6.40 34.39
CA ILE A 162 4.44 5.07 34.93
C ILE A 162 5.38 4.74 36.07
N ASN A 163 6.66 4.94 35.86
CA ASN A 163 7.68 4.78 36.90
C ASN A 163 7.45 5.62 38.16
N ASP A 164 7.17 6.90 37.98
CA ASP A 164 6.98 7.82 39.10
C ASP A 164 5.80 7.43 39.99
N ASN A 165 4.82 6.75 39.41
CA ASN A 165 3.61 6.36 40.10
C ASN A 165 3.63 4.92 40.60
N PHE A 166 4.21 4.02 39.82
CA PHE A 166 4.12 2.60 40.11
C PHE A 166 5.45 1.86 40.14
N GLY A 167 6.53 2.44 39.61
CA GLY A 167 7.85 1.80 39.63
C GLY A 167 8.02 0.66 38.62
N ILE A 168 8.69 0.96 37.51
CA ILE A 168 8.98 -0.05 36.50
C ILE A 168 10.17 -0.88 36.97
N ILE A 169 9.91 -2.15 37.31
CA ILE A 169 10.96 -3.10 37.65
C ILE A 169 11.74 -3.39 36.37
N GLU A 170 10.97 -3.61 35.30
CA GLU A 170 11.52 -3.94 34.01
C GLU A 170 10.49 -3.78 32.90
N GLY A 171 10.99 -3.56 31.69
CA GLY A 171 10.12 -3.34 30.55
C GLY A 171 10.77 -3.69 29.24
N LEU A 172 9.97 -4.24 28.34
CA LEU A 172 10.35 -4.44 26.96
C LEU A 172 9.34 -3.70 26.10
N MET A 173 9.84 -3.14 24.99
CA MET A 173 9.09 -2.26 24.12
C MET A 173 9.20 -2.66 22.65
N THR A 174 8.08 -2.55 21.95
CA THR A 174 8.07 -2.66 20.50
C THR A 174 7.45 -1.39 19.94
N THR A 175 8.03 -0.90 18.85
CA THR A 175 7.38 0.14 18.07
C THR A 175 7.00 -0.45 16.69
N VAL A 176 5.73 -0.26 16.32
CA VAL A 176 5.25 -0.53 14.96
C VAL A 176 5.34 0.82 14.25
N HIS A 177 6.34 0.91 13.38
CA HIS A 177 6.81 2.20 12.90
C HIS A 177 6.53 2.36 11.40
N ALA A 178 6.02 3.54 11.05
CA ALA A 178 5.84 3.94 9.69
C ALA A 178 7.16 3.87 8.94
N THR A 179 7.04 3.64 7.64
CA THR A 179 8.16 3.71 6.71
C THR A 179 8.78 5.08 6.74
N THR A 180 10.10 5.13 6.55
CA THR A 180 10.88 6.36 6.45
C THR A 180 11.74 6.40 5.20
N ALA A 181 12.45 7.52 5.03
CA ALA A 181 13.37 7.78 3.88
C ALA A 181 14.56 6.81 3.71
N THR A 182 14.96 6.10 4.76
CA THR A 182 16.10 5.16 4.64
C THR A 182 15.68 3.87 3.97
N GLN A 183 14.39 3.55 4.00
CA GLN A 183 13.88 2.36 3.33
C GLN A 183 13.85 2.48 1.81
N LYS A 184 13.54 1.36 1.16
CA LYS A 184 13.58 1.22 -0.31
C LYS A 184 12.21 0.82 -0.88
N THR A 185 11.89 1.33 -2.06
CA THR A 185 10.61 1.05 -2.68
C THR A 185 10.49 -0.41 -3.10
N VAL A 186 11.52 -0.92 -3.77
CA VAL A 186 11.60 -2.32 -4.13
C VAL A 186 12.85 -2.85 -3.44
N ASP A 187 12.94 -4.16 -3.24
CA ASP A 187 14.13 -4.79 -2.66
C ASP A 187 15.42 -4.23 -3.26
N GLY A 188 16.15 -3.46 -2.46
CA GLY A 188 17.44 -2.91 -2.86
C GLY A 188 18.47 -2.96 -1.75
N PRO A 189 19.70 -2.50 -2.04
CA PRO A 189 20.81 -2.52 -1.07
C PRO A 189 20.59 -1.68 0.20
N SER A 190 20.85 -2.31 1.34
CA SER A 190 20.89 -1.63 2.62
C SER A 190 21.96 -2.40 3.39
N HIS A 191 23.20 -2.14 3.02
CA HIS A 191 24.31 -2.97 3.50
C HIS A 191 24.57 -2.83 5.00
N LYS A 192 24.02 -1.79 5.62
CA LYS A 192 24.05 -1.61 7.08
C LYS A 192 22.85 -2.22 7.82
N ASP A 193 21.76 -2.48 7.10
CA ASP A 193 20.56 -3.10 7.69
C ASP A 193 19.82 -3.87 6.59
N TRP A 194 20.21 -5.14 6.39
CA TRP A 194 19.71 -5.99 5.29
C TRP A 194 18.18 -6.03 5.18
N ARG A 195 17.50 -6.24 6.30
CA ARG A 195 16.03 -6.21 6.30
C ARG A 195 15.46 -4.88 5.79
N GLY A 196 16.10 -3.78 6.18
CA GLY A 196 15.69 -2.44 5.79
C GLY A 196 15.91 -2.06 4.33
N GLY A 197 16.56 -2.95 3.57
CA GLY A 197 16.64 -2.81 2.10
C GLY A 197 15.47 -3.42 1.34
N ARG A 198 14.64 -4.20 2.01
CA ARG A 198 13.53 -4.90 1.40
C ARG A 198 12.33 -3.97 1.19
N GLY A 199 11.59 -4.18 0.12
CA GLY A 199 10.44 -3.36 -0.23
C GLY A 199 9.58 -2.93 0.95
N ALA A 200 9.57 -1.62 1.20
CA ALA A 200 8.92 -1.03 2.36
C ALA A 200 7.44 -1.32 2.33
N SER A 201 6.83 -1.17 1.16
CA SER A 201 5.38 -1.22 1.07
C SER A 201 4.83 -2.64 1.03
N GLN A 202 5.72 -3.63 0.88
CA GLN A 202 5.31 -5.03 0.81
C GLN A 202 5.39 -5.77 2.15
N ASN A 203 6.12 -5.20 3.11
CA ASN A 203 6.65 -5.96 4.22
C ASN A 203 6.36 -5.39 5.59
N ILE A 204 6.19 -6.32 6.54
CA ILE A 204 6.48 -6.08 7.93
C ILE A 204 7.96 -6.44 8.06
N ILE A 205 8.76 -5.47 8.52
CA ILE A 205 10.23 -5.58 8.56
C ILE A 205 10.76 -5.33 9.96
N PRO A 206 11.29 -6.37 10.62
CA PRO A 206 11.98 -6.17 11.91
C PRO A 206 13.15 -5.19 11.85
N SER A 207 13.25 -4.35 12.87
CA SER A 207 14.34 -3.41 12.94
C SER A 207 14.87 -3.22 14.36
N SER A 208 16.15 -2.92 14.46
CA SER A 208 16.75 -2.57 15.74
C SER A 208 16.49 -1.11 16.06
N THR A 209 16.46 -0.81 17.35
CA THR A 209 16.29 0.56 17.85
C THR A 209 17.00 0.70 19.20
N GLY A 210 17.65 1.84 19.41
CA GLY A 210 18.23 2.14 20.71
C GLY A 210 17.29 2.88 21.65
N ALA A 211 16.11 3.23 21.14
CA ALA A 211 15.14 4.12 21.77
C ALA A 211 14.83 3.84 23.25
N ALA A 212 14.77 2.57 23.61
CA ALA A 212 14.38 2.16 24.96
C ALA A 212 15.56 2.23 25.95
N LYS A 213 16.75 1.84 25.50
CA LYS A 213 17.98 2.07 26.26
C LYS A 213 18.20 3.57 26.41
N ALA A 214 18.03 4.30 25.33
CA ALA A 214 18.17 5.76 25.31
C ALA A 214 17.28 6.44 26.35
N VAL A 215 16.17 5.79 26.73
CA VAL A 215 15.33 6.32 27.81
C VAL A 215 16.12 6.35 29.13
N GLY A 216 16.98 5.35 29.32
CA GLY A 216 17.92 5.31 30.44
C GLY A 216 18.89 6.49 30.52
N LYS A 217 19.22 7.09 29.38
CA LYS A 217 20.08 8.27 29.35
C LYS A 217 19.37 9.56 29.75
N VAL A 218 18.10 9.72 29.34
CA VAL A 218 17.29 10.90 29.71
C VAL A 218 16.60 10.76 31.07
N LEU A 219 16.38 9.51 31.48
CA LEU A 219 15.84 9.18 32.79
C LEU A 219 16.77 8.13 33.40
N PRO A 220 17.82 8.57 34.11
CA PRO A 220 18.86 7.64 34.56
C PRO A 220 18.33 6.55 35.51
N GLU A 221 17.31 6.90 36.29
CA GLU A 221 16.59 5.93 37.13
C GLU A 221 16.14 4.66 36.36
N LEU A 222 15.91 4.79 35.06
CA LEU A 222 15.46 3.64 34.26
C LEU A 222 16.59 2.97 33.47
N ASN A 223 17.82 3.41 33.72
CA ASN A 223 18.99 2.81 33.11
C ASN A 223 19.01 1.30 33.33
N GLY A 224 19.36 0.55 32.28
CA GLY A 224 19.40 -0.91 32.32
C GLY A 224 18.06 -1.65 32.49
N LYS A 225 16.96 -0.89 32.56
CA LYS A 225 15.63 -1.45 32.89
C LYS A 225 14.69 -1.59 31.70
N LEU A 226 15.02 -0.93 30.59
CA LEU A 226 14.23 -0.98 29.38
C LEU A 226 15.05 -1.24 28.13
N THR A 227 14.52 -2.08 27.25
CA THR A 227 15.03 -2.21 25.89
C THR A 227 13.87 -2.58 24.95
N GLY A 228 14.19 -2.89 23.70
CA GLY A 228 13.15 -3.13 22.71
C GLY A 228 13.58 -3.23 21.26
N MET A 229 12.61 -3.08 20.36
CA MET A 229 12.84 -3.17 18.92
C MET A 229 11.66 -2.64 18.12
N ALA A 230 11.84 -2.54 16.81
CA ALA A 230 10.82 -2.01 15.91
C ALA A 230 10.37 -3.01 14.82
N PHE A 231 9.15 -2.82 14.35
CA PHE A 231 8.68 -3.38 13.10
C PHE A 231 8.29 -2.19 12.23
N ARG A 232 8.94 -2.04 11.08
CA ARG A 232 8.53 -1.05 10.09
C ARG A 232 7.43 -1.66 9.23
N VAL A 233 6.40 -0.87 8.95
CA VAL A 233 5.22 -1.36 8.25
C VAL A 233 4.84 -0.37 7.13
N PRO A 234 4.04 -0.81 6.15
CA PRO A 234 3.69 0.04 5.00
C PRO A 234 2.78 1.25 5.29
N THR A 235 3.13 2.11 6.22
CA THR A 235 2.41 3.36 6.40
C THR A 235 3.42 4.49 6.27
N PRO A 236 3.00 5.63 5.71
CA PRO A 236 3.97 6.69 5.42
C PRO A 236 4.26 7.59 6.62
N ASN A 237 3.41 7.57 7.63
CA ASN A 237 3.62 8.40 8.82
C ASN A 237 2.76 7.94 9.97
N VAL A 238 3.25 8.21 11.17
CA VAL A 238 2.59 7.90 12.44
C VAL A 238 2.96 6.49 12.90
N SER A 239 3.39 6.40 14.15
CA SER A 239 4.00 5.22 14.70
C SER A 239 3.39 5.00 16.05
N VAL A 240 3.68 3.84 16.63
CA VAL A 240 3.06 3.49 17.90
C VAL A 240 3.99 2.66 18.79
N VAL A 241 4.01 3.02 20.06
CA VAL A 241 4.78 2.34 21.08
C VAL A 241 3.85 1.40 21.86
N ASP A 242 4.41 0.23 22.16
CA ASP A 242 3.71 -0.88 22.77
C ASP A 242 4.65 -1.30 23.87
N LEU A 243 4.36 -0.83 25.08
CA LEU A 243 5.25 -1.00 26.21
C LEU A 243 4.68 -2.03 27.15
N THR A 244 5.45 -3.10 27.37
CA THR A 244 5.10 -4.16 28.30
C THR A 244 5.96 -4.02 29.55
N VAL A 245 5.32 -3.71 30.68
CA VAL A 245 6.03 -3.32 31.90
C VAL A 245 5.60 -4.11 33.14
N ARG A 246 6.60 -4.50 33.91
CA ARG A 246 6.40 -5.03 35.26
C ARG A 246 6.41 -3.89 36.25
N LEU A 247 5.30 -3.74 36.96
CA LEU A 247 5.12 -2.68 37.96
C LEU A 247 5.45 -3.14 39.38
N GLU A 248 6.28 -2.35 40.06
CA GLU A 248 6.61 -2.54 41.47
C GLU A 248 5.36 -2.43 42.36
N LYS A 249 4.55 -1.41 42.11
N LYS A 249 4.55 -1.40 42.12
CA LYS A 249 3.33 -1.15 42.89
CA LYS A 249 3.33 -1.16 42.89
C LYS A 249 2.10 -1.58 42.10
C LYS A 249 2.11 -1.60 42.09
N ALA A 250 1.22 -2.35 42.73
CA ALA A 250 -0.02 -2.80 42.11
C ALA A 250 -0.86 -1.61 41.66
N ALA A 251 -1.37 -1.69 40.43
CA ALA A 251 -2.16 -0.61 39.83
C ALA A 251 -3.25 -1.17 38.93
N THR A 252 -4.49 -0.77 39.15
CA THR A 252 -5.57 -1.14 38.25
C THR A 252 -5.43 -0.33 36.96
N TYR A 253 -6.04 -0.83 35.89
CA TYR A 253 -5.92 -0.17 34.60
C TYR A 253 -6.59 1.22 34.66
N GLU A 254 -7.59 1.37 35.54
CA GLU A 254 -8.18 2.68 35.85
C GLU A 254 -7.20 3.61 36.54
N GLN A 255 -6.40 3.03 37.44
CA GLN A 255 -5.42 3.80 38.18
C GLN A 255 -4.31 4.24 37.25
N ILE A 256 -3.96 3.38 36.30
CA ILE A 256 -2.93 3.71 35.31
C ILE A 256 -3.44 4.80 34.36
N LYS A 257 -4.70 4.67 33.96
CA LYS A 257 -5.35 5.66 33.13
C LYS A 257 -5.35 7.04 33.77
N ALA A 258 -5.70 7.08 35.06
CA ALA A 258 -5.78 8.32 35.82
C ALA A 258 -4.41 8.99 35.96
N ALA A 259 -3.38 8.19 36.20
CA ALA A 259 -2.03 8.69 36.28
C ALA A 259 -1.63 9.44 35.00
N VAL A 260 -1.87 8.82 33.84
CA VAL A 260 -1.48 9.39 32.55
C VAL A 260 -2.31 10.62 32.23
N LYS A 261 -3.62 10.54 32.51
CA LYS A 261 -4.53 11.64 32.24
C LYS A 261 -4.17 12.90 33.04
N ALA A 262 -3.75 12.73 34.29
CA ALA A 262 -3.39 13.85 35.15
C ALA A 262 -2.04 14.45 34.75
N ALA A 263 -1.13 13.60 34.31
CA ALA A 263 0.15 14.06 33.73
C ALA A 263 -0.12 14.78 32.41
N ALA A 264 -1.04 14.25 31.61
CA ALA A 264 -1.41 14.88 30.33
C ALA A 264 -1.96 16.29 30.52
N GLU A 265 -2.80 16.47 31.54
CA GLU A 265 -3.41 17.77 31.82
C GLU A 265 -2.54 18.62 32.72
N GLY A 266 -1.56 18.00 33.36
CA GLY A 266 -0.75 18.65 34.36
C GLY A 266 0.63 18.97 33.86
N GLU A 267 1.63 18.35 34.47
CA GLU A 267 3.02 18.75 34.27
C GLU A 267 3.60 18.36 32.91
N MET A 268 2.92 17.48 32.19
CA MET A 268 3.35 17.08 30.85
C MET A 268 2.40 17.50 29.75
N LYS A 269 1.61 18.53 30.00
CA LYS A 269 0.72 19.09 28.97
C LYS A 269 1.50 19.54 27.76
N GLY A 270 1.02 19.15 26.58
CA GLY A 270 1.68 19.49 25.30
C GLY A 270 2.64 18.43 24.81
N VAL A 271 3.09 17.58 25.74
CA VAL A 271 4.03 16.51 25.45
C VAL A 271 3.28 15.20 25.43
N LEU A 272 2.67 14.88 26.56
CA LEU A 272 1.94 13.63 26.75
C LEU A 272 0.47 13.93 26.53
N GLY A 273 -0.19 13.11 25.71
CA GLY A 273 -1.62 13.23 25.42
C GLY A 273 -2.35 11.99 25.90
N TYR A 274 -3.67 12.05 25.92
CA TYR A 274 -4.47 10.96 26.45
C TYR A 274 -5.74 10.87 25.65
N THR A 275 -6.16 9.65 25.35
CA THR A 275 -7.45 9.44 24.71
C THR A 275 -8.08 8.10 25.10
N GLU A 276 -9.41 8.09 25.05
CA GLU A 276 -10.22 6.88 25.21
C GLU A 276 -11.10 6.65 23.98
N ASP A 277 -10.76 7.27 22.85
CA ASP A 277 -11.50 7.05 21.60
C ASP A 277 -10.94 5.90 20.77
N ASP A 278 -11.77 5.40 19.86
CA ASP A 278 -11.42 4.26 18.98
C ASP A 278 -10.51 4.68 17.83
N VAL A 279 -9.26 5.01 18.18
CA VAL A 279 -8.31 5.65 17.26
C VAL A 279 -7.44 4.71 16.43
N VAL A 280 -7.10 5.16 15.23
CA VAL A 280 -6.16 4.47 14.36
C VAL A 280 -5.07 5.48 14.02
N SER A 281 -4.11 5.10 13.19
CA SER A 281 -2.87 5.88 13.06
C SER A 281 -3.02 7.23 12.35
N THR A 282 -3.85 7.29 11.32
CA THR A 282 -4.16 8.53 10.59
C THR A 282 -4.82 9.60 11.43
N ASP A 283 -5.32 9.21 12.60
CA ASP A 283 -5.92 10.14 13.56
C ASP A 283 -4.88 11.00 14.23
N PHE A 284 -3.62 10.59 14.17
CA PHE A 284 -2.55 11.38 14.75
C PHE A 284 -1.62 11.99 13.69
N ASN A 285 -2.06 11.99 12.45
CA ASN A 285 -1.30 12.69 11.41
C ASN A 285 -1.45 14.19 11.56
N GLY A 286 -0.37 14.85 11.97
CA GLY A 286 -0.37 16.26 12.29
C GLY A 286 -0.35 16.52 13.80
N GLU A 287 -0.21 15.47 14.60
CA GLU A 287 -0.19 15.62 16.06
C GLU A 287 1.13 16.19 16.59
N VAL A 288 0.99 17.14 17.50
CA VAL A 288 2.10 17.91 18.06
C VAL A 288 2.65 17.26 19.34
N THR A 290 4.20 14.45 21.45
CA THR A 290 5.13 13.35 21.16
C THR A 290 4.67 11.97 21.68
N SER A 291 3.63 11.95 22.51
CA SER A 291 3.13 10.71 23.11
C SER A 291 1.66 10.87 23.44
N VAL A 292 0.78 10.12 22.77
CA VAL A 292 -0.63 10.14 23.12
C VAL A 292 -1.09 8.75 23.56
N PHE A 293 -1.27 8.62 24.88
CA PHE A 293 -1.71 7.39 25.51
C PHE A 293 -3.05 6.92 24.93
N ASP A 294 -3.09 5.67 24.49
CA ASP A 294 -4.32 5.03 24.02
C ASP A 294 -4.89 4.09 25.10
N ALA A 295 -5.94 4.57 25.77
CA ALA A 295 -6.49 3.89 26.94
C ALA A 295 -7.15 2.56 26.59
N LYS A 296 -8.06 2.60 25.63
CA LYS A 296 -8.79 1.40 25.25
C LYS A 296 -7.88 0.32 24.64
N ALA A 297 -6.77 0.73 24.03
CA ALA A 297 -5.93 -0.19 23.27
C ALA A 297 -5.08 -1.07 24.17
N GLY A 298 -4.69 -0.53 25.32
CA GLY A 298 -3.80 -1.24 26.23
C GLY A 298 -4.55 -2.34 26.95
N ILE A 299 -3.79 -3.19 27.65
CA ILE A 299 -4.36 -4.36 28.30
C ILE A 299 -3.42 -4.88 29.38
N ALA A 300 -3.99 -5.14 30.56
CA ALA A 300 -3.26 -5.67 31.69
C ALA A 300 -3.56 -7.15 31.84
N LEU A 301 -2.55 -7.93 32.24
CA LEU A 301 -2.77 -9.32 32.61
C LEU A 301 -3.26 -9.34 34.05
N ASN A 302 -2.54 -8.61 34.90
CA ASN A 302 -2.87 -8.45 36.32
C ASN A 302 -2.39 -7.07 36.74
N ASP A 303 -2.54 -6.73 38.03
CA ASP A 303 -2.15 -5.41 38.55
C ASP A 303 -0.64 -5.08 38.51
N ASN A 304 0.20 -6.04 38.16
CA ASN A 304 1.65 -5.83 38.12
C ASN A 304 2.32 -6.11 36.77
N PHE A 305 1.50 -6.41 35.76
CA PHE A 305 1.99 -6.74 34.41
C PHE A 305 1.00 -6.18 33.40
N VAL A 306 1.43 -5.19 32.64
CA VAL A 306 0.55 -4.43 31.77
C VAL A 306 1.22 -4.12 30.43
N LYS A 307 0.39 -4.04 29.38
CA LYS A 307 0.80 -3.56 28.08
C LYS A 307 0.16 -2.20 27.81
N LEU A 308 1.01 -1.20 27.61
CA LEU A 308 0.56 0.19 27.36
C LEU A 308 0.87 0.63 25.94
N VAL A 309 -0.08 1.32 25.32
CA VAL A 309 0.14 1.83 23.97
C VAL A 309 0.02 3.38 23.84
N SER A 310 1.01 3.96 23.15
CA SER A 310 1.05 5.40 22.91
C SER A 310 1.34 5.72 21.44
N TRP A 311 0.56 6.63 20.88
CA TRP A 311 0.73 7.05 19.52
C TRP A 311 1.68 8.23 19.40
N TYR A 312 2.39 8.30 18.28
CA TYR A 312 3.18 9.48 17.94
C TYR A 312 3.32 9.66 16.46
N ASP A 313 3.22 10.92 16.03
CA ASP A 313 3.54 11.30 14.67
C ASP A 313 5.06 11.50 14.60
N ASN A 314 5.74 10.51 14.07
CA ASN A 314 7.20 10.53 14.03
C ASN A 314 7.79 11.78 13.35
N GLU A 315 7.02 12.40 12.44
CA GLU A 315 7.46 13.61 11.77
C GLU A 315 7.11 14.88 12.54
N THR A 316 5.81 15.10 12.73
CA THR A 316 5.31 16.34 13.31
C THR A 316 5.71 16.55 14.79
N GLY A 317 5.51 15.55 15.63
CA GLY A 317 5.71 15.71 17.06
C GLY A 317 7.15 16.01 17.37
N TYR A 318 8.03 15.13 16.91
CA TYR A 318 9.49 15.32 17.00
C TYR A 318 9.97 16.69 16.48
N SER A 319 9.39 17.14 15.37
CA SER A 319 9.81 18.38 14.76
C SER A 319 9.46 19.57 15.65
N ASN A 320 8.26 19.55 16.21
CA ASN A 320 7.85 20.57 17.18
C ASN A 320 8.76 20.64 18.39
N LYS A 321 9.25 19.49 18.82
CA LYS A 321 10.08 19.41 20.02
C LYS A 321 11.53 19.82 19.75
N VAL A 322 11.96 19.67 18.49
CA VAL A 322 13.24 20.22 18.06
C VAL A 322 13.16 21.74 18.24
N LEU A 323 12.09 22.37 17.76
CA LEU A 323 11.89 23.80 17.97
C LEU A 323 11.76 24.14 19.46
N ASP A 324 11.10 23.26 20.22
CA ASP A 324 11.02 23.42 21.67
C ASP A 324 12.41 23.36 22.30
N LEU A 325 13.22 22.40 21.86
CA LEU A 325 14.58 22.26 22.39
C LEU A 325 15.42 23.45 21.99
N ILE A 326 15.26 23.91 20.75
CA ILE A 326 15.95 25.12 20.29
C ILE A 326 15.59 26.29 21.21
N ALA A 327 14.31 26.49 21.46
CA ALA A 327 13.83 27.60 22.31
C ALA A 327 14.30 27.47 23.76
N HIS A 328 14.41 26.23 24.26
CA HIS A 328 14.87 26.01 25.62
C HIS A 328 16.35 26.38 25.79
N ILE A 329 17.21 25.88 24.92
CA ILE A 329 18.65 26.10 25.07
C ILE A 329 19.06 27.55 24.77
N SER A 330 18.11 28.34 24.30
CA SER A 330 18.33 29.76 24.00
C SER A 330 17.68 30.68 25.03
N LYS A 331 17.10 30.11 26.08
CA LYS A 331 16.43 30.91 27.09
C LYS A 331 17.43 31.78 27.86
N THR B 2 -32.77 29.64 4.29
CA THR B 2 -31.78 28.52 4.41
C THR B 2 -32.40 27.16 4.01
N ILE B 3 -31.88 26.56 2.94
CA ILE B 3 -32.32 25.23 2.45
C ILE B 3 -31.96 24.18 3.48
N LYS B 4 -32.95 23.45 3.97
CA LYS B 4 -32.73 22.37 4.92
C LYS B 4 -32.47 21.11 4.12
N VAL B 5 -31.48 20.31 4.51
CA VAL B 5 -31.23 19.08 3.80
C VAL B 5 -31.08 17.89 4.72
N GLY B 6 -31.51 16.74 4.19
CA GLY B 6 -31.39 15.46 4.84
C GLY B 6 -30.53 14.51 4.01
N ILE B 7 -29.52 13.92 4.66
CA ILE B 7 -28.66 12.98 3.99
C ILE B 7 -29.19 11.61 4.31
N ASN B 8 -29.53 10.85 3.27
CA ASN B 8 -29.74 9.41 3.41
C ASN B 8 -28.49 8.64 2.98
N GLY B 9 -27.96 7.82 3.87
CA GLY B 9 -26.70 7.14 3.66
C GLY B 9 -25.54 8.03 4.07
N PHE B 10 -24.86 7.63 5.14
CA PHE B 10 -23.77 8.41 5.73
C PHE B 10 -22.42 7.73 5.48
N GLY B 11 -22.21 7.24 4.27
CA GLY B 11 -20.93 6.68 3.88
C GLY B 11 -19.98 7.77 3.45
N ARG B 12 -19.07 7.45 2.54
CA ARG B 12 -18.00 8.37 2.18
C ARG B 12 -18.52 9.71 1.66
N ILE B 13 -19.44 9.65 0.71
CA ILE B 13 -20.03 10.84 0.14
C ILE B 13 -20.90 11.59 1.14
N GLY B 14 -21.80 10.88 1.81
CA GLY B 14 -22.68 11.48 2.82
C GLY B 14 -21.90 12.24 3.86
N ARG B 15 -20.79 11.66 4.32
CA ARG B 15 -19.95 12.25 5.35
C ARG B 15 -19.16 13.45 4.88
N ILE B 16 -18.70 13.44 3.63
CA ILE B 16 -17.87 14.51 3.12
C ILE B 16 -18.76 15.63 2.59
N VAL B 17 -19.92 15.27 2.04
CA VAL B 17 -20.98 16.25 1.78
C VAL B 17 -21.33 16.99 3.08
N PHE B 18 -21.52 16.22 4.15
CA PHE B 18 -21.80 16.80 5.47
C PHE B 18 -20.72 17.79 5.93
N ARG B 19 -19.47 17.41 5.82
CA ARG B 19 -18.37 18.31 6.20
C ARG B 19 -18.32 19.55 5.30
N ALA B 20 -18.67 19.39 4.03
CA ALA B 20 -18.66 20.51 3.06
C ALA B 20 -19.80 21.50 3.30
N ALA B 21 -20.92 21.01 3.83
CA ALA B 21 -22.08 21.86 4.12
C ALA B 21 -21.80 22.77 5.31
N GLN B 22 -20.90 22.36 6.20
CA GLN B 22 -20.55 23.16 7.38
C GLN B 22 -20.02 24.53 7.00
N LYS B 23 -19.31 24.60 5.88
CA LYS B 23 -18.69 25.83 5.42
C LYS B 23 -19.64 26.66 4.57
N ARG B 24 -20.87 26.18 4.36
CA ARG B 24 -21.87 26.91 3.59
C ARG B 24 -22.89 27.54 4.53
N SER B 25 -23.32 28.75 4.18
CA SER B 25 -24.36 29.46 4.91
C SER B 25 -25.74 29.06 4.40
N ASP B 26 -25.84 28.87 3.09
CA ASP B 26 -27.13 28.65 2.41
C ASP B 26 -27.76 27.28 2.66
N ILE B 27 -27.02 26.36 3.28
CA ILE B 27 -27.49 25.00 3.53
C ILE B 27 -27.25 24.57 4.98
N GLU B 28 -28.28 23.95 5.57
CA GLU B 28 -28.19 23.26 6.85
C GLU B 28 -28.48 21.78 6.62
N ILE B 29 -27.65 20.92 7.20
CA ILE B 29 -27.97 19.49 7.28
C ILE B 29 -28.74 19.27 8.58
N VAL B 30 -30.06 19.12 8.45
CA VAL B 30 -30.94 19.04 9.60
C VAL B 30 -31.23 17.62 10.06
N ALA B 31 -30.84 16.62 9.27
CA ALA B 31 -31.10 15.21 9.59
C ALA B 31 -30.26 14.26 8.77
N ILE B 32 -29.98 13.10 9.36
CA ILE B 32 -29.22 12.01 8.74
C ILE B 32 -29.93 10.66 8.98
N ASN B 33 -29.93 9.80 7.95
CA ASN B 33 -30.41 8.43 8.08
C ASN B 33 -29.38 7.47 7.53
N ASP B 34 -28.90 6.55 8.37
CA ASP B 34 -28.04 5.44 7.91
C ASP B 34 -28.57 4.15 8.55
N LEU B 35 -27.71 3.23 8.98
CA LEU B 35 -28.13 2.04 9.72
C LEU B 35 -27.15 1.87 10.87
N LEU B 36 -27.00 2.93 11.65
CA LEU B 36 -25.93 3.03 12.65
C LEU B 36 -26.46 3.79 13.86
N ASP B 37 -26.03 3.41 15.06
CA ASP B 37 -26.34 4.19 16.26
C ASP B 37 -25.79 5.60 16.09
N ALA B 38 -26.41 6.60 16.73
CA ALA B 38 -25.96 7.99 16.61
C ALA B 38 -24.54 8.23 17.14
N ASP B 39 -24.11 7.44 18.12
CA ASP B 39 -22.77 7.61 18.67
C ASP B 39 -21.74 7.09 17.68
N TYR B 40 -22.08 6.01 16.99
CA TYR B 40 -21.20 5.47 15.97
C TYR B 40 -21.09 6.46 14.81
N MET B 41 -22.21 7.10 14.50
N MET B 41 -22.20 7.11 14.48
CA MET B 41 -22.28 8.14 13.46
CA MET B 41 -22.24 8.15 13.43
C MET B 41 -21.38 9.33 13.80
C MET B 41 -21.34 9.33 13.80
N ALA B 42 -21.32 9.67 15.09
CA ALA B 42 -20.43 10.73 15.56
C ALA B 42 -18.96 10.33 15.36
N TYR B 43 -18.61 9.11 15.77
CA TYR B 43 -17.25 8.57 15.62
C TYR B 43 -16.75 8.65 14.18
N MET B 44 -17.62 8.28 13.24
CA MET B 44 -17.31 8.30 11.83
C MET B 44 -17.18 9.73 11.28
N LEU B 45 -17.94 10.65 11.85
CA LEU B 45 -17.81 12.07 11.50
C LEU B 45 -16.51 12.67 12.07
N LYS B 46 -16.26 12.46 13.36
CA LYS B 46 -15.08 12.99 14.06
C LYS B 46 -13.72 12.67 13.41
N TYR B 47 -13.55 11.43 12.98
CA TYR B 47 -12.27 10.87 12.52
C TYR B 47 -12.40 10.37 11.10
N ASP B 48 -11.41 10.73 10.28
CA ASP B 48 -11.42 10.43 8.85
C ASP B 48 -10.00 10.18 8.36
N SER B 49 -9.76 8.97 7.84
CA SER B 49 -8.42 8.52 7.47
C SER B 49 -7.86 9.37 6.31
N THR B 50 -8.76 9.85 5.47
CA THR B 50 -8.38 10.60 4.30
C THR B 50 -8.33 12.10 4.61
N HIS B 51 -9.29 12.61 5.40
CA HIS B 51 -9.46 14.07 5.48
C HIS B 51 -9.17 14.72 6.84
N GLY B 52 -8.63 13.93 7.77
CA GLY B 52 -8.24 14.44 9.06
C GLY B 52 -9.42 14.47 10.01
N ARG B 53 -9.20 15.05 11.19
CA ARG B 53 -10.20 15.05 12.25
C ARG B 53 -11.19 16.14 11.88
N PHE B 54 -12.43 16.01 12.34
CA PHE B 54 -13.45 17.00 12.03
C PHE B 54 -13.14 18.37 12.69
N ASP B 55 -13.18 19.43 11.90
CA ASP B 55 -12.97 20.78 12.41
CA ASP B 55 -12.98 20.79 12.38
C ASP B 55 -14.22 21.29 13.15
N GLY B 56 -14.25 21.03 14.46
CA GLY B 56 -15.41 21.38 15.28
C GLY B 56 -15.83 20.29 16.24
N THR B 57 -16.93 20.54 16.95
CA THR B 57 -17.37 19.66 18.03
C THR B 57 -18.53 18.78 17.59
N VAL B 58 -18.53 17.55 18.09
CA VAL B 58 -19.64 16.65 17.88
C VAL B 58 -19.93 15.88 19.17
N GLU B 59 -21.22 15.76 19.46
CA GLU B 59 -21.70 15.24 20.72
C GLU B 59 -22.98 14.46 20.43
N VAL B 60 -23.38 13.60 21.36
CA VAL B 60 -24.62 12.84 21.23
C VAL B 60 -25.45 12.97 22.50
N LYS B 61 -26.67 13.46 22.33
CA LYS B 61 -27.62 13.65 23.42
C LYS B 61 -29.00 13.27 22.94
N ASP B 62 -29.70 12.44 23.72
CA ASP B 62 -31.04 11.97 23.39
C ASP B 62 -31.12 11.43 21.97
N GLY B 63 -30.13 10.61 21.59
CA GLY B 63 -30.10 9.95 20.30
C GLY B 63 -30.09 10.90 19.12
N HIS B 64 -29.54 12.08 19.32
CA HIS B 64 -29.42 13.07 18.25
C HIS B 64 -28.02 13.66 18.27
N LEU B 65 -27.43 13.80 17.09
CA LEU B 65 -26.11 14.41 16.98
C LEU B 65 -26.20 15.88 17.37
N ILE B 66 -25.15 16.36 18.04
CA ILE B 66 -24.99 17.78 18.25
C ILE B 66 -23.67 18.15 17.60
N VAL B 67 -23.74 18.99 16.57
CA VAL B 67 -22.58 19.36 15.76
C VAL B 67 -22.47 20.89 15.75
N ASN B 68 -21.47 21.41 16.46
CA ASN B 68 -21.27 22.85 16.64
C ASN B 68 -22.55 23.51 17.20
N GLY B 69 -23.05 22.91 18.29
CA GLY B 69 -24.25 23.37 18.97
C GLY B 69 -25.57 23.11 18.25
N LYS B 70 -25.51 22.50 17.06
CA LYS B 70 -26.71 22.29 16.22
C LYS B 70 -27.21 20.85 16.29
N LYS B 71 -28.48 20.70 16.66
CA LYS B 71 -29.15 19.39 16.73
C LYS B 71 -29.37 18.82 15.33
N ILE B 72 -29.07 17.53 15.19
CA ILE B 72 -29.32 16.80 13.95
C ILE B 72 -30.11 15.54 14.30
N ARG B 73 -31.21 15.33 13.62
CA ARG B 73 -31.99 14.12 13.84
C ARG B 73 -31.28 12.92 13.21
N VAL B 74 -31.08 11.88 14.01
CA VAL B 74 -30.54 10.60 13.57
C VAL B 74 -31.65 9.55 13.51
N THR B 75 -31.79 8.89 12.36
CA THR B 75 -32.67 7.71 12.22
C THR B 75 -31.93 6.53 11.58
N ALA B 76 -32.59 5.37 11.56
CA ALA B 76 -32.00 4.15 11.02
C ALA B 76 -33.03 3.34 10.24
N GLU B 77 -33.77 4.02 9.38
CA GLU B 77 -34.80 3.39 8.56
C GLU B 77 -34.25 2.80 7.25
N ARG B 78 -34.21 1.46 7.17
CA ARG B 78 -33.82 0.73 5.94
C ARG B 78 -34.66 1.12 4.72
N ASP B 79 -35.94 1.44 4.95
CA ASP B 79 -36.85 1.80 3.89
C ASP B 79 -37.12 3.32 3.91
N PRO B 80 -36.67 4.03 2.86
CA PRO B 80 -36.86 5.49 2.74
C PRO B 80 -38.30 5.99 2.87
N ALA B 81 -39.26 5.06 2.87
CA ALA B 81 -40.68 5.38 3.03
C ALA B 81 -41.00 5.86 4.46
N ASN B 82 -40.30 5.30 5.44
CA ASN B 82 -40.60 5.52 6.88
C ASN B 82 -39.80 6.66 7.55
N LEU B 83 -39.33 7.62 6.74
CA LEU B 83 -38.29 8.57 7.19
C LEU B 83 -38.85 9.86 7.77
N LYS B 84 -40.11 10.15 7.52
CA LYS B 84 -40.77 11.32 8.13
C LYS B 84 -39.94 12.60 7.95
N TRP B 85 -39.45 12.82 6.74
CA TRP B 85 -38.59 13.97 6.43
C TRP B 85 -39.21 15.31 6.82
N ASP B 86 -40.54 15.36 6.86
CA ASP B 86 -41.26 16.62 7.14
C ASP B 86 -41.28 17.00 8.64
N GLU B 87 -41.13 16.04 9.53
CA GLU B 87 -40.95 16.33 10.96
C GLU B 87 -39.59 16.95 11.31
N VAL B 88 -38.77 17.24 10.29
CA VAL B 88 -37.58 18.09 10.44
C VAL B 88 -37.53 19.24 9.42
N GLY B 89 -38.43 19.23 8.44
CA GLY B 89 -38.58 20.36 7.52
C GLY B 89 -37.60 20.33 6.36
N VAL B 90 -37.08 19.12 6.08
CA VAL B 90 -36.13 18.88 5.00
C VAL B 90 -36.70 19.31 3.66
N ASP B 91 -36.02 20.25 3.01
CA ASP B 91 -36.40 20.72 1.69
C ASP B 91 -35.93 19.74 0.63
N VAL B 92 -34.67 19.32 0.76
CA VAL B 92 -34.06 18.42 -0.21
C VAL B 92 -33.27 17.33 0.51
N VAL B 93 -33.35 16.11 -0.01
CA VAL B 93 -32.57 15.00 0.52
C VAL B 93 -31.49 14.57 -0.47
N ALA B 94 -30.29 14.42 0.07
CA ALA B 94 -29.15 13.91 -0.66
C ALA B 94 -29.13 12.38 -0.53
N GLU B 95 -29.42 11.71 -1.64
CA GLU B 95 -29.51 10.24 -1.63
C GLU B 95 -28.13 9.58 -1.90
N ALA B 96 -27.52 9.10 -0.82
CA ALA B 96 -26.11 8.71 -0.79
C ALA B 96 -25.82 7.23 -0.39
N THR B 97 -26.82 6.36 -0.56
CA THR B 97 -26.64 4.93 -0.21
C THR B 97 -26.18 4.07 -1.38
N GLY B 98 -26.42 4.52 -2.60
CA GLY B 98 -26.10 3.75 -3.81
C GLY B 98 -27.21 2.79 -4.24
N LEU B 99 -28.31 2.79 -3.48
CA LEU B 99 -29.35 1.77 -3.59
C LEU B 99 -30.59 2.27 -4.32
N PHE B 100 -30.79 3.57 -4.29
CA PHE B 100 -32.05 4.17 -4.75
C PHE B 100 -31.78 5.15 -5.89
N LEU B 101 -31.29 4.61 -7.01
CA LEU B 101 -30.83 5.40 -8.14
C LEU B 101 -31.79 5.31 -9.31
N THR B 102 -33.06 5.13 -8.96
CA THR B 102 -34.17 5.22 -9.90
C THR B 102 -35.24 6.13 -9.32
N ASP B 103 -36.09 6.64 -10.19
CA ASP B 103 -37.18 7.51 -9.79
C ASP B 103 -38.05 6.86 -8.72
N GLU B 104 -38.47 5.62 -9.00
CA GLU B 104 -39.39 4.90 -8.15
CA GLU B 104 -39.39 4.89 -8.14
C GLU B 104 -38.84 4.78 -6.74
N THR B 105 -37.57 4.37 -6.64
CA THR B 105 -36.94 4.15 -5.36
C THR B 105 -36.67 5.48 -4.64
N ALA B 106 -36.17 6.48 -5.38
CA ALA B 106 -35.82 7.78 -4.79
C ALA B 106 -37.06 8.60 -4.39
N ARG B 107 -38.14 8.41 -5.14
CA ARG B 107 -39.39 9.13 -4.93
C ARG B 107 -40.03 8.87 -3.56
N LYS B 108 -39.67 7.75 -2.95
CA LYS B 108 -40.05 7.44 -1.57
C LYS B 108 -39.69 8.55 -0.59
N HIS B 109 -38.61 9.27 -0.86
CA HIS B 109 -38.20 10.41 -0.02
C HIS B 109 -39.25 11.53 -0.10
N ILE B 110 -39.82 11.71 -1.29
CA ILE B 110 -40.86 12.73 -1.49
C ILE B 110 -42.16 12.28 -0.82
N THR B 111 -42.45 10.99 -0.92
CA THR B 111 -43.56 10.35 -0.20
C THR B 111 -43.39 10.46 1.32
N ALA B 112 -42.15 10.32 1.78
CA ALA B 112 -41.83 10.45 3.21
C ALA B 112 -41.69 11.91 3.64
N GLY B 113 -42.06 12.86 2.80
CA GLY B 113 -42.20 14.25 3.23
C GLY B 113 -41.36 15.29 2.51
N ALA B 114 -40.22 14.86 1.96
CA ALA B 114 -39.26 15.79 1.33
C ALA B 114 -39.82 16.33 0.03
N LYS B 115 -39.27 17.43 -0.46
CA LYS B 115 -39.77 18.09 -1.68
C LYS B 115 -39.04 17.62 -2.95
N LYS B 116 -37.71 17.71 -2.94
CA LYS B 116 -36.87 17.29 -4.07
C LYS B 116 -35.72 16.39 -3.59
N VAL B 117 -35.18 15.58 -4.52
CA VAL B 117 -34.07 14.66 -4.22
C VAL B 117 -32.89 14.83 -5.18
N VAL B 118 -31.68 14.76 -4.63
CA VAL B 118 -30.45 14.71 -5.43
C VAL B 118 -29.80 13.37 -5.18
N MET B 119 -29.70 12.57 -6.24
CA MET B 119 -28.96 11.32 -6.20
C MET B 119 -27.46 11.63 -6.32
N THR B 120 -26.66 10.99 -5.48
CA THR B 120 -25.23 11.20 -5.46
C THR B 120 -24.52 10.12 -6.27
N GLY B 121 -25.19 9.68 -7.33
CA GLY B 121 -24.59 8.79 -8.31
C GLY B 121 -25.32 8.90 -9.63
N PRO B 122 -24.77 8.30 -10.69
CA PRO B 122 -25.51 8.31 -11.95
C PRO B 122 -26.80 7.51 -11.85
N SER B 123 -27.87 8.07 -12.40
CA SER B 123 -29.16 7.44 -12.38
C SER B 123 -29.16 6.15 -13.19
N LYS B 124 -29.82 5.13 -12.65
CA LYS B 124 -30.00 3.85 -13.34
C LYS B 124 -31.22 3.83 -14.28
N ASP B 125 -32.04 4.88 -14.22
CA ASP B 125 -33.11 5.09 -15.20
C ASP B 125 -32.90 6.44 -15.92
N ASN B 126 -33.98 7.07 -16.38
CA ASN B 126 -33.91 8.36 -17.10
C ASN B 126 -33.97 9.58 -16.21
N THR B 127 -33.75 9.42 -14.90
CA THR B 127 -33.62 10.58 -14.04
C THR B 127 -32.54 11.47 -14.67
N PRO B 128 -32.87 12.76 -14.91
CA PRO B 128 -31.93 13.63 -15.62
C PRO B 128 -30.71 13.93 -14.77
N MET B 129 -29.56 14.02 -15.44
CA MET B 129 -28.28 14.23 -14.77
C MET B 129 -27.80 15.64 -14.99
N PHE B 130 -27.18 16.20 -13.95
CA PHE B 130 -26.65 17.57 -14.00
C PHE B 130 -25.21 17.63 -13.49
N VAL B 131 -24.35 18.31 -14.24
CA VAL B 131 -22.95 18.47 -13.89
C VAL B 131 -22.58 19.95 -14.02
N LYS B 132 -22.17 20.56 -12.92
CA LYS B 132 -21.85 21.97 -12.91
C LYS B 132 -20.73 22.31 -13.89
N GLY B 133 -20.93 23.42 -14.59
CA GLY B 133 -20.07 23.80 -15.69
C GLY B 133 -20.41 23.05 -16.96
N ALA B 134 -21.42 22.20 -16.93
CA ALA B 134 -21.83 21.48 -18.14
C ALA B 134 -23.27 21.81 -18.47
N ASN B 135 -24.21 21.53 -17.56
CA ASN B 135 -25.63 21.71 -17.85
C ASN B 135 -26.54 22.07 -16.68
N PHE B 136 -26.00 22.57 -15.57
CA PHE B 136 -26.84 23.05 -14.45
C PHE B 136 -27.97 24.00 -14.86
N ASP B 137 -27.68 24.85 -15.86
N ASP B 137 -27.70 24.86 -15.85
CA ASP B 137 -28.64 25.82 -16.38
CA ASP B 137 -28.70 25.82 -16.32
C ASP B 137 -29.84 25.19 -17.11
C ASP B 137 -29.84 25.20 -17.16
N LYS B 138 -29.70 23.92 -17.51
CA LYS B 138 -30.75 23.20 -18.20
C LYS B 138 -31.82 22.66 -17.26
N TYR B 139 -31.54 22.66 -15.96
CA TYR B 139 -32.50 22.15 -14.96
C TYR B 139 -33.86 22.84 -15.12
N ALA B 140 -34.94 22.05 -15.10
CA ALA B 140 -36.30 22.53 -15.40
C ALA B 140 -37.32 22.46 -14.26
N GLY B 141 -36.86 22.21 -13.04
CA GLY B 141 -37.77 22.14 -11.89
C GLY B 141 -38.08 20.72 -11.47
N GLN B 142 -37.42 19.75 -12.09
CA GLN B 142 -37.62 18.34 -11.75
C GLN B 142 -37.40 18.15 -10.26
N ASP B 143 -38.26 17.35 -9.63
CA ASP B 143 -38.17 17.13 -8.19
C ASP B 143 -37.16 16.04 -7.82
N ILE B 144 -36.72 15.29 -8.82
CA ILE B 144 -35.69 14.26 -8.63
C ILE B 144 -34.62 14.43 -9.70
N VAL B 145 -33.37 14.55 -9.23
CA VAL B 145 -32.21 14.68 -10.10
C VAL B 145 -31.00 13.86 -9.59
N SER B 146 -29.95 13.89 -10.42
CA SER B 146 -28.72 13.15 -10.19
C SER B 146 -27.58 14.09 -10.55
N ASN B 147 -26.51 14.04 -9.76
CA ASN B 147 -25.29 14.75 -10.09
C ASN B 147 -24.30 13.92 -10.96
N ALA B 148 -24.80 12.89 -11.64
CA ALA B 148 -23.94 11.97 -12.39
C ALA B 148 -22.84 11.37 -11.46
N SER B 149 -21.69 11.03 -12.03
CA SER B 149 -20.57 10.43 -11.29
C SER B 149 -19.42 11.42 -11.12
N THR B 151 -16.44 11.01 -12.11
CA THR B 151 -15.64 11.01 -13.31
C THR B 151 -16.24 11.87 -14.42
N THR B 152 -17.56 11.79 -14.59
CA THR B 152 -18.27 12.71 -15.48
C THR B 152 -18.09 14.16 -15.00
N ASN B 153 -18.12 14.37 -13.69
CA ASN B 153 -17.82 15.70 -13.12
C ASN B 153 -16.38 16.21 -13.39
N CYS B 154 -15.44 15.28 -13.64
CA CYS B 154 -14.11 15.66 -14.10
C CYS B 154 -14.03 15.86 -15.60
N LEU B 155 -14.68 14.96 -16.32
CA LEU B 155 -14.51 14.85 -17.77
C LEU B 155 -15.29 15.89 -18.55
N ALA B 156 -16.51 16.17 -18.12
CA ALA B 156 -17.45 17.00 -18.87
C ALA B 156 -17.00 18.48 -18.97
N PRO B 157 -16.59 19.10 -17.84
CA PRO B 157 -16.10 20.47 -17.94
C PRO B 157 -14.88 20.57 -18.87
N LEU B 158 -13.96 19.64 -18.74
CA LEU B 158 -12.80 19.61 -19.62
C LEU B 158 -13.26 19.42 -21.08
N ALA B 159 -14.14 18.46 -21.31
CA ALA B 159 -14.57 18.16 -22.67
C ALA B 159 -15.31 19.33 -23.30
N LYS B 160 -16.13 20.03 -22.51
CA LYS B 160 -16.84 21.19 -23.02
C LYS B 160 -15.86 22.22 -23.60
N VAL B 161 -14.86 22.60 -22.81
CA VAL B 161 -13.87 23.60 -23.23
C VAL B 161 -13.12 23.12 -24.46
N ILE B 162 -12.67 21.88 -24.44
CA ILE B 162 -11.97 21.31 -25.57
C ILE B 162 -12.85 21.29 -26.83
N ASN B 163 -14.10 20.85 -26.68
CA ASN B 163 -15.05 20.83 -27.78
C ASN B 163 -15.44 22.21 -28.27
N ASP B 164 -15.70 23.12 -27.33
CA ASP B 164 -16.09 24.52 -27.64
C ASP B 164 -15.03 25.29 -28.42
N ASN B 165 -13.77 25.00 -28.18
CA ASN B 165 -12.68 25.71 -28.82
C ASN B 165 -12.16 25.03 -30.08
N PHE B 166 -12.17 23.69 -30.11
CA PHE B 166 -11.45 22.95 -31.18
C PHE B 166 -12.27 21.88 -31.87
N GLY B 167 -13.33 21.40 -31.23
CA GLY B 167 -14.22 20.41 -31.83
C GLY B 167 -13.73 18.97 -31.66
N ILE B 168 -14.34 18.25 -30.72
CA ILE B 168 -14.02 16.83 -30.56
C ILE B 168 -14.72 15.98 -31.62
N ILE B 169 -13.94 15.41 -32.53
CA ILE B 169 -14.46 14.42 -33.48
C ILE B 169 -14.78 13.16 -32.70
N GLU B 170 -13.77 12.66 -32.00
CA GLU B 170 -13.90 11.46 -31.17
C GLU B 170 -12.84 11.45 -30.06
N GLY B 171 -13.18 10.74 -28.97
CA GLY B 171 -12.35 10.70 -27.79
C GLY B 171 -12.51 9.40 -27.04
N LEU B 172 -11.40 8.87 -26.55
CA LEU B 172 -11.38 7.69 -25.70
C LEU B 172 -10.71 8.08 -24.39
N MET B 173 -11.33 7.68 -23.29
CA MET B 173 -10.94 8.09 -21.95
C MET B 173 -10.55 6.89 -21.07
N THR B 174 -9.49 7.07 -20.28
CA THR B 174 -9.19 6.20 -19.17
C THR B 174 -9.19 7.00 -17.87
N THR B 175 -9.75 6.43 -16.81
CA THR B 175 -9.56 7.00 -15.48
C THR B 175 -8.74 6.04 -14.61
N VAL B 176 -7.58 6.53 -14.16
CA VAL B 176 -6.80 5.87 -13.12
C VAL B 176 -7.41 6.30 -11.78
N HIS B 177 -8.09 5.37 -11.14
CA HIS B 177 -9.04 5.72 -10.09
C HIS B 177 -8.69 5.08 -8.75
N ALA B 178 -8.84 5.86 -7.67
CA ALA B 178 -8.57 5.39 -6.29
C ALA B 178 -9.48 4.23 -5.85
N THR B 179 -9.10 3.56 -4.79
CA THR B 179 -9.90 2.48 -4.23
C THR B 179 -11.14 3.10 -3.64
N THR B 180 -12.27 2.41 -3.81
CA THR B 180 -13.56 2.87 -3.27
C THR B 180 -14.16 1.81 -2.32
N ALA B 181 -15.24 2.18 -1.63
CA ALA B 181 -15.93 1.32 -0.68
C ALA B 181 -16.35 -0.05 -1.25
N THR B 182 -16.70 -0.10 -2.53
CA THR B 182 -17.23 -1.32 -3.13
C THR B 182 -16.20 -2.45 -3.27
N GLN B 183 -14.91 -2.08 -3.20
CA GLN B 183 -13.83 -3.01 -3.41
C GLN B 183 -13.55 -3.89 -2.19
N LYS B 184 -12.59 -4.81 -2.33
CA LYS B 184 -12.30 -5.77 -1.27
C LYS B 184 -10.84 -5.70 -0.87
N THR B 185 -10.57 -5.82 0.43
CA THR B 185 -9.24 -5.69 0.97
C THR B 185 -8.33 -6.87 0.61
N VAL B 186 -8.94 -8.05 0.50
CA VAL B 186 -8.27 -9.23 -0.03
C VAL B 186 -9.23 -9.90 -1.00
N ASP B 187 -8.72 -10.84 -1.81
CA ASP B 187 -9.51 -11.47 -2.86
C ASP B 187 -10.83 -11.97 -2.29
N GLY B 188 -11.93 -11.39 -2.76
CA GLY B 188 -13.26 -11.68 -2.23
C GLY B 188 -14.35 -11.74 -3.29
N PRO B 189 -15.59 -12.05 -2.87
CA PRO B 189 -16.72 -12.18 -3.80
C PRO B 189 -17.30 -10.86 -4.31
N SER B 190 -17.56 -10.85 -5.61
CA SER B 190 -18.14 -9.74 -6.31
C SER B 190 -18.66 -10.33 -7.62
N HIS B 191 -19.79 -11.04 -7.53
CA HIS B 191 -20.35 -11.78 -8.70
C HIS B 191 -20.86 -10.84 -9.80
N LYS B 192 -21.12 -9.60 -9.41
CA LYS B 192 -21.37 -8.50 -10.34
C LYS B 192 -20.17 -8.17 -11.21
N ASP B 193 -18.97 -8.24 -10.60
CA ASP B 193 -17.76 -7.63 -11.14
C ASP B 193 -16.55 -8.38 -10.59
N TRP B 194 -16.12 -9.38 -11.35
CA TRP B 194 -15.13 -10.33 -10.83
C TRP B 194 -13.79 -9.68 -10.49
N ARG B 195 -13.32 -8.79 -11.39
CA ARG B 195 -12.08 -8.06 -11.17
C ARG B 195 -12.20 -7.21 -9.94
N GLY B 196 -13.38 -6.64 -9.72
CA GLY B 196 -13.65 -5.77 -8.58
C GLY B 196 -13.55 -6.40 -7.21
N GLY B 197 -13.56 -7.73 -7.13
CA GLY B 197 -13.40 -8.45 -5.87
C GLY B 197 -11.94 -8.72 -5.52
N ARG B 198 -11.06 -8.52 -6.48
CA ARG B 198 -9.65 -8.80 -6.27
C ARG B 198 -9.05 -7.76 -5.32
N GLY B 199 -8.13 -8.20 -4.47
CA GLY B 199 -7.53 -7.38 -3.44
C GLY B 199 -7.10 -6.03 -3.94
N ALA B 200 -7.72 -4.97 -3.43
CA ALA B 200 -7.52 -3.58 -3.86
C ALA B 200 -6.09 -3.05 -3.62
N SER B 201 -5.47 -3.43 -2.49
CA SER B 201 -4.10 -3.02 -2.17
C SER B 201 -3.02 -3.65 -3.05
N GLN B 202 -3.33 -4.81 -3.63
CA GLN B 202 -2.34 -5.59 -4.38
C GLN B 202 -2.35 -5.36 -5.90
N ASN B 203 -3.42 -4.76 -6.43
CA ASN B 203 -3.69 -4.79 -7.87
C ASN B 203 -4.00 -3.47 -8.60
N ILE B 204 -3.59 -3.44 -9.87
CA ILE B 204 -4.23 -2.61 -10.90
C ILE B 204 -5.43 -3.39 -11.43
N ILE B 205 -6.62 -2.81 -11.30
CA ILE B 205 -7.86 -3.53 -11.61
C ILE B 205 -8.62 -2.84 -12.74
N PRO B 206 -8.62 -3.45 -13.94
CA PRO B 206 -9.53 -2.95 -14.98
C PRO B 206 -10.96 -2.90 -14.51
N SER B 207 -11.65 -1.84 -14.89
CA SER B 207 -13.01 -1.62 -14.49
C SER B 207 -13.71 -0.82 -15.57
N SER B 208 -15.01 -1.06 -15.71
CA SER B 208 -15.83 -0.36 -16.70
C SER B 208 -16.53 0.84 -16.08
N THR B 209 -16.88 1.79 -16.93
CA THR B 209 -17.58 3.00 -16.53
C THR B 209 -18.34 3.57 -17.72
N GLY B 210 -19.53 4.12 -17.44
CA GLY B 210 -20.31 4.86 -18.41
C GLY B 210 -20.14 6.35 -18.22
N ALA B 211 -19.09 6.75 -17.49
CA ALA B 211 -18.76 8.16 -17.25
C ALA B 211 -18.55 8.95 -18.54
N ALA B 212 -17.88 8.33 -19.51
CA ALA B 212 -17.59 8.98 -20.79
C ALA B 212 -18.82 9.08 -21.68
N LYS B 213 -19.58 7.98 -21.78
CA LYS B 213 -20.92 8.03 -22.39
C LYS B 213 -21.78 9.12 -21.75
N ALA B 214 -21.82 9.13 -20.42
CA ALA B 214 -22.71 10.03 -19.66
C ALA B 214 -22.42 11.51 -19.93
N VAL B 215 -21.23 11.82 -20.43
CA VAL B 215 -20.88 13.19 -20.79
C VAL B 215 -21.79 13.66 -21.93
N GLY B 216 -22.06 12.78 -22.87
CA GLY B 216 -22.99 13.05 -23.97
C GLY B 216 -24.45 13.22 -23.60
N LYS B 217 -24.80 13.05 -22.32
CA LYS B 217 -26.15 13.33 -21.82
C LYS B 217 -26.23 14.72 -21.24
N VAL B 218 -25.20 15.11 -20.49
CA VAL B 218 -25.09 16.47 -19.95
C VAL B 218 -24.51 17.45 -20.99
N LEU B 219 -23.89 16.91 -22.03
CA LEU B 219 -23.45 17.68 -23.20
C LEU B 219 -23.92 16.95 -24.47
N PRO B 220 -25.16 17.20 -24.89
CA PRO B 220 -25.73 16.39 -25.99
C PRO B 220 -24.97 16.48 -27.29
N GLU B 221 -24.31 17.61 -27.52
CA GLU B 221 -23.44 17.79 -28.71
C GLU B 221 -22.26 16.82 -28.76
N LEU B 222 -21.96 16.19 -27.62
CA LEU B 222 -20.88 15.20 -27.53
C LEU B 222 -21.43 13.78 -27.42
N ASN B 223 -22.73 13.62 -27.70
CA ASN B 223 -23.36 12.30 -27.66
C ASN B 223 -22.81 11.40 -28.77
N GLY B 224 -22.44 10.18 -28.40
CA GLY B 224 -21.86 9.20 -29.32
C GLY B 224 -20.38 9.38 -29.65
N LYS B 225 -19.77 10.43 -29.11
CA LYS B 225 -18.40 10.83 -29.51
C LYS B 225 -17.30 10.44 -28.53
N LEU B 226 -17.70 10.08 -27.31
CA LEU B 226 -16.76 9.67 -26.28
C LEU B 226 -17.17 8.31 -25.71
N THR B 227 -16.17 7.52 -25.31
CA THR B 227 -16.39 6.42 -24.37
C THR B 227 -15.06 6.12 -23.65
N GLY B 228 -15.04 5.12 -22.77
CA GLY B 228 -13.86 4.89 -21.97
C GLY B 228 -13.93 3.76 -20.98
N MET B 229 -12.99 3.77 -20.01
CA MET B 229 -12.87 2.72 -19.00
C MET B 229 -12.01 3.18 -17.84
N ALA B 230 -11.80 2.28 -16.87
CA ALA B 230 -11.04 2.59 -15.65
C ALA B 230 -10.02 1.51 -15.24
N PHE B 231 -9.02 1.93 -14.49
CA PHE B 231 -8.10 1.05 -13.79
C PHE B 231 -8.20 1.51 -12.34
N ARG B 232 -8.61 0.64 -11.44
CA ARG B 232 -8.56 0.95 -10.00
C ARG B 232 -7.17 0.67 -9.47
N VAL B 233 -6.64 1.57 -8.65
CA VAL B 233 -5.28 1.43 -8.11
C VAL B 233 -5.27 1.60 -6.58
N PRO B 234 -4.20 1.16 -5.91
CA PRO B 234 -4.17 1.24 -4.45
C PRO B 234 -3.83 2.62 -3.93
N THR B 235 -4.74 3.56 -4.15
CA THR B 235 -4.71 4.82 -3.43
C THR B 235 -6.08 4.96 -2.81
N PRO B 236 -6.14 5.59 -1.63
CA PRO B 236 -7.40 5.72 -0.91
C PRO B 236 -8.30 6.86 -1.38
N ASN B 237 -7.72 7.82 -2.10
CA ASN B 237 -8.49 8.95 -2.65
C ASN B 237 -7.72 9.75 -3.72
N VAL B 238 -8.47 10.46 -4.56
CA VAL B 238 -7.97 11.27 -5.70
C VAL B 238 -7.75 10.37 -6.92
N SER B 239 -8.28 10.82 -8.05
CA SER B 239 -8.22 10.07 -9.29
C SER B 239 -7.80 11.04 -10.39
N VAL B 240 -7.62 10.51 -11.58
CA VAL B 240 -7.20 11.32 -12.72
C VAL B 240 -7.77 10.81 -14.04
N VAL B 241 -8.20 11.75 -14.87
CA VAL B 241 -8.74 11.45 -16.18
C VAL B 241 -7.63 11.63 -17.20
N ASP B 242 -7.55 10.67 -18.10
CA ASP B 242 -6.60 10.62 -19.18
C ASP B 242 -7.44 10.50 -20.47
N LEU B 243 -7.67 11.65 -21.09
CA LEU B 243 -8.54 11.76 -22.24
C LEU B 243 -7.70 11.91 -23.49
N THR B 244 -7.91 10.99 -24.45
CA THR B 244 -7.27 11.06 -25.77
C THR B 244 -8.29 11.48 -26.84
N VAL B 245 -8.14 12.68 -27.40
CA VAL B 245 -9.12 13.23 -28.36
C VAL B 245 -8.56 13.59 -29.74
N ARG B 246 -9.37 13.36 -30.77
CA ARG B 246 -9.12 13.91 -32.11
C ARG B 246 -9.84 15.25 -32.27
N LEU B 247 -9.14 16.26 -32.77
CA LEU B 247 -9.68 17.61 -32.90
C LEU B 247 -9.94 17.99 -34.35
N GLU B 248 -11.04 18.74 -34.53
CA GLU B 248 -11.49 19.22 -35.82
C GLU B 248 -10.60 20.39 -36.23
N LYS B 249 -10.47 21.37 -35.35
CA LYS B 249 -9.55 22.48 -35.55
C LYS B 249 -8.20 22.08 -34.96
N ALA B 250 -7.13 22.24 -35.74
CA ALA B 250 -5.77 22.01 -35.28
C ALA B 250 -5.45 23.02 -34.17
N ALA B 251 -4.83 22.54 -33.09
CA ALA B 251 -4.42 23.41 -31.98
C ALA B 251 -3.10 22.92 -31.39
N THR B 252 -2.17 23.82 -31.16
CA THR B 252 -0.94 23.48 -30.46
C THR B 252 -1.23 23.20 -28.98
N TYR B 253 -0.30 22.50 -28.33
CA TYR B 253 -0.50 22.14 -26.92
C TYR B 253 -0.61 23.40 -26.07
N GLU B 254 0.14 24.44 -26.46
CA GLU B 254 0.07 25.75 -25.78
C GLU B 254 -1.26 26.47 -26.05
N GLN B 255 -1.79 26.31 -27.25
CA GLN B 255 -3.12 26.83 -27.54
C GLN B 255 -4.17 26.17 -26.64
N ILE B 256 -4.06 24.84 -26.47
CA ILE B 256 -4.98 24.13 -25.58
C ILE B 256 -4.84 24.58 -24.13
N LYS B 257 -3.60 24.77 -23.68
CA LYS B 257 -3.33 25.33 -22.38
C LYS B 257 -4.00 26.70 -22.22
N ALA B 258 -3.83 27.55 -23.22
CA ALA B 258 -4.39 28.92 -23.14
C ALA B 258 -5.90 28.87 -22.97
N ALA B 259 -6.54 27.97 -23.71
CA ALA B 259 -8.00 27.82 -23.69
C ALA B 259 -8.53 27.37 -22.34
N VAL B 260 -7.86 26.40 -21.73
CA VAL B 260 -8.32 25.82 -20.48
C VAL B 260 -8.11 26.85 -19.35
N LYS B 261 -6.97 27.51 -19.38
CA LYS B 261 -6.64 28.53 -18.41
C LYS B 261 -7.61 29.70 -18.49
N ALA B 262 -8.01 30.07 -19.71
CA ALA B 262 -9.06 31.10 -19.88
C ALA B 262 -10.38 30.67 -19.21
N ALA B 263 -10.82 29.44 -19.47
CA ALA B 263 -12.05 28.91 -18.85
C ALA B 263 -11.98 28.74 -17.32
N ALA B 264 -10.83 28.28 -16.83
CA ALA B 264 -10.66 28.05 -15.41
C ALA B 264 -10.68 29.37 -14.64
N GLU B 265 -10.24 30.43 -15.30
CA GLU B 265 -10.21 31.75 -14.66
C GLU B 265 -11.49 32.52 -14.85
N GLY B 266 -12.26 32.18 -15.88
CA GLY B 266 -13.50 32.86 -16.17
C GLY B 266 -14.75 32.02 -16.00
N GLU B 267 -15.20 31.47 -17.12
N GLU B 267 -15.29 31.51 -17.10
CA GLU B 267 -16.50 30.80 -17.24
CA GLU B 267 -16.63 30.90 -17.05
C GLU B 267 -16.67 29.63 -16.28
C GLU B 267 -16.73 29.53 -16.37
N MET B 268 -15.61 28.85 -16.14
CA MET B 268 -15.61 27.61 -15.33
C MET B 268 -14.92 27.78 -13.99
N LYS B 269 -14.75 29.00 -13.53
CA LYS B 269 -14.07 29.21 -12.25
C LYS B 269 -14.78 28.43 -11.13
N GLY B 270 -14.00 27.69 -10.34
CA GLY B 270 -14.53 26.95 -9.20
C GLY B 270 -14.91 25.52 -9.53
N VAL B 271 -14.94 25.22 -10.82
CA VAL B 271 -15.29 23.90 -11.32
C VAL B 271 -14.07 23.30 -11.99
N LEU B 272 -13.56 24.01 -13.00
CA LEU B 272 -12.34 23.63 -13.69
C LEU B 272 -11.15 24.45 -13.18
N GLY B 273 -10.07 23.76 -12.83
CA GLY B 273 -8.85 24.38 -12.37
C GLY B 273 -7.73 24.10 -13.33
N TYR B 274 -6.61 24.79 -13.14
CA TYR B 274 -5.48 24.74 -14.06
C TYR B 274 -4.15 24.82 -13.30
N THR B 275 -3.26 23.85 -13.50
CA THR B 275 -1.92 23.90 -12.89
C THR B 275 -0.82 23.61 -13.91
N GLU B 276 0.37 24.14 -13.60
CA GLU B 276 1.59 23.89 -14.36
C GLU B 276 2.71 23.39 -13.43
N ASP B 277 2.34 23.00 -12.21
CA ASP B 277 3.28 22.50 -11.24
C ASP B 277 3.37 21.00 -11.39
N ASP B 278 4.47 20.42 -10.91
CA ASP B 278 4.73 18.99 -11.00
C ASP B 278 3.97 18.24 -9.92
N VAL B 279 2.65 18.11 -10.11
CA VAL B 279 1.77 17.68 -9.03
C VAL B 279 1.60 16.15 -9.04
N VAL B 280 1.17 15.62 -7.90
CA VAL B 280 0.81 14.19 -7.82
C VAL B 280 -0.52 14.10 -7.11
N SER B 281 -1.05 12.89 -6.99
CA SER B 281 -2.43 12.70 -6.55
C SER B 281 -2.72 13.35 -5.20
N THR B 282 -1.84 13.18 -4.23
CA THR B 282 -2.07 13.70 -2.88
C THR B 282 -2.14 15.21 -2.80
N ASP B 283 -1.59 15.87 -3.81
CA ASP B 283 -1.68 17.31 -3.92
C ASP B 283 -3.11 17.78 -4.10
N PHE B 284 -4.00 16.86 -4.49
CA PHE B 284 -5.39 17.21 -4.69
C PHE B 284 -6.32 16.57 -3.66
N ASN B 285 -5.77 16.04 -2.59
CA ASN B 285 -6.65 15.63 -1.49
C ASN B 285 -7.23 16.89 -0.87
N GLY B 286 -8.55 17.06 -1.00
CA GLY B 286 -9.26 18.25 -0.51
C GLY B 286 -9.65 19.24 -1.60
N GLU B 287 -9.20 19.00 -2.82
CA GLU B 287 -9.59 19.82 -3.95
C GLU B 287 -11.12 19.85 -4.14
N VAL B 288 -11.64 21.07 -4.28
CA VAL B 288 -13.06 21.36 -4.43
C VAL B 288 -13.43 21.46 -5.91
N THR B 290 -13.85 20.15 -9.41
CA THR B 290 -14.10 18.80 -9.92
C THR B 290 -13.22 18.36 -11.11
N SER B 291 -12.49 19.29 -11.73
CA SER B 291 -11.54 18.97 -12.80
C SER B 291 -10.37 19.97 -12.74
N VAL B 292 -9.14 19.47 -12.56
CA VAL B 292 -7.96 20.33 -12.52
C VAL B 292 -6.98 19.88 -13.59
N PHE B 293 -6.86 20.71 -14.63
CA PHE B 293 -6.02 20.42 -15.78
C PHE B 293 -4.54 20.41 -15.39
N ASP B 294 -3.84 19.37 -15.83
CA ASP B 294 -2.42 19.19 -15.53
C ASP B 294 -1.67 19.43 -16.83
N ALA B 295 -1.15 20.64 -16.97
CA ALA B 295 -0.56 21.11 -18.20
C ALA B 295 0.66 20.27 -18.58
N LYS B 296 1.51 19.96 -17.61
CA LYS B 296 2.76 19.25 -17.89
C LYS B 296 2.62 17.75 -18.09
N ALA B 297 1.51 17.16 -17.61
CA ALA B 297 1.27 15.73 -17.74
C ALA B 297 0.89 15.33 -19.16
N GLY B 298 0.13 16.20 -19.84
CA GLY B 298 -0.38 15.91 -21.18
C GLY B 298 0.64 15.85 -22.27
N ILE B 299 0.21 15.44 -23.45
CA ILE B 299 1.11 15.26 -24.57
C ILE B 299 0.35 15.27 -25.91
N ALA B 300 0.93 15.92 -26.91
CA ALA B 300 0.35 15.95 -28.25
C ALA B 300 1.18 15.09 -29.19
N LEU B 301 0.51 14.21 -29.93
CA LEU B 301 1.17 13.56 -31.06
C LEU B 301 1.30 14.60 -32.17
N ASN B 302 0.20 15.31 -32.43
CA ASN B 302 0.13 16.42 -33.39
C ASN B 302 -0.96 17.45 -33.03
N ASP B 303 -1.13 18.48 -33.86
CA ASP B 303 -2.18 19.50 -33.62
C ASP B 303 -3.60 18.95 -33.54
N ASN B 304 -3.82 17.78 -34.13
CA ASN B 304 -5.17 17.22 -34.19
C ASN B 304 -5.39 15.95 -33.36
N PHE B 305 -4.38 15.55 -32.57
CA PHE B 305 -4.42 14.31 -31.79
C PHE B 305 -3.62 14.49 -30.48
N VAL B 306 -4.33 14.43 -29.34
CA VAL B 306 -3.76 14.83 -28.04
C VAL B 306 -4.30 14.04 -26.83
N LYS B 307 -3.40 13.77 -25.89
CA LYS B 307 -3.76 13.13 -24.64
C LYS B 307 -3.74 14.22 -23.57
N LEU B 308 -4.86 14.39 -22.88
CA LEU B 308 -5.05 15.42 -21.89
C LEU B 308 -5.29 14.80 -20.53
N VAL B 309 -4.87 15.52 -19.48
CA VAL B 309 -4.86 14.98 -18.13
C VAL B 309 -5.50 15.97 -17.18
N SER B 310 -6.37 15.48 -16.32
CA SER B 310 -7.06 16.31 -15.34
C SER B 310 -7.40 15.52 -14.05
N TRP B 311 -7.14 16.15 -12.91
CA TRP B 311 -7.29 15.52 -11.60
C TRP B 311 -8.60 15.84 -10.94
N TYR B 312 -9.07 14.91 -10.10
CA TYR B 312 -10.22 15.16 -9.24
C TYR B 312 -10.18 14.32 -7.97
N ASP B 313 -10.50 14.95 -6.84
CA ASP B 313 -10.71 14.29 -5.57
C ASP B 313 -12.14 13.77 -5.65
N ASN B 314 -12.28 12.53 -6.09
CA ASN B 314 -13.57 11.87 -6.24
C ASN B 314 -14.50 11.99 -5.02
N GLU B 315 -13.93 12.16 -3.84
CA GLU B 315 -14.75 12.43 -2.65
C GLU B 315 -15.16 13.89 -2.57
N THR B 316 -14.18 14.79 -2.42
CA THR B 316 -14.43 16.17 -2.04
C THR B 316 -15.02 17.05 -3.13
N GLY B 317 -14.53 16.92 -4.35
CA GLY B 317 -15.03 17.75 -5.44
C GLY B 317 -16.48 17.41 -5.68
N TYR B 318 -16.76 16.12 -5.81
CA TYR B 318 -18.11 15.62 -6.06
C TYR B 318 -19.08 16.02 -4.94
N SER B 319 -18.72 15.74 -3.69
CA SER B 319 -19.54 16.17 -2.56
C SER B 319 -19.86 17.67 -2.61
N ASN B 320 -18.92 18.49 -3.06
CA ASN B 320 -19.13 19.95 -3.13
C ASN B 320 -20.15 20.38 -4.20
N LYS B 321 -20.17 19.67 -5.33
CA LYS B 321 -21.08 20.00 -6.43
C LYS B 321 -22.47 19.41 -6.18
N VAL B 322 -22.54 18.41 -5.31
CA VAL B 322 -23.82 17.89 -4.85
C VAL B 322 -24.55 18.99 -4.09
N LEU B 323 -23.81 19.72 -3.26
CA LEU B 323 -24.35 20.88 -2.53
C LEU B 323 -24.63 22.05 -3.47
N ASP B 324 -23.78 22.23 -4.47
CA ASP B 324 -24.06 23.18 -5.54
C ASP B 324 -25.30 22.81 -6.34
N LEU B 325 -25.56 21.52 -6.54
CA LEU B 325 -26.76 21.12 -7.26
C LEU B 325 -28.01 21.34 -6.39
N ILE B 326 -27.94 20.94 -5.13
CA ILE B 326 -29.01 21.22 -4.17
C ILE B 326 -29.34 22.71 -4.12
N ALA B 327 -28.32 23.53 -3.91
CA ALA B 327 -28.43 24.98 -3.94
C ALA B 327 -29.12 25.46 -5.21
N HIS B 328 -28.67 24.97 -6.37
CA HIS B 328 -29.17 25.47 -7.67
C HIS B 328 -30.66 25.18 -7.88
N ILE B 329 -31.09 23.95 -7.59
CA ILE B 329 -32.49 23.54 -7.77
C ILE B 329 -33.46 24.18 -6.77
N SER B 330 -32.95 24.78 -5.69
CA SER B 330 -33.75 25.52 -4.74
C SER B 330 -33.94 26.99 -5.14
N LYS B 331 -32.98 27.54 -5.90
CA LYS B 331 -32.98 28.94 -6.34
C LYS B 331 -34.31 29.39 -6.93
N THR C 2 -9.25 -42.79 0.87
CA THR C 2 -8.98 -41.36 1.19
C THR C 2 -10.16 -40.77 1.98
N ILE C 3 -9.93 -39.67 2.67
CA ILE C 3 -11.01 -39.04 3.44
C ILE C 3 -11.69 -38.00 2.58
N LYS C 4 -12.98 -38.19 2.33
CA LYS C 4 -13.73 -37.28 1.46
C LYS C 4 -14.13 -36.02 2.24
N VAL C 5 -13.57 -34.89 1.85
CA VAL C 5 -13.88 -33.63 2.54
C VAL C 5 -14.81 -32.74 1.73
N GLY C 6 -15.68 -32.04 2.45
CA GLY C 6 -16.55 -31.02 1.88
C GLY C 6 -16.27 -29.67 2.54
N ILE C 7 -16.22 -28.64 1.71
CA ILE C 7 -15.90 -27.28 2.16
C ILE C 7 -17.15 -26.41 2.19
N ASN C 8 -17.43 -25.82 3.34
CA ASN C 8 -18.47 -24.83 3.43
C ASN C 8 -17.86 -23.43 3.54
N GLY C 9 -18.11 -22.62 2.52
CA GLY C 9 -17.51 -21.29 2.41
C GLY C 9 -16.20 -21.35 1.65
N PHE C 10 -16.21 -20.83 0.42
CA PHE C 10 -15.04 -20.83 -0.43
C PHE C 10 -14.36 -19.46 -0.35
N GLY C 11 -14.12 -19.00 0.87
CA GLY C 11 -13.43 -17.75 1.14
C GLY C 11 -11.95 -18.00 1.10
N ARG C 12 -11.19 -17.20 1.85
CA ARG C 12 -9.73 -17.27 1.85
C ARG C 12 -9.26 -18.61 2.37
N ILE C 13 -9.73 -19.00 3.54
CA ILE C 13 -9.35 -20.30 4.11
C ILE C 13 -9.84 -21.46 3.24
N GLY C 14 -11.13 -21.47 2.89
CA GLY C 14 -11.67 -22.52 2.03
C GLY C 14 -10.84 -22.77 0.78
N ARG C 15 -10.49 -21.69 0.09
CA ARG C 15 -9.66 -21.75 -1.11
C ARG C 15 -8.23 -22.23 -0.85
N ILE C 16 -7.62 -21.83 0.27
CA ILE C 16 -6.23 -22.26 0.54
C ILE C 16 -6.21 -23.68 1.06
N VAL C 17 -7.20 -24.02 1.86
CA VAL C 17 -7.46 -25.40 2.27
C VAL C 17 -7.58 -26.29 1.02
N PHE C 18 -8.34 -25.83 0.04
CA PHE C 18 -8.55 -26.60 -1.17
C PHE C 18 -7.26 -26.86 -1.93
N ARG C 19 -6.44 -25.82 -2.09
CA ARG C 19 -5.19 -25.90 -2.84
C ARG C 19 -4.20 -26.83 -2.15
N ALA C 20 -4.18 -26.76 -0.82
CA ALA C 20 -3.28 -27.57 0.01
C ALA C 20 -3.76 -29.01 0.04
N ALA C 21 -5.06 -29.19 -0.11
CA ALA C 21 -5.65 -30.52 -0.17
C ALA C 21 -5.16 -31.33 -1.35
N GLN C 22 -4.82 -30.68 -2.46
CA GLN C 22 -4.40 -31.35 -3.71
C GLN C 22 -3.03 -32.00 -3.61
N LYS C 23 -2.22 -31.55 -2.66
CA LYS C 23 -0.87 -32.05 -2.48
C LYS C 23 -0.88 -33.28 -1.55
N ARG C 24 -2.05 -33.57 -0.99
CA ARG C 24 -2.21 -34.65 -0.02
C ARG C 24 -2.80 -35.88 -0.70
N SER C 25 -2.31 -37.05 -0.26
CA SER C 25 -2.80 -38.34 -0.74
C SER C 25 -3.92 -38.92 0.16
N ASP C 26 -3.93 -38.53 1.43
CA ASP C 26 -4.96 -38.98 2.35
C ASP C 26 -6.31 -38.25 2.19
N ILE C 27 -6.32 -37.08 1.55
CA ILE C 27 -7.52 -36.24 1.52
C ILE C 27 -7.95 -35.81 0.11
N GLU C 28 -9.25 -35.93 -0.13
CA GLU C 28 -9.87 -35.51 -1.39
C GLU C 28 -11.08 -34.62 -1.12
N ILE C 29 -11.07 -33.42 -1.70
CA ILE C 29 -12.22 -32.52 -1.64
C ILE C 29 -13.19 -32.97 -2.73
N VAL C 30 -14.44 -33.25 -2.36
CA VAL C 30 -15.43 -33.73 -3.31
C VAL C 30 -16.53 -32.70 -3.63
N ALA C 31 -16.81 -31.81 -2.67
CA ALA C 31 -17.82 -30.79 -2.85
C ALA C 31 -17.43 -29.51 -2.14
N ILE C 32 -17.84 -28.38 -2.72
CA ILE C 32 -17.77 -27.08 -2.07
C ILE C 32 -19.15 -26.44 -2.09
N ASN C 33 -19.50 -25.78 -0.98
CA ASN C 33 -20.71 -25.00 -0.89
C ASN C 33 -20.41 -23.52 -0.58
N ASP C 34 -21.03 -22.63 -1.35
CA ASP C 34 -20.89 -21.19 -1.16
C ASP C 34 -22.01 -20.49 -1.91
N LEU C 35 -22.06 -19.17 -1.84
CA LEU C 35 -22.99 -18.34 -2.60
C LEU C 35 -22.35 -17.94 -3.93
N LEU C 36 -21.84 -18.95 -4.66
CA LEU C 36 -21.05 -18.71 -5.86
C LEU C 36 -21.38 -19.74 -6.93
N ASP C 37 -21.77 -19.21 -8.09
CA ASP C 37 -21.69 -19.85 -9.41
C ASP C 37 -20.46 -20.75 -9.56
N ALA C 38 -20.63 -21.87 -10.27
CA ALA C 38 -19.50 -22.76 -10.59
C ALA C 38 -18.39 -22.08 -11.40
N ASP C 39 -18.78 -21.19 -12.33
CA ASP C 39 -17.81 -20.42 -13.10
C ASP C 39 -17.03 -19.46 -12.20
N TYR C 40 -17.69 -18.88 -11.20
CA TYR C 40 -17.03 -17.92 -10.32
C TYR C 40 -16.08 -18.62 -9.34
N MET C 41 -16.50 -19.74 -8.78
CA MET C 41 -15.59 -20.58 -8.00
C MET C 41 -14.33 -20.99 -8.78
N ALA C 42 -14.50 -21.33 -10.07
CA ALA C 42 -13.35 -21.69 -10.89
C ALA C 42 -12.39 -20.51 -10.99
N TYR C 43 -12.95 -19.33 -11.28
CA TYR C 43 -12.17 -18.10 -11.38
C TYR C 43 -11.40 -17.78 -10.10
N MET C 44 -12.07 -17.96 -8.95
CA MET C 44 -11.48 -17.62 -7.66
C MET C 44 -10.38 -18.58 -7.25
N LEU C 45 -10.49 -19.83 -7.72
CA LEU C 45 -9.49 -20.87 -7.46
C LEU C 45 -8.27 -20.71 -8.36
N LYS C 46 -8.49 -20.46 -9.64
CA LYS C 46 -7.43 -20.32 -10.63
C LYS C 46 -6.48 -19.16 -10.33
N TYR C 47 -7.06 -17.99 -10.06
CA TYR C 47 -6.28 -16.76 -9.91
C TYR C 47 -6.26 -16.30 -8.48
N ASP C 48 -5.08 -15.94 -8.00
CA ASP C 48 -4.95 -15.51 -6.62
C ASP C 48 -3.92 -14.39 -6.51
N SER C 49 -4.30 -13.27 -5.90
CA SER C 49 -3.40 -12.11 -5.80
C SER C 49 -2.20 -12.41 -4.93
N THR C 50 -2.44 -13.17 -3.85
CA THR C 50 -1.40 -13.41 -2.86
C THR C 50 -0.54 -14.62 -3.21
N HIS C 51 -1.16 -15.71 -3.62
CA HIS C 51 -0.47 -17.00 -3.80
C HIS C 51 -0.31 -17.44 -5.26
N GLY C 52 -0.57 -16.55 -6.21
CA GLY C 52 -0.28 -16.86 -7.60
C GLY C 52 -1.31 -17.77 -8.23
N ARG C 53 -0.98 -18.27 -9.41
CA ARG C 53 -1.89 -19.12 -10.17
C ARG C 53 -1.95 -20.54 -9.62
N PHE C 54 -3.15 -21.10 -9.67
CA PHE C 54 -3.38 -22.49 -9.33
C PHE C 54 -2.44 -23.40 -10.11
N ASP C 55 -1.77 -24.28 -9.37
CA ASP C 55 -0.86 -25.25 -9.94
C ASP C 55 -1.65 -26.54 -10.16
N GLY C 56 -2.15 -26.71 -11.37
CA GLY C 56 -3.16 -27.71 -11.64
C GLY C 56 -4.12 -27.21 -12.68
N THR C 57 -5.05 -28.06 -13.09
CA THR C 57 -6.02 -27.72 -14.14
C THR C 57 -7.38 -27.42 -13.53
N VAL C 58 -8.05 -26.40 -14.05
CA VAL C 58 -9.42 -26.12 -13.62
C VAL C 58 -10.32 -25.82 -14.81
N GLU C 59 -11.47 -26.47 -14.83
CA GLU C 59 -12.42 -26.33 -15.93
C GLU C 59 -13.84 -26.34 -15.35
N VAL C 60 -14.76 -25.69 -16.06
CA VAL C 60 -16.18 -25.85 -15.78
C VAL C 60 -16.80 -26.47 -17.04
N LYS C 61 -17.05 -27.77 -17.01
CA LYS C 61 -17.54 -28.47 -18.19
C LYS C 61 -19.01 -28.83 -18.03
N ASP C 62 -19.87 -28.09 -18.74
CA ASP C 62 -21.32 -28.31 -18.87
C ASP C 62 -22.16 -27.22 -18.15
N GLY C 63 -22.07 -27.04 -16.84
CA GLY C 63 -21.16 -27.75 -15.93
C GLY C 63 -21.17 -27.10 -14.55
N HIS C 64 -20.60 -27.67 -13.50
CA HIS C 64 -19.68 -28.83 -13.42
C HIS C 64 -18.21 -28.40 -13.31
N LEU C 65 -17.79 -28.16 -12.07
CA LEU C 65 -16.40 -27.85 -11.76
C LEU C 65 -15.52 -29.11 -11.81
N ILE C 66 -14.53 -29.08 -12.71
CA ILE C 66 -13.56 -30.16 -12.80
C ILE C 66 -12.17 -29.61 -12.46
N VAL C 67 -11.56 -30.15 -11.40
CA VAL C 67 -10.21 -29.76 -11.02
C VAL C 67 -9.28 -30.97 -11.04
N ASN C 68 -8.12 -30.82 -11.67
CA ASN C 68 -7.17 -31.91 -11.84
C ASN C 68 -7.84 -33.22 -12.27
N GLY C 69 -8.77 -33.09 -13.21
CA GLY C 69 -9.51 -34.25 -13.74
C GLY C 69 -10.72 -34.67 -12.92
N LYS C 70 -10.75 -34.29 -11.65
CA LYS C 70 -11.75 -34.76 -10.69
C LYS C 70 -12.97 -33.84 -10.60
N LYS C 71 -14.16 -34.44 -10.56
CA LYS C 71 -15.42 -33.71 -10.45
C LYS C 71 -15.61 -33.20 -9.02
N ILE C 72 -15.98 -31.92 -8.90
CA ILE C 72 -16.32 -31.30 -7.62
C ILE C 72 -17.78 -30.85 -7.69
N ARG C 73 -18.58 -31.25 -6.69
CA ARG C 73 -19.98 -30.87 -6.63
C ARG C 73 -20.10 -29.43 -6.11
N VAL C 74 -20.86 -28.62 -6.84
CA VAL C 74 -21.07 -27.21 -6.50
C VAL C 74 -22.52 -26.99 -6.07
N THR C 75 -22.70 -26.52 -4.83
CA THR C 75 -24.02 -26.16 -4.31
C THR C 75 -24.04 -24.71 -3.83
N ALA C 76 -25.25 -24.15 -3.67
CA ALA C 76 -25.41 -22.78 -3.18
C ALA C 76 -26.51 -22.69 -2.13
N GLU C 77 -26.38 -23.55 -1.12
CA GLU C 77 -27.33 -23.63 -0.02
C GLU C 77 -26.93 -22.70 1.12
N ARG C 78 -27.81 -21.75 1.46
CA ARG C 78 -27.59 -20.87 2.60
C ARG C 78 -27.67 -21.65 3.89
N ASP C 79 -28.63 -22.58 3.97
CA ASP C 79 -28.83 -23.39 5.18
C ASP C 79 -28.07 -24.70 5.11
N PRO C 80 -27.02 -24.86 5.96
CA PRO C 80 -26.20 -26.08 6.03
C PRO C 80 -26.98 -27.38 6.18
N ALA C 81 -28.11 -27.30 6.86
CA ALA C 81 -29.02 -28.44 7.03
C ALA C 81 -29.52 -29.02 5.69
N ASN C 82 -29.48 -28.21 4.62
CA ASN C 82 -29.93 -28.61 3.29
C ASN C 82 -28.79 -28.97 2.33
N LEU C 83 -27.73 -29.61 2.83
CA LEU C 83 -26.53 -29.84 2.00
C LEU C 83 -26.43 -31.24 1.37
N LYS C 84 -26.98 -32.26 2.03
CA LYS C 84 -26.91 -33.65 1.54
C LYS C 84 -25.47 -34.05 1.25
N TRP C 85 -24.60 -33.86 2.24
CA TRP C 85 -23.19 -34.21 2.11
C TRP C 85 -23.00 -35.70 1.75
N ASP C 86 -23.84 -36.56 2.33
CA ASP C 86 -23.80 -38.00 2.03
C ASP C 86 -24.00 -38.35 0.55
N GLU C 87 -24.72 -37.49 -0.17
CA GLU C 87 -25.04 -37.74 -1.58
C GLU C 87 -23.80 -37.66 -2.49
N VAL C 88 -22.69 -37.19 -1.94
CA VAL C 88 -21.39 -37.27 -2.61
C VAL C 88 -20.37 -38.06 -1.75
N GLY C 89 -20.73 -38.32 -0.49
CA GLY C 89 -19.99 -39.24 0.36
C GLY C 89 -18.96 -38.57 1.24
N VAL C 90 -19.33 -37.41 1.77
CA VAL C 90 -18.42 -36.60 2.58
C VAL C 90 -18.40 -37.10 4.02
N ASP C 91 -17.20 -37.32 4.54
CA ASP C 91 -17.01 -37.71 5.94
C ASP C 91 -16.84 -36.46 6.81
N VAL C 92 -15.83 -35.67 6.48
CA VAL C 92 -15.55 -34.46 7.23
C VAL C 92 -15.89 -33.20 6.41
N VAL C 93 -16.54 -32.26 7.08
CA VAL C 93 -16.85 -30.96 6.52
C VAL C 93 -15.96 -29.88 7.16
N ALA C 94 -15.21 -29.17 6.32
CA ALA C 94 -14.45 -28.00 6.76
C ALA C 94 -15.39 -26.78 6.74
N GLU C 95 -15.80 -26.37 7.94
CA GLU C 95 -16.74 -25.25 8.10
C GLU C 95 -15.96 -23.95 8.16
N ALA C 96 -16.01 -23.20 7.06
CA ALA C 96 -15.13 -22.04 6.84
C ALA C 96 -15.87 -20.77 6.37
N THR C 97 -17.14 -20.66 6.73
CA THR C 97 -17.92 -19.46 6.44
C THR C 97 -17.69 -18.34 7.48
N GLY C 98 -17.34 -18.72 8.70
CA GLY C 98 -17.19 -17.76 9.80
C GLY C 98 -18.47 -17.59 10.61
N LEU C 99 -19.55 -18.21 10.14
CA LEU C 99 -20.91 -17.96 10.63
C LEU C 99 -21.50 -19.08 11.47
N PHE C 100 -20.85 -20.25 11.47
CA PHE C 100 -21.39 -21.42 12.15
C PHE C 100 -20.36 -21.98 13.11
N LEU C 101 -20.02 -21.19 14.13
CA LEU C 101 -18.97 -21.53 15.10
C LEU C 101 -19.52 -21.94 16.49
N THR C 102 -20.68 -22.60 16.49
CA THR C 102 -21.24 -23.21 17.68
C THR C 102 -21.65 -24.64 17.33
N ASP C 103 -21.77 -25.48 18.35
CA ASP C 103 -22.20 -26.87 18.14
C ASP C 103 -23.59 -26.92 17.50
N GLU C 104 -24.46 -26.01 17.90
CA GLU C 104 -25.82 -25.96 17.38
CA GLU C 104 -25.83 -25.94 17.36
C GLU C 104 -25.78 -25.84 15.85
N THR C 105 -25.18 -24.76 15.36
CA THR C 105 -25.08 -24.46 13.93
C THR C 105 -24.21 -25.48 13.17
N ALA C 106 -23.00 -25.72 13.67
CA ALA C 106 -22.09 -26.67 13.02
C ALA C 106 -22.69 -28.08 12.85
N ARG C 107 -23.61 -28.44 13.74
CA ARG C 107 -24.23 -29.77 13.74
C ARG C 107 -25.24 -29.98 12.60
N LYS C 108 -25.60 -28.90 11.91
CA LYS C 108 -26.48 -28.99 10.73
C LYS C 108 -25.82 -29.75 9.57
N HIS C 109 -24.49 -29.78 9.56
CA HIS C 109 -23.77 -30.58 8.57
C HIS C 109 -23.93 -32.07 8.85
N ILE C 110 -24.00 -32.42 10.14
CA ILE C 110 -24.14 -33.82 10.57
C ILE C 110 -25.51 -34.36 10.20
N THR C 111 -26.53 -33.52 10.37
CA THR C 111 -27.88 -33.86 9.95
C THR C 111 -28.05 -33.80 8.42
N ALA C 112 -27.17 -33.06 7.75
CA ALA C 112 -27.09 -33.06 6.28
C ALA C 112 -26.20 -34.20 5.73
N GLY C 113 -25.77 -35.11 6.60
CA GLY C 113 -25.19 -36.38 6.18
C GLY C 113 -23.70 -36.60 6.43
N ALA C 114 -23.00 -35.56 6.88
CA ALA C 114 -21.57 -35.68 7.16
C ALA C 114 -21.36 -36.35 8.52
N LYS C 115 -20.13 -36.82 8.76
CA LYS C 115 -19.79 -37.58 9.96
C LYS C 115 -19.21 -36.68 11.03
N LYS C 116 -18.24 -35.87 10.64
CA LYS C 116 -17.63 -34.89 11.56
C LYS C 116 -17.47 -33.52 10.91
N VAL C 117 -17.16 -32.54 11.75
CA VAL C 117 -17.04 -31.15 11.33
C VAL C 117 -15.82 -30.54 12.00
N VAL C 118 -14.97 -29.88 11.20
CA VAL C 118 -13.90 -29.03 11.72
C VAL C 118 -14.20 -27.56 11.39
N MET C 119 -14.35 -26.75 12.45
CA MET C 119 -14.52 -25.31 12.29
C MET C 119 -13.15 -24.73 12.00
N THR C 120 -13.07 -23.84 11.01
CA THR C 120 -11.83 -23.18 10.61
C THR C 120 -11.78 -21.83 11.29
N GLY C 121 -11.95 -21.83 12.61
CA GLY C 121 -11.95 -20.60 13.39
C GLY C 121 -12.34 -20.96 14.82
N PRO C 122 -11.99 -20.10 15.80
CA PRO C 122 -12.26 -20.40 17.22
C PRO C 122 -13.74 -20.57 17.51
N SER C 123 -14.07 -21.63 18.25
CA SER C 123 -15.46 -21.94 18.57
C SER C 123 -16.03 -20.93 19.57
N LYS C 124 -17.21 -20.40 19.28
CA LYS C 124 -17.87 -19.37 20.11
C LYS C 124 -18.71 -19.97 21.25
N ASP C 125 -18.59 -21.29 21.48
CA ASP C 125 -19.26 -21.96 22.59
C ASP C 125 -18.28 -22.95 23.24
N ASN C 126 -18.79 -23.99 23.89
N ASN C 126 -18.80 -23.99 23.88
CA ASN C 126 -17.95 -24.99 24.59
CA ASN C 126 -17.96 -24.99 24.57
C ASN C 126 -17.24 -25.97 23.63
C ASN C 126 -17.31 -26.01 23.63
N THR C 127 -17.43 -25.81 22.32
CA THR C 127 -16.82 -26.70 21.32
C THR C 127 -15.30 -26.74 21.48
N PRO C 128 -14.72 -27.96 21.50
CA PRO C 128 -13.30 -28.08 21.83
C PRO C 128 -12.38 -27.63 20.70
N MET C 129 -11.25 -27.03 21.06
CA MET C 129 -10.29 -26.52 20.11
C MET C 129 -9.03 -27.35 20.16
N PHE C 130 -8.48 -27.63 18.98
CA PHE C 130 -7.23 -28.37 18.87
C PHE C 130 -6.23 -27.61 18.00
N VAL C 131 -4.98 -27.54 18.49
CA VAL C 131 -3.89 -26.92 17.78
C VAL C 131 -2.77 -27.94 17.70
N LYS C 132 -2.24 -28.17 16.49
CA LYS C 132 -1.18 -29.16 16.29
C LYS C 132 0.12 -28.65 16.91
N GLY C 133 0.85 -29.58 17.53
CA GLY C 133 2.00 -29.26 18.36
C GLY C 133 1.61 -28.77 19.75
N ALA C 134 0.31 -28.73 20.04
CA ALA C 134 -0.16 -28.25 21.34
C ALA C 134 -1.06 -29.26 22.06
N ASN C 135 -2.07 -29.78 21.36
CA ASN C 135 -3.04 -30.68 22.00
C ASN C 135 -3.84 -31.58 21.07
N PHE C 136 -3.36 -31.80 19.84
CA PHE C 136 -4.04 -32.72 18.88
C PHE C 136 -4.31 -34.09 19.53
N ASP C 137 -3.33 -34.56 20.29
CA ASP C 137 -3.42 -35.86 20.98
C ASP C 137 -4.43 -35.91 22.13
N LYS C 138 -5.07 -34.80 22.49
CA LYS C 138 -6.18 -34.82 23.46
C LYS C 138 -7.53 -35.02 22.77
N TYR C 139 -7.52 -35.19 21.45
CA TYR C 139 -8.75 -35.50 20.72
C TYR C 139 -9.30 -36.84 21.23
N ALA C 140 -10.56 -36.80 21.69
CA ALA C 140 -11.22 -37.98 22.26
C ALA C 140 -12.50 -38.23 21.49
N GLY C 141 -12.36 -38.33 20.16
CA GLY C 141 -13.43 -38.81 19.28
C GLY C 141 -14.61 -37.89 19.09
N GLN C 142 -14.51 -36.62 19.50
CA GLN C 142 -15.61 -35.66 19.35
C GLN C 142 -15.96 -35.46 17.87
N ASP C 143 -17.23 -35.28 17.56
CA ASP C 143 -17.65 -35.20 16.16
C ASP C 143 -17.65 -33.76 15.59
N ILE C 144 -17.62 -32.76 16.48
CA ILE C 144 -17.44 -31.37 16.07
C ILE C 144 -16.31 -30.72 16.86
N VAL C 145 -15.28 -30.26 16.14
CA VAL C 145 -14.14 -29.59 16.76
C VAL C 145 -13.79 -28.27 16.03
N SER C 146 -12.88 -27.52 16.64
CA SER C 146 -12.40 -26.28 16.07
C SER C 146 -10.88 -26.30 16.04
N ASN C 147 -10.31 -25.64 15.02
CA ASN C 147 -8.85 -25.59 14.83
C ASN C 147 -8.21 -24.33 15.43
N ALA C 148 -8.96 -23.60 16.26
CA ALA C 148 -8.50 -22.32 16.83
C ALA C 148 -8.39 -21.24 15.75
N SER C 149 -7.55 -20.24 16.01
CA SER C 149 -7.26 -19.15 15.07
C SER C 149 -5.85 -19.31 14.50
N THR C 151 -3.55 -17.02 14.64
CA THR C 151 -2.66 -16.47 15.68
C THR C 151 -2.40 -17.45 16.84
N THR C 152 -3.42 -18.19 17.27
CA THR C 152 -3.26 -19.20 18.33
C THR C 152 -2.37 -20.34 17.84
N ASN C 153 -2.53 -20.71 16.57
CA ASN C 153 -1.67 -21.73 15.95
C ASN C 153 -0.19 -21.35 15.90
N CYS C 154 0.09 -20.05 16.00
CA CYS C 154 1.45 -19.55 16.00
C CYS C 154 2.02 -19.55 17.42
N LEU C 155 1.24 -18.98 18.33
CA LEU C 155 1.71 -18.70 19.69
C LEU C 155 1.79 -19.94 20.59
N ALA C 156 0.78 -20.82 20.49
CA ALA C 156 0.70 -21.99 21.36
C ALA C 156 1.93 -22.89 21.25
N PRO C 157 2.34 -23.22 20.01
CA PRO C 157 3.53 -24.02 19.79
C PRO C 157 4.79 -23.46 20.43
N LEU C 158 4.99 -22.17 20.23
CA LEU C 158 6.11 -21.45 20.84
C LEU C 158 5.97 -21.39 22.36
N ALA C 159 4.76 -21.08 22.83
CA ALA C 159 4.46 -20.99 24.27
C ALA C 159 4.81 -22.27 25.02
N LYS C 160 4.42 -23.42 24.46
CA LYS C 160 4.65 -24.72 25.06
C LYS C 160 6.14 -25.06 25.16
N VAL C 161 6.87 -24.86 24.08
CA VAL C 161 8.31 -25.06 24.10
C VAL C 161 8.94 -24.23 25.22
N ILE C 162 8.55 -22.96 25.31
CA ILE C 162 9.14 -22.05 26.29
C ILE C 162 8.65 -22.38 27.70
N ASN C 163 7.37 -22.72 27.84
CA ASN C 163 6.85 -23.21 29.12
C ASN C 163 7.51 -24.51 29.58
N ASP C 164 7.54 -25.51 28.69
CA ASP C 164 8.11 -26.83 29.02
C ASP C 164 9.55 -26.75 29.53
N ASN C 165 10.33 -25.82 28.96
CA ASN C 165 11.76 -25.73 29.24
C ASN C 165 12.14 -24.73 30.32
N PHE C 166 11.39 -23.63 30.38
CA PHE C 166 11.74 -22.51 31.26
C PHE C 166 10.61 -22.01 32.14
N GLY C 167 9.38 -22.37 31.78
CA GLY C 167 8.22 -22.02 32.59
C GLY C 167 7.80 -20.57 32.45
N ILE C 168 6.64 -20.35 31.87
CA ILE C 168 6.09 -19.00 31.79
C ILE C 168 5.34 -18.69 33.09
N ILE C 169 5.86 -17.71 33.83
CA ILE C 169 5.11 -17.11 34.91
C ILE C 169 3.95 -16.31 34.29
N GLU C 170 4.28 -15.51 33.28
CA GLU C 170 3.32 -14.59 32.65
C GLU C 170 3.85 -14.03 31.34
N GLY C 171 2.91 -13.78 30.42
CA GLY C 171 3.22 -13.24 29.09
C GLY C 171 2.16 -12.27 28.59
N LEU C 172 2.61 -11.30 27.80
CA LEU C 172 1.71 -10.42 27.08
C LEU C 172 2.14 -10.49 25.62
N MET C 173 1.16 -10.50 24.73
CA MET C 173 1.41 -10.79 23.33
C MET C 173 0.84 -9.70 22.40
N THR C 174 1.58 -9.40 21.35
CA THR C 174 1.09 -8.56 20.28
C THR C 174 1.28 -9.31 18.98
N THR C 175 0.21 -9.38 18.17
CA THR C 175 0.36 -9.82 16.79
C THR C 175 0.30 -8.63 15.85
N VAL C 176 1.37 -8.44 15.08
CA VAL C 176 1.38 -7.47 13.99
C VAL C 176 0.91 -8.24 12.77
N HIS C 177 -0.26 -7.87 12.28
CA HIS C 177 -1.07 -8.77 11.49
C HIS C 177 -1.53 -8.20 10.15
N ALA C 178 -1.42 -9.02 9.10
CA ALA C 178 -1.94 -8.70 7.77
C ALA C 178 -3.39 -8.27 7.83
N THR C 179 -3.86 -7.58 6.80
CA THR C 179 -5.26 -7.21 6.76
C THR C 179 -6.06 -8.43 6.28
N THR C 180 -7.33 -8.50 6.70
CA THR C 180 -8.18 -9.61 6.32
C THR C 180 -9.47 -9.14 5.61
N ALA C 181 -10.22 -10.12 5.13
CA ALA C 181 -11.50 -9.91 4.46
C ALA C 181 -12.52 -9.12 5.28
N THR C 182 -12.44 -9.18 6.61
CA THR C 182 -13.42 -8.47 7.46
C THR C 182 -13.19 -6.97 7.49
N GLN C 183 -12.00 -6.52 7.10
CA GLN C 183 -11.69 -5.09 7.09
C GLN C 183 -12.23 -4.37 5.85
N LYS C 184 -12.09 -3.06 5.84
CA LYS C 184 -12.64 -2.18 4.77
C LYS C 184 -11.55 -1.47 3.97
N THR C 185 -11.84 -1.20 2.71
CA THR C 185 -10.86 -0.57 1.83
C THR C 185 -10.73 0.91 2.12
N VAL C 186 -11.85 1.53 2.44
CA VAL C 186 -11.88 2.90 2.95
C VAL C 186 -12.81 2.90 4.17
N ASP C 187 -12.70 3.94 5.00
CA ASP C 187 -13.47 4.05 6.24
C ASP C 187 -14.92 3.64 5.99
N GLY C 188 -15.34 2.53 6.61
CA GLY C 188 -16.69 2.01 6.42
C GLY C 188 -17.30 1.45 7.68
N PRO C 189 -18.57 0.99 7.60
CA PRO C 189 -19.31 0.54 8.78
C PRO C 189 -18.79 -0.77 9.36
N SER C 190 -18.55 -0.76 10.67
CA SER C 190 -18.09 -1.93 11.39
C SER C 190 -18.60 -1.84 12.82
N HIS C 191 -19.91 -1.96 13.00
CA HIS C 191 -20.56 -1.58 14.26
C HIS C 191 -20.09 -2.37 15.49
N LYS C 192 -19.60 -3.60 15.30
CA LYS C 192 -19.08 -4.42 16.42
C LYS C 192 -17.58 -4.19 16.70
N ASP C 193 -16.95 -3.36 15.89
CA ASP C 193 -15.52 -3.13 15.97
C ASP C 193 -15.23 -1.86 15.16
N TRP C 194 -15.28 -0.71 15.83
CA TRP C 194 -15.24 0.60 15.18
C TRP C 194 -13.89 0.88 14.48
N ARG C 195 -12.81 0.48 15.13
CA ARG C 195 -11.49 0.66 14.54
C ARG C 195 -11.35 -0.18 13.27
N GLY C 196 -11.90 -1.39 13.29
CA GLY C 196 -11.83 -2.32 12.17
C GLY C 196 -12.54 -1.88 10.89
N GLY C 197 -13.37 -0.84 10.98
CA GLY C 197 -14.03 -0.24 9.81
C GLY C 197 -13.14 0.75 9.07
N ARG C 198 -12.07 1.18 9.72
CA ARG C 198 -11.21 2.22 9.17
C ARG C 198 -10.34 1.68 8.03
N GLY C 199 -10.04 2.55 7.05
CA GLY C 199 -9.23 2.20 5.89
C GLY C 199 -8.09 1.24 6.17
N ALA C 200 -8.24 0.00 5.67
CA ALA C 200 -7.25 -1.07 5.88
C ALA C 200 -5.88 -0.71 5.35
N SER C 201 -5.83 -0.25 4.10
CA SER C 201 -4.55 0.13 3.48
C SER C 201 -3.89 1.37 4.11
N GLN C 202 -4.67 2.22 4.78
CA GLN C 202 -4.20 3.53 5.24
C GLN C 202 -3.63 3.56 6.65
N ASN C 203 -3.90 2.52 7.44
CA ASN C 203 -3.84 2.63 8.90
C ASN C 203 -3.11 1.50 9.61
N ILE C 204 -2.44 1.83 10.72
CA ILE C 204 -2.19 0.85 11.79
C ILE C 204 -3.42 0.82 12.70
N ILE C 205 -4.11 -0.33 12.72
CA ILE C 205 -5.37 -0.46 13.46
C ILE C 205 -5.24 -1.40 14.68
N PRO C 206 -5.28 -0.83 15.90
CA PRO C 206 -5.36 -1.66 17.11
C PRO C 206 -6.60 -2.57 17.10
N SER C 207 -6.41 -3.83 17.49
CA SER C 207 -7.46 -4.82 17.40
C SER C 207 -7.34 -5.79 18.53
N SER C 208 -8.49 -6.21 19.04
CA SER C 208 -8.54 -7.09 20.21
C SER C 208 -8.62 -8.52 19.74
N THR C 209 -7.87 -9.39 20.41
CA THR C 209 -7.82 -10.79 20.02
C THR C 209 -7.97 -11.69 21.25
N GLY C 210 -8.62 -12.83 21.06
CA GLY C 210 -8.76 -13.82 22.11
C GLY C 210 -7.62 -14.82 22.11
N ALA C 211 -6.81 -14.80 21.04
CA ALA C 211 -5.88 -15.88 20.72
C ALA C 211 -4.86 -16.21 21.80
N ALA C 212 -4.52 -15.21 22.62
CA ALA C 212 -3.56 -15.38 23.73
C ALA C 212 -4.22 -16.07 24.92
N LYS C 213 -5.47 -15.68 25.21
CA LYS C 213 -6.29 -16.35 26.24
C LYS C 213 -6.68 -17.76 25.82
N ALA C 214 -6.99 -17.93 24.53
CA ALA C 214 -7.35 -19.23 23.96
C ALA C 214 -6.19 -20.23 24.00
N VAL C 215 -4.98 -19.73 24.23
CA VAL C 215 -3.83 -20.61 24.45
C VAL C 215 -4.05 -21.37 25.74
N GLY C 216 -4.72 -20.73 26.70
CA GLY C 216 -5.09 -21.34 27.98
C GLY C 216 -6.03 -22.52 27.82
N LYS C 217 -6.95 -22.44 26.88
CA LYS C 217 -7.83 -23.59 26.56
C LYS C 217 -7.07 -24.81 26.01
N VAL C 218 -6.17 -24.62 25.04
CA VAL C 218 -5.42 -25.74 24.42
C VAL C 218 -4.14 -26.11 25.19
N LEU C 219 -3.72 -25.22 26.08
CA LEU C 219 -2.67 -25.52 27.06
C LEU C 219 -3.16 -25.05 28.43
N PRO C 220 -3.94 -25.91 29.13
CA PRO C 220 -4.56 -25.54 30.39
C PRO C 220 -3.57 -25.10 31.46
N GLU C 221 -2.36 -25.65 31.39
CA GLU C 221 -1.30 -25.23 32.30
C GLU C 221 -0.97 -23.73 32.17
N LEU C 222 -1.40 -23.10 31.07
CA LEU C 222 -1.19 -21.66 30.85
C LEU C 222 -2.44 -20.77 31.04
N ASN C 223 -3.57 -21.35 31.43
CA ASN C 223 -4.78 -20.56 31.68
C ASN C 223 -4.51 -19.32 32.58
N GLY C 224 -5.04 -18.18 32.18
CA GLY C 224 -4.86 -16.94 32.94
C GLY C 224 -3.44 -16.39 33.00
N LYS C 225 -2.51 -16.95 32.24
CA LYS C 225 -1.09 -16.54 32.23
C LYS C 225 -0.67 -15.70 30.99
N LEU C 226 -1.49 -15.71 29.94
CA LEU C 226 -1.22 -14.93 28.73
C LEU C 226 -2.48 -14.19 28.32
N THR C 227 -2.29 -12.93 27.96
CA THR C 227 -3.30 -12.23 27.19
C THR C 227 -2.53 -11.35 26.20
N GLY C 228 -3.25 -10.68 25.31
CA GLY C 228 -2.57 -9.86 24.34
C GLY C 228 -3.50 -9.15 23.43
N MET C 229 -2.94 -8.61 22.35
CA MET C 229 -3.72 -7.88 21.35
C MET C 229 -3.03 -7.79 19.98
N ALA C 230 -3.70 -7.13 19.04
CA ALA C 230 -3.24 -7.07 17.68
C ALA C 230 -3.16 -5.64 17.15
N PHE C 231 -2.22 -5.44 16.23
CA PHE C 231 -2.21 -4.29 15.36
C PHE C 231 -2.38 -4.80 13.97
N ARG C 232 -3.52 -4.54 13.36
CA ARG C 232 -3.68 -4.79 11.93
C ARG C 232 -2.93 -3.72 11.13
N VAL C 233 -2.26 -4.13 10.07
CA VAL C 233 -1.42 -3.24 9.26
C VAL C 233 -1.58 -3.54 7.77
N PRO C 234 -1.21 -2.57 6.90
CA PRO C 234 -1.50 -2.65 5.48
C PRO C 234 -0.63 -3.64 4.70
N THR C 235 -0.74 -4.92 5.01
CA THR C 235 -0.10 -5.99 4.22
C THR C 235 -1.12 -7.07 3.99
N PRO C 236 -1.10 -7.69 2.80
CA PRO C 236 -2.22 -8.53 2.41
C PRO C 236 -2.13 -9.98 2.92
N ASN C 237 -0.96 -10.37 3.45
CA ASN C 237 -0.79 -11.69 4.03
C ASN C 237 0.48 -11.76 4.85
N VAL C 238 0.49 -12.68 5.82
CA VAL C 238 1.62 -12.95 6.73
C VAL C 238 1.59 -12.00 7.96
N SER C 239 1.65 -12.61 9.14
CA SER C 239 1.53 -11.88 10.38
C SER C 239 2.71 -12.32 11.24
N VAL C 240 2.91 -11.63 12.36
CA VAL C 240 4.00 -12.00 13.28
C VAL C 240 3.57 -11.83 14.74
N VAL C 241 4.00 -12.76 15.58
CA VAL C 241 3.71 -12.73 17.00
C VAL C 241 4.92 -12.19 17.74
N ASP C 242 4.64 -11.39 18.77
CA ASP C 242 5.62 -10.70 19.57
C ASP C 242 5.27 -11.06 21.04
N LEU C 243 6.00 -12.05 21.58
CA LEU C 243 5.71 -12.59 22.89
C LEU C 243 6.73 -12.14 23.94
N THR C 244 6.26 -11.32 24.88
CA THR C 244 7.08 -10.82 25.98
C THR C 244 6.74 -11.74 27.15
N VAL C 245 7.74 -12.43 27.67
CA VAL C 245 7.51 -13.40 28.75
C VAL C 245 8.46 -13.22 29.92
N ARG C 246 7.90 -13.37 31.13
CA ARG C 246 8.68 -13.61 32.36
C ARG C 246 8.87 -15.10 32.61
N LEU C 247 10.11 -15.53 32.79
CA LEU C 247 10.45 -16.94 32.91
C LEU C 247 10.82 -17.34 34.35
N GLU C 248 10.32 -18.49 34.78
CA GLU C 248 10.69 -19.06 36.10
C GLU C 248 12.18 -19.37 36.15
N LYS C 249 12.64 -20.19 35.21
CA LYS C 249 14.03 -20.61 35.16
CA LYS C 249 14.04 -20.61 35.15
C LYS C 249 14.85 -19.67 34.27
N ALA C 250 15.97 -19.17 34.79
CA ALA C 250 16.86 -18.30 34.01
C ALA C 250 17.29 -19.00 32.72
N ALA C 251 17.44 -18.22 31.65
CA ALA C 251 17.69 -18.75 30.32
C ALA C 251 18.39 -17.71 29.46
N THR C 252 19.55 -18.06 28.91
CA THR C 252 20.21 -17.22 27.92
C THR C 252 19.46 -17.32 26.62
N TYR C 253 19.53 -16.25 25.82
CA TYR C 253 18.94 -16.28 24.48
C TYR C 253 19.49 -17.48 23.68
N GLU C 254 20.75 -17.82 23.91
CA GLU C 254 21.37 -18.97 23.25
CA GLU C 254 21.38 -18.98 23.27
C GLU C 254 20.69 -20.29 23.66
N GLN C 255 20.26 -20.38 24.91
CA GLN C 255 19.51 -21.55 25.42
C GLN C 255 18.05 -21.56 24.96
N ILE C 256 17.45 -20.39 24.86
CA ILE C 256 16.13 -20.25 24.25
C ILE C 256 16.18 -20.74 22.81
N LYS C 257 17.19 -20.28 22.07
CA LYS C 257 17.39 -20.70 20.69
C LYS C 257 17.54 -22.22 20.57
N ALA C 258 18.45 -22.77 21.36
CA ALA C 258 18.69 -24.22 21.42
C ALA C 258 17.40 -24.99 21.59
N ALA C 259 16.56 -24.54 22.52
CA ALA C 259 15.30 -25.20 22.78
C ALA C 259 14.33 -25.07 21.60
N VAL C 260 14.19 -23.85 21.07
CA VAL C 260 13.28 -23.63 19.92
C VAL C 260 13.71 -24.48 18.72
N LYS C 261 15.01 -24.48 18.42
CA LYS C 261 15.56 -25.29 17.31
C LYS C 261 15.41 -26.82 17.53
N ALA C 262 15.69 -27.29 18.74
CA ALA C 262 15.52 -28.72 19.08
C ALA C 262 14.10 -29.17 18.87
N ALA C 263 13.14 -28.38 19.33
CA ALA C 263 11.71 -28.68 19.15
C ALA C 263 11.30 -28.62 17.68
N ALA C 264 11.92 -27.70 16.93
CA ALA C 264 11.63 -27.53 15.49
C ALA C 264 12.11 -28.72 14.66
N GLU C 265 13.24 -29.30 15.06
CA GLU C 265 13.79 -30.47 14.39
C GLU C 265 13.25 -31.78 14.97
N GLY C 266 12.60 -31.70 16.13
CA GLY C 266 12.18 -32.88 16.87
C GLY C 266 10.68 -33.02 16.91
N GLU C 267 10.08 -32.91 18.09
CA GLU C 267 8.66 -33.25 18.27
C GLU C 267 7.66 -32.29 17.62
N MET C 268 8.11 -31.12 17.16
CA MET C 268 7.22 -30.16 16.50
C MET C 268 7.65 -29.85 15.06
N LYS C 269 8.37 -30.80 14.44
CA LYS C 269 8.77 -30.69 13.04
C LYS C 269 7.56 -30.38 12.15
N GLY C 270 7.70 -29.36 11.31
CA GLY C 270 6.63 -28.99 10.37
C GLY C 270 5.52 -28.14 10.95
N VAL C 271 5.52 -27.98 12.27
CA VAL C 271 4.64 -27.07 12.97
C VAL C 271 5.41 -25.82 13.38
N LEU C 272 6.53 -26.05 14.09
CA LEU C 272 7.37 -25.00 14.64
C LEU C 272 8.61 -24.94 13.81
N GLY C 273 8.99 -23.73 13.38
CA GLY C 273 10.13 -23.53 12.51
C GLY C 273 11.10 -22.63 13.21
N TYR C 274 12.30 -22.50 12.66
CA TYR C 274 13.39 -21.72 13.24
C TYR C 274 14.28 -21.11 12.15
N THR C 275 14.55 -19.80 12.25
CA THR C 275 15.46 -19.15 11.31
C THR C 275 16.42 -18.18 11.99
N GLU C 276 17.63 -18.06 11.45
CA GLU C 276 18.57 -17.01 11.86
C GLU C 276 18.84 -16.02 10.71
N ASP C 277 18.04 -16.06 9.65
CA ASP C 277 18.29 -15.18 8.50
C ASP C 277 17.64 -13.80 8.71
N ASP C 278 17.96 -12.85 7.83
CA ASP C 278 17.43 -11.49 7.94
C ASP C 278 16.07 -11.41 7.23
N VAL C 279 15.09 -12.14 7.74
CA VAL C 279 13.83 -12.35 7.06
C VAL C 279 12.84 -11.20 7.26
N VAL C 280 11.94 -11.02 6.31
CA VAL C 280 10.86 -10.05 6.43
C VAL C 280 9.61 -10.81 6.12
N SER C 281 8.45 -10.15 6.10
CA SER C 281 7.17 -10.86 6.05
C SER C 281 6.93 -11.66 4.76
N THR C 282 7.29 -11.09 3.63
CA THR C 282 7.02 -11.75 2.35
C THR C 282 7.80 -13.05 2.20
N ASP C 283 8.84 -13.24 3.02
CA ASP C 283 9.58 -14.49 3.01
C ASP C 283 8.82 -15.67 3.57
N PHE C 284 7.71 -15.43 4.26
CA PHE C 284 6.90 -16.51 4.78
C PHE C 284 5.55 -16.61 4.06
N ASN C 285 5.47 -15.98 2.87
CA ASN C 285 4.28 -16.14 2.04
C ASN C 285 4.33 -17.51 1.42
N GLY C 286 3.32 -18.32 1.74
CA GLY C 286 3.31 -19.74 1.40
C GLY C 286 3.92 -20.66 2.45
N GLU C 287 4.20 -20.15 3.64
CA GLU C 287 4.82 -20.96 4.69
C GLU C 287 3.81 -21.99 5.26
N VAL C 288 4.25 -23.25 5.31
CA VAL C 288 3.43 -24.35 5.82
CA VAL C 288 3.43 -24.33 5.82
C VAL C 288 3.51 -24.41 7.35
N THR C 290 3.26 -23.47 11.03
CA THR C 290 2.33 -22.57 11.73
C THR C 290 3.00 -21.54 12.69
N SER C 291 4.29 -21.72 12.95
CA SER C 291 5.05 -20.81 13.80
C SER C 291 6.51 -20.90 13.39
N VAL C 292 7.08 -19.80 12.87
CA VAL C 292 8.51 -19.81 12.51
C VAL C 292 9.32 -18.81 13.32
N PHE C 293 10.15 -19.34 14.19
CA PHE C 293 10.91 -18.55 15.13
C PHE C 293 12.06 -17.79 14.47
N ASP C 294 12.11 -16.50 14.81
CA ASP C 294 13.06 -15.55 14.28
C ASP C 294 14.08 -15.21 15.38
N ALA C 295 15.20 -15.91 15.35
CA ALA C 295 16.25 -15.74 16.37
C ALA C 295 16.74 -14.29 16.48
N LYS C 296 17.05 -13.66 15.34
CA LYS C 296 17.69 -12.35 15.35
C LYS C 296 16.72 -11.20 15.67
N ALA C 297 15.43 -11.40 15.40
CA ALA C 297 14.41 -10.39 15.67
C ALA C 297 14.19 -10.15 17.19
N GLY C 298 14.27 -11.21 17.99
CA GLY C 298 13.98 -11.13 19.41
C GLY C 298 15.03 -10.41 20.23
N ILE C 299 14.69 -10.16 21.50
CA ILE C 299 15.58 -9.47 22.41
C ILE C 299 15.29 -9.81 23.89
N ALA C 300 16.36 -9.99 24.66
CA ALA C 300 16.29 -10.21 26.12
C ALA C 300 16.79 -8.97 26.87
N LEU C 301 16.05 -8.55 27.89
CA LEU C 301 16.51 -7.55 28.86
C LEU C 301 17.48 -8.25 29.83
N ASN C 302 17.05 -9.39 30.34
CA ASN C 302 17.84 -10.23 31.25
C ASN C 302 17.46 -11.69 31.01
N ASP C 303 17.96 -12.60 31.84
CA ASP C 303 17.71 -14.03 31.65
C ASP C 303 16.30 -14.48 32.08
N ASN C 304 15.51 -13.56 32.63
CA ASN C 304 14.13 -13.90 33.01
C ASN C 304 13.04 -13.08 32.30
N PHE C 305 13.45 -12.19 31.42
CA PHE C 305 12.52 -11.29 30.74
C PHE C 305 12.93 -11.10 29.29
N VAL C 306 12.14 -11.66 28.38
CA VAL C 306 12.53 -11.76 26.99
C VAL C 306 11.35 -11.47 26.07
N LYS C 307 11.67 -11.05 24.84
CA LYS C 307 10.70 -10.78 23.79
C LYS C 307 11.03 -11.70 22.64
N LEU C 308 10.10 -12.59 22.32
CA LEU C 308 10.31 -13.62 21.31
C LEU C 308 9.40 -13.35 20.11
N VAL C 309 9.95 -13.52 18.91
CA VAL C 309 9.27 -13.18 17.66
C VAL C 309 9.11 -14.43 16.77
N SER C 310 7.88 -14.69 16.33
CA SER C 310 7.59 -15.83 15.46
C SER C 310 6.63 -15.43 14.33
N TRP C 311 6.91 -15.94 13.15
CA TRP C 311 6.17 -15.59 11.95
C TRP C 311 5.10 -16.64 11.67
N TYR C 312 4.06 -16.23 10.96
CA TYR C 312 3.10 -17.17 10.39
C TYR C 312 2.34 -16.60 9.19
N ASP C 313 2.15 -17.44 8.17
CA ASP C 313 1.28 -17.16 7.04
C ASP C 313 -0.15 -17.47 7.48
N ASN C 314 -0.80 -16.50 8.11
CA ASN C 314 -2.18 -16.67 8.60
C ASN C 314 -3.10 -17.47 7.69
N GLU C 315 -2.93 -17.31 6.38
CA GLU C 315 -3.73 -18.09 5.44
C GLU C 315 -3.20 -19.51 5.31
N THR C 316 -1.94 -19.66 4.90
CA THR C 316 -1.46 -20.95 4.39
C THR C 316 -1.25 -21.96 5.50
N GLY C 317 -0.50 -21.59 6.53
CA GLY C 317 -0.21 -22.52 7.62
C GLY C 317 -1.45 -23.04 8.31
N TYR C 318 -2.41 -22.17 8.57
CA TYR C 318 -3.66 -22.57 9.22
C TYR C 318 -4.44 -23.51 8.33
N SER C 319 -4.49 -23.21 7.03
CA SER C 319 -5.21 -24.08 6.10
C SER C 319 -4.58 -25.48 6.09
N ASN C 320 -3.25 -25.54 6.16
CA ASN C 320 -2.54 -26.83 6.23
C ASN C 320 -2.87 -27.60 7.50
N LYS C 321 -2.86 -26.91 8.64
CA LYS C 321 -3.22 -27.54 9.92
C LYS C 321 -4.70 -27.88 10.07
N VAL C 322 -5.58 -27.17 9.38
CA VAL C 322 -6.99 -27.61 9.29
C VAL C 322 -7.02 -29.02 8.68
N LEU C 323 -6.27 -29.22 7.60
CA LEU C 323 -6.23 -30.50 6.91
C LEU C 323 -5.59 -31.59 7.77
N ASP C 324 -4.64 -31.19 8.62
CA ASP C 324 -4.02 -32.10 9.56
C ASP C 324 -5.02 -32.54 10.63
N LEU C 325 -5.87 -31.62 11.05
CA LEU C 325 -6.90 -31.91 12.04
C LEU C 325 -7.96 -32.84 11.46
N ILE C 326 -8.23 -32.70 10.16
CA ILE C 326 -9.17 -33.59 9.48
C ILE C 326 -8.61 -35.02 9.43
N ALA C 327 -7.33 -35.13 9.05
CA ALA C 327 -6.62 -36.42 8.99
C ALA C 327 -6.63 -37.11 10.36
N HIS C 328 -6.38 -36.32 11.40
CA HIS C 328 -6.21 -36.84 12.75
C HIS C 328 -7.50 -37.31 13.41
N ILE C 329 -8.56 -36.51 13.29
CA ILE C 329 -9.84 -36.87 13.90
C ILE C 329 -10.47 -38.10 13.22
N SER C 330 -10.06 -38.39 11.99
CA SER C 330 -10.61 -39.55 11.27
C SER C 330 -9.63 -40.75 11.20
N LYS C 331 -8.61 -40.74 12.07
CA LYS C 331 -7.74 -41.92 12.25
C LYS C 331 -8.50 -43.02 13.00
N MET D 1 25.91 -23.23 -25.26
CA MET D 1 27.10 -22.95 -24.39
CA MET D 1 27.12 -22.96 -24.43
C MET D 1 27.44 -21.47 -24.35
N VAL D 2 26.41 -20.62 -24.36
CA VAL D 2 26.62 -19.18 -24.08
C VAL D 2 27.10 -19.07 -22.64
N LYS D 3 27.99 -18.12 -22.39
CA LYS D 3 28.40 -17.79 -21.03
C LYS D 3 28.03 -16.32 -20.78
N VAL D 4 27.34 -16.07 -19.67
CA VAL D 4 26.96 -14.70 -19.35
C VAL D 4 27.60 -14.15 -18.06
N GLY D 5 28.05 -12.90 -18.18
CA GLY D 5 28.47 -12.10 -17.03
C GLY D 5 27.38 -11.08 -16.79
N ILE D 6 27.08 -10.81 -15.53
CA ILE D 6 26.07 -9.80 -15.19
C ILE D 6 26.73 -8.64 -14.49
N ASN D 7 26.49 -7.44 -14.99
CA ASN D 7 26.98 -6.23 -14.35
C ASN D 7 25.86 -5.49 -13.66
N GLY D 8 25.88 -5.54 -12.33
CA GLY D 8 24.87 -4.91 -11.50
C GLY D 8 23.89 -5.94 -11.00
N PHE D 9 23.85 -6.13 -9.69
CA PHE D 9 23.00 -7.17 -9.11
C PHE D 9 21.72 -6.62 -8.50
N GLY D 10 21.01 -5.81 -9.27
CA GLY D 10 19.73 -5.24 -8.87
C GLY D 10 18.54 -6.07 -9.27
N ARG D 11 17.37 -5.44 -9.39
CA ARG D 11 16.13 -6.15 -9.78
C ARG D 11 16.29 -6.95 -11.08
N ILE D 12 16.78 -6.28 -12.11
CA ILE D 12 16.94 -6.93 -13.41
C ILE D 12 18.05 -7.99 -13.35
N GLY D 13 19.22 -7.61 -12.83
CA GLY D 13 20.37 -8.50 -12.77
C GLY D 13 20.14 -9.76 -11.95
N ARG D 14 19.52 -9.64 -10.78
CA ARG D 14 19.18 -10.81 -9.95
C ARG D 14 18.15 -11.70 -10.63
N LEU D 15 17.14 -11.07 -11.23
CA LEU D 15 16.09 -11.84 -11.91
C LEU D 15 16.53 -12.40 -13.25
N VAL D 16 17.48 -11.74 -13.92
CA VAL D 16 18.16 -12.32 -15.07
C VAL D 16 18.90 -13.60 -14.66
N LEU D 17 19.68 -13.54 -13.58
CA LEU D 17 20.33 -14.76 -13.09
C LEU D 17 19.31 -15.87 -12.83
N ARG D 18 18.16 -15.52 -12.26
CA ARG D 18 17.08 -16.51 -12.00
C ARG D 18 16.59 -17.20 -13.24
N VAL D 19 16.25 -16.42 -14.26
CA VAL D 19 15.79 -17.00 -15.53
C VAL D 19 16.89 -17.85 -16.18
N CYS D 20 18.14 -17.47 -15.98
CA CYS D 20 19.28 -18.26 -16.47
C CYS D 20 19.44 -19.60 -15.73
N MET D 21 19.18 -19.60 -14.43
CA MET D 21 19.18 -20.85 -13.68
C MET D 21 18.09 -21.76 -14.21
N GLU D 22 16.94 -21.15 -14.51
CA GLU D 22 15.75 -21.84 -15.00
C GLU D 22 15.91 -22.44 -16.40
N LYS D 23 16.84 -21.93 -17.19
CA LYS D 23 17.02 -22.35 -18.59
C LYS D 23 18.34 -23.06 -18.85
N GLY D 24 19.15 -23.21 -17.80
CA GLY D 24 20.45 -23.84 -17.91
C GLY D 24 21.49 -22.98 -18.61
N VAL D 25 21.24 -21.68 -18.71
CA VAL D 25 22.23 -20.75 -19.22
C VAL D 25 23.25 -20.51 -18.12
N ARG D 26 24.52 -20.71 -18.44
CA ARG D 26 25.63 -20.57 -17.49
C ARG D 26 26.00 -19.08 -17.28
N VAL D 27 25.68 -18.58 -16.10
CA VAL D 27 26.18 -17.28 -15.64
C VAL D 27 27.50 -17.55 -14.94
N VAL D 28 28.57 -16.99 -15.47
CA VAL D 28 29.92 -17.29 -14.98
C VAL D 28 30.38 -16.28 -13.90
N ALA D 29 29.82 -15.07 -13.94
CA ALA D 29 30.24 -13.98 -13.05
C ALA D 29 29.17 -12.90 -12.89
N VAL D 30 29.16 -12.29 -11.71
CA VAL D 30 28.37 -11.11 -11.42
C VAL D 30 29.32 -10.04 -10.90
N ASN D 31 29.25 -8.84 -11.46
CA ASN D 31 30.01 -7.72 -10.92
C ASN D 31 29.09 -6.74 -10.26
N ASP D 32 29.36 -6.46 -8.98
CA ASP D 32 28.69 -5.36 -8.29
C ASP D 32 29.58 -4.84 -7.15
N PRO D 33 30.07 -3.61 -7.29
CA PRO D 33 30.98 -3.09 -6.24
C PRO D 33 30.33 -2.75 -4.88
N PHE D 34 29.01 -2.81 -4.79
CA PHE D 34 28.25 -2.40 -3.61
C PHE D 34 27.55 -3.55 -2.91
N ILE D 35 27.65 -4.75 -3.49
CA ILE D 35 27.10 -5.95 -2.90
C ILE D 35 28.21 -6.97 -2.91
N ASP D 36 28.56 -7.46 -1.73
CA ASP D 36 29.58 -8.49 -1.60
C ASP D 36 28.92 -9.88 -1.66
N PRO D 37 29.74 -10.92 -1.80
CA PRO D 37 29.22 -12.28 -1.94
C PRO D 37 28.18 -12.68 -0.90
N GLU D 38 28.47 -12.42 0.36
CA GLU D 38 27.54 -12.74 1.44
C GLU D 38 26.20 -12.05 1.22
N TYR D 39 26.26 -10.79 0.80
CA TYR D 39 25.08 -9.97 0.63
C TYR D 39 24.32 -10.33 -0.67
N MET D 40 25.05 -10.72 -1.72
CA MET D 40 24.41 -11.25 -2.92
C MET D 40 23.56 -12.46 -2.61
N VAL D 41 24.09 -13.37 -1.81
CA VAL D 41 23.34 -14.56 -1.38
C VAL D 41 21.98 -14.18 -0.78
N TYR D 42 22.00 -13.26 0.18
CA TYR D 42 20.77 -12.83 0.84
C TYR D 42 19.76 -12.18 -0.14
N MET D 43 20.25 -11.35 -1.06
CA MET D 43 19.39 -10.61 -1.99
C MET D 43 18.80 -11.55 -3.05
N PHE D 44 19.56 -12.59 -3.38
CA PHE D 44 19.12 -13.57 -4.38
C PHE D 44 18.21 -14.63 -3.79
N LYS D 45 18.53 -15.10 -2.58
CA LYS D 45 17.75 -16.13 -1.89
C LYS D 45 16.33 -15.67 -1.53
N TYR D 46 16.18 -14.44 -1.08
CA TYR D 46 14.87 -13.94 -0.68
C TYR D 46 14.42 -12.83 -1.59
N ASP D 47 13.18 -12.92 -2.10
CA ASP D 47 12.57 -11.88 -2.94
C ASP D 47 11.15 -11.54 -2.50
N SER D 48 10.87 -10.27 -2.24
CA SER D 48 9.53 -9.86 -1.77
C SER D 48 8.42 -10.07 -2.79
N THR D 49 8.80 -9.92 -4.06
CA THR D 49 7.85 -9.94 -5.17
C THR D 49 7.73 -11.33 -5.75
N HIS D 50 8.87 -11.99 -6.00
CA HIS D 50 8.88 -13.27 -6.73
C HIS D 50 9.17 -14.46 -5.83
N GLY D 51 9.25 -14.19 -4.52
CA GLY D 51 9.33 -15.26 -3.53
C GLY D 51 10.74 -15.78 -3.36
N ARG D 52 10.89 -16.73 -2.45
CA ARG D 52 12.17 -17.40 -2.20
C ARG D 52 12.63 -18.09 -3.44
N TYR D 53 13.94 -18.06 -3.66
CA TYR D 53 14.53 -18.82 -4.75
C TYR D 53 14.39 -20.32 -4.48
N LYS D 54 13.81 -21.02 -5.45
CA LYS D 54 13.55 -22.45 -5.35
C LYS D 54 14.78 -23.21 -5.80
N GLY D 55 15.56 -23.63 -4.81
CA GLY D 55 16.93 -24.08 -5.03
C GLY D 55 17.79 -23.61 -3.88
N THR D 56 19.10 -23.77 -3.98
CA THR D 56 20.00 -23.42 -2.89
C THR D 56 20.93 -22.29 -3.31
N VAL D 57 21.26 -21.44 -2.34
CA VAL D 57 22.14 -20.31 -2.55
C VAL D 57 23.09 -20.18 -1.35
N GLU D 58 24.38 -20.37 -1.60
CA GLU D 58 25.41 -20.24 -0.57
C GLU D 58 26.57 -19.38 -1.07
N HIS D 59 27.50 -19.06 -0.18
CA HIS D 59 28.75 -18.42 -0.58
C HIS D 59 29.96 -19.23 -0.12
N LYS D 60 30.92 -19.39 -1.01
CA LYS D 60 32.09 -20.21 -0.74
C LYS D 60 33.31 -19.58 -1.39
N ASN D 61 34.33 -19.29 -0.59
CA ASN D 61 35.58 -18.73 -1.11
C ASN D 61 35.40 -17.52 -2.02
N GLY D 62 34.51 -16.61 -1.63
CA GLY D 62 34.24 -15.40 -2.39
C GLY D 62 33.49 -15.67 -3.69
N ARG D 63 32.77 -16.78 -3.74
CA ARG D 63 31.95 -17.10 -4.88
C ARG D 63 30.51 -17.27 -4.44
N LEU D 64 29.62 -16.87 -5.33
CA LEU D 64 28.19 -17.08 -5.20
C LEU D 64 27.99 -18.49 -5.71
N VAL D 65 27.27 -19.32 -4.96
CA VAL D 65 27.09 -20.71 -5.35
C VAL D 65 25.59 -21.00 -5.37
N VAL D 66 25.04 -21.08 -6.58
CA VAL D 66 23.61 -21.24 -6.81
C VAL D 66 23.38 -22.62 -7.39
N ASP D 67 22.66 -23.44 -6.65
CA ASP D 67 22.37 -24.83 -7.05
C ASP D 67 23.66 -25.59 -7.39
N ASN D 68 24.71 -25.34 -6.60
CA ASN D 68 26.04 -25.96 -6.72
C ASN D 68 26.91 -25.43 -7.85
N LEU D 69 26.38 -24.43 -8.56
CA LEU D 69 27.09 -23.80 -9.66
C LEU D 69 27.76 -22.55 -9.11
N GLU D 70 29.08 -22.54 -9.23
CA GLU D 70 29.90 -21.47 -8.71
C GLU D 70 29.92 -20.30 -9.69
N ILE D 71 29.80 -19.10 -9.13
CA ILE D 71 29.72 -17.88 -9.90
C ILE D 71 30.72 -16.92 -9.25
N ASN D 72 31.58 -16.32 -10.06
CA ASN D 72 32.58 -15.40 -9.55
C ASN D 72 31.95 -14.05 -9.25
N VAL D 73 32.41 -13.45 -8.16
CA VAL D 73 31.89 -12.16 -7.75
C VAL D 73 33.00 -11.16 -7.91
N PHE D 74 32.72 -10.09 -8.65
CA PHE D 74 33.66 -9.01 -8.79
C PHE D 74 33.11 -7.81 -8.09
N GLN D 75 33.96 -6.81 -7.89
CA GLN D 75 33.60 -5.66 -7.08
C GLN D 75 34.17 -4.38 -7.71
N LYS D 77 34.16 -0.86 -9.97
CA LYS D 77 33.32 0.28 -10.38
C LYS D 77 33.18 0.46 -11.90
N GLU D 78 34.24 0.15 -12.64
N GLU D 78 34.24 0.20 -12.65
CA GLU D 78 34.30 0.43 -14.07
CA GLU D 78 34.26 0.46 -14.08
C GLU D 78 34.29 -0.86 -14.90
C GLU D 78 34.27 -0.84 -14.90
N PRO D 79 33.41 -0.93 -15.94
CA PRO D 79 33.37 -2.03 -16.92
C PRO D 79 34.73 -2.46 -17.49
N LYS D 80 35.61 -1.49 -17.77
CA LYS D 80 36.92 -1.78 -18.37
C LYS D 80 37.92 -2.46 -17.41
N GLU D 81 37.60 -2.50 -16.12
CA GLU D 81 38.47 -3.12 -15.11
CA GLU D 81 38.47 -3.11 -15.12
C GLU D 81 37.96 -4.50 -14.70
N ILE D 82 36.77 -4.88 -15.15
CA ILE D 82 36.19 -6.17 -14.75
C ILE D 82 36.91 -7.32 -15.49
N PRO D 83 37.31 -8.38 -14.74
CA PRO D 83 38.06 -9.50 -15.32
C PRO D 83 37.26 -10.49 -16.13
N TRP D 84 36.51 -10.02 -17.13
CA TRP D 84 35.69 -10.91 -17.97
C TRP D 84 36.53 -12.03 -18.62
N SER D 85 37.75 -11.66 -19.01
CA SER D 85 38.77 -12.59 -19.52
C SER D 85 39.12 -13.75 -18.60
N SER D 86 39.08 -13.52 -17.29
CA SER D 86 39.43 -14.56 -16.33
C SER D 86 38.32 -15.59 -16.16
N VAL D 87 37.11 -15.23 -16.62
CA VAL D 87 35.94 -16.13 -16.55
C VAL D 87 35.39 -16.51 -17.92
N GLY D 88 36.28 -16.51 -18.90
CA GLY D 88 35.95 -17.10 -20.21
C GLY D 88 35.17 -16.21 -21.16
N ASN D 89 35.39 -14.90 -21.08
CA ASN D 89 34.93 -13.96 -22.09
C ASN D 89 33.44 -14.04 -22.39
N PRO D 90 32.60 -13.90 -21.37
CA PRO D 90 31.18 -14.06 -21.57
C PRO D 90 30.53 -12.87 -22.33
N TYR D 91 29.24 -13.03 -22.63
CA TYR D 91 28.39 -11.92 -23.05
C TYR D 91 28.00 -11.23 -21.77
N VAL D 92 28.06 -9.91 -21.73
CA VAL D 92 27.69 -9.20 -20.50
C VAL D 92 26.30 -8.55 -20.57
N VAL D 93 25.46 -8.90 -19.58
CA VAL D 93 24.21 -8.19 -19.31
C VAL D 93 24.53 -6.94 -18.45
N GLU D 94 24.49 -5.78 -19.11
CA GLU D 94 24.76 -4.49 -18.48
C GLU D 94 23.50 -3.94 -17.80
N ALA D 95 23.33 -4.29 -16.52
CA ALA D 95 22.11 -3.98 -15.78
C ALA D 95 22.25 -2.93 -14.66
N THR D 96 23.19 -2.00 -14.79
CA THR D 96 23.42 -0.99 -13.75
C THR D 96 22.55 0.23 -13.96
N GLY D 97 22.26 0.52 -15.22
CA GLY D 97 21.52 1.73 -15.61
C GLY D 97 22.43 2.93 -15.74
N VAL D 98 23.74 2.70 -15.65
CA VAL D 98 24.74 3.76 -15.59
C VAL D 98 25.61 3.79 -16.85
N TYR D 99 25.75 2.67 -17.56
CA TYR D 99 26.59 2.62 -18.77
C TYR D 99 25.70 2.30 -19.96
N LEU D 100 25.08 3.32 -20.52
CA LEU D 100 23.99 3.15 -21.47
C LEU D 100 24.38 3.46 -22.91
N SER D 101 25.45 4.24 -23.11
CA SER D 101 25.96 4.54 -24.46
C SER D 101 26.86 3.42 -24.96
N ILE D 102 26.92 3.27 -26.28
CA ILE D 102 27.87 2.38 -26.91
C ILE D 102 29.27 2.54 -26.30
N GLU D 103 29.72 3.79 -26.20
CA GLU D 103 31.02 4.07 -25.62
C GLU D 103 31.17 3.56 -24.18
N ALA D 104 30.13 3.72 -23.36
CA ALA D 104 30.17 3.32 -21.95
C ALA D 104 30.19 1.78 -21.78
N ALA D 105 29.31 1.09 -22.51
CA ALA D 105 29.15 -0.36 -22.37
C ALA D 105 30.28 -1.15 -23.04
N SER D 106 30.96 -0.51 -23.98
CA SER D 106 32.17 -1.05 -24.62
C SER D 106 33.36 -1.27 -23.68
N GLY D 107 33.43 -0.57 -22.55
CA GLY D 107 34.39 -0.93 -21.51
C GLY D 107 34.44 -2.43 -21.19
N HIS D 108 33.29 -3.08 -21.22
CA HIS D 108 33.21 -4.52 -21.01
C HIS D 108 33.94 -5.26 -22.12
N ILE D 109 33.93 -4.69 -23.33
CA ILE D 109 34.59 -5.32 -24.47
C ILE D 109 36.11 -5.16 -24.31
N SER D 110 36.55 -4.02 -23.79
CA SER D 110 37.98 -3.79 -23.51
C SER D 110 38.46 -4.83 -22.52
N SER D 111 37.67 -5.09 -21.48
CA SER D 111 38.05 -6.04 -20.43
C SER D 111 37.67 -7.52 -20.70
N GLY D 112 37.30 -7.86 -21.92
CA GLY D 112 37.24 -9.26 -22.33
C GLY D 112 35.88 -9.83 -22.67
N ALA D 113 34.83 -9.00 -22.60
CA ALA D 113 33.50 -9.47 -22.95
C ALA D 113 33.41 -9.66 -24.46
N ARG D 114 32.58 -10.61 -24.90
CA ARG D 114 32.36 -10.86 -26.33
C ARG D 114 31.24 -10.00 -26.89
N ARG D 115 30.15 -9.88 -26.13
CA ARG D 115 29.03 -9.00 -26.46
C ARG D 115 28.51 -8.26 -25.23
N VAL D 116 27.77 -7.17 -25.43
CA VAL D 116 27.03 -6.53 -24.33
C VAL D 116 25.58 -6.34 -24.69
N ILE D 117 24.69 -6.71 -23.76
CA ILE D 117 23.28 -6.32 -23.81
C ILE D 117 23.04 -5.27 -22.72
N VAL D 118 22.66 -4.07 -23.14
CA VAL D 118 22.22 -3.03 -22.23
C VAL D 118 20.76 -3.30 -21.93
N THR D 119 20.43 -3.40 -20.64
CA THR D 119 19.09 -3.75 -20.22
C THR D 119 18.22 -2.52 -20.06
N ALA D 120 18.33 -1.58 -21.01
CA ALA D 120 17.54 -0.37 -21.00
C ALA D 120 17.70 0.32 -22.35
N PRO D 121 16.85 1.31 -22.65
CA PRO D 121 17.04 2.19 -23.82
C PRO D 121 18.44 2.78 -23.88
N SER D 122 19.05 2.77 -25.06
CA SER D 122 20.35 3.39 -25.27
C SER D 122 20.20 4.60 -26.19
N PRO D 123 20.96 5.68 -25.92
CA PRO D 123 20.93 6.79 -26.86
C PRO D 123 21.44 6.42 -28.27
N ASP D 124 22.36 5.46 -28.36
CA ASP D 124 22.93 5.07 -29.67
C ASP D 124 22.95 3.56 -29.99
N ALA D 125 23.04 2.68 -28.99
CA ALA D 125 23.06 1.24 -29.26
C ALA D 125 21.75 0.81 -29.94
N PRO D 126 21.85 -0.12 -30.92
CA PRO D 126 20.67 -0.70 -31.58
C PRO D 126 19.70 -1.38 -30.62
N MET D 127 18.41 -1.05 -30.73
CA MET D 127 17.36 -1.73 -29.99
C MET D 127 16.90 -2.94 -30.73
N LEU D 128 16.58 -3.97 -29.97
CA LEU D 128 16.19 -5.27 -30.50
C LEU D 128 15.15 -5.84 -29.54
N VAL D 129 13.90 -5.85 -30.01
CA VAL D 129 12.77 -6.41 -29.28
C VAL D 129 12.43 -7.74 -29.96
N MET D 130 12.54 -8.81 -29.19
CA MET D 130 12.29 -10.16 -29.66
C MET D 130 10.84 -10.23 -30.09
N GLY D 131 10.60 -10.87 -31.22
CA GLY D 131 9.25 -10.93 -31.81
C GLY D 131 9.01 -9.82 -32.84
N VAL D 132 9.86 -8.80 -32.81
CA VAL D 132 9.66 -7.61 -33.63
C VAL D 132 10.81 -7.37 -34.63
N ASN D 133 12.05 -7.36 -34.15
CA ASN D 133 13.17 -6.97 -34.99
C ASN D 133 14.52 -7.55 -34.54
N GLU D 134 14.52 -8.71 -33.88
CA GLU D 134 15.79 -9.29 -33.45
C GLU D 134 16.68 -9.69 -34.63
N LYS D 135 16.07 -9.94 -35.80
CA LYS D 135 16.83 -10.21 -37.01
C LYS D 135 17.64 -9.02 -37.52
N ASP D 136 17.45 -7.83 -36.94
CA ASP D 136 18.28 -6.67 -37.27
C ASP D 136 19.68 -6.77 -36.69
N TYR D 137 19.87 -7.67 -35.73
CA TYR D 137 21.19 -7.88 -35.13
C TYR D 137 22.19 -8.25 -36.21
N ASN D 138 23.29 -7.49 -36.26
CA ASN D 138 24.43 -7.77 -37.11
C ASN D 138 25.66 -8.17 -36.27
N PRO D 139 25.94 -9.47 -36.17
CA PRO D 139 27.10 -9.92 -35.38
C PRO D 139 28.42 -9.37 -35.90
N GLY D 140 28.46 -9.07 -37.19
CA GLY D 140 29.64 -8.51 -37.83
C GLY D 140 29.94 -7.08 -37.44
N SER D 141 28.92 -6.31 -37.04
CA SER D 141 29.09 -4.90 -36.75
C SER D 141 28.65 -4.44 -35.35
N MET D 142 27.92 -5.29 -34.62
CA MET D 142 27.35 -4.89 -33.33
C MET D 142 27.86 -5.75 -32.22
N THR D 143 28.68 -5.18 -31.34
CA THR D 143 29.12 -5.85 -30.11
C THR D 143 28.37 -5.31 -28.87
N VAL D 144 27.72 -4.16 -29.02
CA VAL D 144 26.86 -3.59 -28.00
C VAL D 144 25.46 -3.35 -28.55
N VAL D 145 24.48 -4.01 -27.94
CA VAL D 145 23.05 -3.84 -28.28
C VAL D 145 22.20 -3.47 -27.03
N SER D 146 21.00 -2.97 -27.31
CA SER D 146 20.03 -2.59 -26.28
C SER D 146 18.79 -3.43 -26.46
N ASN D 147 18.26 -3.96 -25.36
CA ASN D 147 17.01 -4.71 -25.36
C ASN D 147 15.79 -3.82 -25.07
N ALA D 148 15.93 -2.51 -25.27
CA ALA D 148 14.84 -1.54 -25.12
C ALA D 148 14.33 -1.48 -23.66
N SER D 149 13.17 -0.84 -23.45
CA SER D 149 12.50 -0.84 -22.15
C SER D 149 11.51 -2.01 -21.98
N THR D 151 8.38 -1.48 -21.24
CA THR D 151 7.18 -0.95 -21.85
C THR D 151 7.23 -1.10 -23.35
N THR D 152 8.42 -0.89 -23.92
CA THR D 152 8.63 -1.03 -25.36
C THR D 152 8.43 -2.49 -25.78
N ASN D 153 8.87 -3.43 -24.93
CA ASN D 153 8.65 -4.86 -25.19
C ASN D 153 7.20 -5.30 -25.06
N CYS D 154 6.40 -4.49 -24.37
CA CYS D 154 4.97 -4.73 -24.31
C CYS D 154 4.21 -4.11 -25.48
N LEU D 155 4.52 -2.85 -25.79
CA LEU D 155 3.84 -2.11 -26.85
C LEU D 155 4.18 -2.65 -28.25
N ALA D 156 5.45 -2.97 -28.49
CA ALA D 156 5.91 -3.30 -29.85
C ALA D 156 5.26 -4.55 -30.48
N PRO D 157 5.28 -5.70 -29.79
CA PRO D 157 4.63 -6.91 -30.35
C PRO D 157 3.13 -6.69 -30.65
N LEU D 158 2.43 -6.00 -29.75
CA LEU D 158 1.06 -5.61 -29.98
C LEU D 158 0.95 -4.67 -31.18
N ALA D 159 1.74 -3.61 -31.17
CA ALA D 159 1.71 -2.59 -32.22
C ALA D 159 2.03 -3.15 -33.61
N LYS D 160 2.94 -4.11 -33.66
CA LYS D 160 3.25 -4.84 -34.91
C LYS D 160 2.02 -5.56 -35.47
N VAL D 161 1.40 -6.39 -34.66
CA VAL D 161 0.21 -7.16 -35.07
C VAL D 161 -0.90 -6.25 -35.61
N ILE D 162 -1.11 -5.12 -34.94
CA ILE D 162 -2.21 -4.22 -35.27
C ILE D 162 -1.89 -3.40 -36.51
N HIS D 163 -0.63 -3.07 -36.71
CA HIS D 163 -0.23 -2.26 -37.86
C HIS D 163 -0.28 -3.08 -39.14
N GLU D 164 0.35 -4.25 -39.08
CA GLU D 164 0.32 -5.17 -40.19
C GLU D 164 -1.11 -5.52 -40.64
N ARG D 165 -2.00 -5.78 -39.68
CA ARG D 165 -3.34 -6.25 -40.01
C ARG D 165 -4.29 -5.12 -40.44
N PHE D 166 -4.20 -3.98 -39.76
CA PHE D 166 -5.15 -2.89 -39.89
C PHE D 166 -4.55 -1.51 -40.21
N GLY D 167 -3.24 -1.34 -39.95
CA GLY D 167 -2.57 -0.06 -40.10
C GLY D 167 -2.87 0.91 -38.96
N ILE D 168 -1.85 1.28 -38.19
CA ILE D 168 -1.98 2.36 -37.21
C ILE D 168 -1.65 3.69 -37.88
N VAL D 169 -2.66 4.53 -38.06
CA VAL D 169 -2.45 5.85 -38.60
C VAL D 169 -1.76 6.71 -37.55
N GLU D 170 -2.25 6.60 -36.32
CA GLU D 170 -1.66 7.29 -35.19
C GLU D 170 -2.12 6.65 -33.90
N GLY D 171 -1.31 6.78 -32.85
CA GLY D 171 -1.62 6.26 -31.53
C GLY D 171 -1.06 7.05 -30.37
N LEU D 172 -1.79 7.09 -29.28
CA LEU D 172 -1.30 7.63 -28.03
C LEU D 172 -1.41 6.55 -26.94
N MET D 173 -0.27 6.26 -26.30
CA MET D 173 -0.14 5.26 -25.25
C MET D 173 -0.12 5.89 -23.84
N THR D 174 -0.80 5.23 -22.91
CA THR D 174 -0.45 5.35 -21.48
C THR D 174 -0.08 4.01 -20.89
N THR D 175 1.07 3.93 -20.20
CA THR D 175 1.34 2.79 -19.31
C THR D 175 1.08 3.17 -17.85
N VAL D 176 0.21 2.40 -17.19
CA VAL D 176 0.01 2.50 -15.74
C VAL D 176 1.01 1.52 -15.13
N HIS D 177 2.01 2.06 -14.46
CA HIS D 177 3.23 1.33 -14.22
C HIS D 177 3.52 1.19 -12.75
N ALA D 178 4.00 0.01 -12.37
CA ALA D 178 4.44 -0.23 -11.01
C ALA D 178 5.59 0.72 -10.64
N TYR D 179 5.79 0.92 -9.34
CA TYR D 179 6.96 1.67 -8.90
C TYR D 179 8.22 0.80 -9.00
N THR D 180 9.36 1.47 -9.06
CA THR D 180 10.68 0.85 -9.29
C THR D 180 11.71 1.42 -8.29
N ALA D 181 12.95 0.96 -8.42
CA ALA D 181 14.03 1.38 -7.53
C ALA D 181 14.38 2.90 -7.57
N THR D 182 14.06 3.57 -8.67
CA THR D 182 14.40 4.99 -8.81
C THR D 182 13.53 5.89 -7.94
N GLN D 183 12.33 5.41 -7.57
CA GLN D 183 11.37 6.16 -6.76
C GLN D 183 11.71 6.14 -5.28
N LYS D 184 10.94 6.89 -4.50
CA LYS D 184 11.22 7.12 -3.07
C LYS D 184 10.08 6.63 -2.18
N THR D 185 10.38 6.25 -0.94
CA THR D 185 9.36 5.71 -0.02
C THR D 185 8.47 6.80 0.57
N VAL D 186 9.08 7.95 0.81
CA VAL D 186 8.39 9.14 1.29
C VAL D 186 8.95 10.27 0.42
N ASP D 187 8.26 11.40 0.35
CA ASP D 187 8.74 12.52 -0.46
C ASP D 187 10.22 12.79 -0.20
N GLY D 188 11.03 12.72 -1.25
CA GLY D 188 12.45 12.97 -1.15
C GLY D 188 13.04 13.54 -2.43
N PRO D 189 14.36 13.69 -2.46
CA PRO D 189 15.03 14.35 -3.57
C PRO D 189 15.15 13.50 -4.83
N SER D 190 14.77 14.11 -5.95
CA SER D 190 14.89 13.55 -7.28
C SER D 190 15.04 14.76 -8.20
N LYS D 191 16.28 15.24 -8.26
CA LYS D 191 16.64 16.49 -8.96
C LYS D 191 16.16 16.54 -10.41
N LYS D 192 16.25 15.40 -11.09
CA LYS D 192 15.95 15.32 -12.53
C LYS D 192 14.52 14.86 -12.86
N ASP D 193 13.67 14.77 -11.84
CA ASP D 193 12.29 14.30 -12.01
C ASP D 193 11.55 14.54 -10.70
N TRP D 194 11.04 15.74 -10.54
CA TRP D 194 10.47 16.19 -9.28
C TRP D 194 9.30 15.32 -8.79
N ARG D 195 8.42 14.92 -9.73
CA ARG D 195 7.29 14.05 -9.40
C ARG D 195 7.76 12.68 -8.90
N GLY D 196 8.88 12.22 -9.44
CA GLY D 196 9.35 10.86 -9.14
C GLY D 196 10.01 10.70 -7.79
N GLY D 197 10.22 11.81 -7.08
CA GLY D 197 10.72 11.78 -5.71
C GLY D 197 9.60 11.71 -4.68
N ARG D 198 8.39 12.05 -5.08
CA ARG D 198 7.23 12.00 -4.16
C ARG D 198 6.92 10.56 -3.83
N GLY D 199 6.52 10.33 -2.58
CA GLY D 199 6.33 9.00 -2.03
C GLY D 199 5.59 8.06 -2.95
N ALA D 200 6.22 6.95 -3.30
CA ALA D 200 5.73 6.02 -4.31
C ALA D 200 4.43 5.34 -3.89
N HIS D 201 4.30 5.10 -2.60
CA HIS D 201 3.20 4.32 -2.04
C HIS D 201 1.90 5.13 -1.81
N GLN D 202 2.04 6.45 -1.64
CA GLN D 202 0.90 7.33 -1.41
C GLN D 202 0.26 7.88 -2.68
N ASN D 203 0.97 7.82 -3.80
CA ASN D 203 0.68 8.67 -4.96
C ASN D 203 0.48 7.96 -6.31
N ILE D 204 -0.41 8.53 -7.14
CA ILE D 204 -0.39 8.34 -8.60
C ILE D 204 0.52 9.43 -9.14
N ILE D 205 1.58 9.04 -9.84
CA ILE D 205 2.62 9.97 -10.28
C ILE D 205 2.75 9.98 -11.80
N PRO D 206 2.35 11.08 -12.45
CA PRO D 206 2.58 11.23 -13.89
C PRO D 206 4.06 11.14 -14.21
N SER D 207 4.39 10.38 -15.24
CA SER D 207 5.79 10.15 -15.52
C SER D 207 6.00 10.07 -17.02
N SER D 208 7.25 10.21 -17.46
CA SER D 208 7.62 10.22 -18.88
C SER D 208 8.07 8.86 -19.37
N THR D 209 7.91 8.65 -20.68
CA THR D 209 8.44 7.48 -21.39
C THR D 209 8.80 7.93 -22.79
N GLY D 210 9.76 7.24 -23.40
CA GLY D 210 9.97 7.31 -24.82
C GLY D 210 9.64 5.95 -25.44
N ALA D 211 8.86 5.15 -24.74
CA ALA D 211 8.55 3.80 -25.17
C ALA D 211 7.78 3.75 -26.50
N ALA D 212 6.83 4.67 -26.65
CA ALA D 212 5.98 4.70 -27.85
C ALA D 212 6.72 5.26 -29.07
N LYS D 213 7.58 6.27 -28.85
CA LYS D 213 8.52 6.71 -29.88
C LYS D 213 9.52 5.60 -30.26
N ALA D 214 10.08 4.95 -29.25
CA ALA D 214 11.01 3.81 -29.45
C ALA D 214 10.44 2.70 -30.35
N VAL D 215 9.13 2.50 -30.33
CA VAL D 215 8.49 1.55 -31.23
C VAL D 215 8.68 1.95 -32.70
N GLY D 216 8.63 3.25 -32.97
CA GLY D 216 8.97 3.77 -34.30
C GLY D 216 10.37 3.47 -34.79
N LYS D 217 11.30 3.22 -33.88
CA LYS D 217 12.64 2.75 -34.21
C LYS D 217 12.68 1.25 -34.55
N VAL D 218 12.02 0.41 -33.76
CA VAL D 218 12.06 -1.05 -33.99
C VAL D 218 11.07 -1.52 -35.06
N ILE D 219 10.01 -0.75 -35.26
CA ILE D 219 9.10 -0.91 -36.39
C ILE D 219 9.12 0.42 -37.15
N PRO D 220 9.97 0.53 -38.19
CA PRO D 220 10.20 1.84 -38.81
C PRO D 220 8.98 2.50 -39.46
N GLU D 221 7.97 1.72 -39.86
CA GLU D 221 6.73 2.29 -40.42
C GLU D 221 5.91 3.06 -39.39
N LEU D 222 6.13 2.75 -38.10
CA LEU D 222 5.42 3.45 -37.02
C LEU D 222 6.18 4.68 -36.50
N ASN D 223 7.31 5.01 -37.14
CA ASN D 223 8.10 6.19 -36.80
C ASN D 223 7.25 7.46 -36.94
N GLY D 224 7.14 8.25 -35.87
CA GLY D 224 6.36 9.48 -35.89
C GLY D 224 4.86 9.32 -35.72
N LYS D 225 4.39 8.10 -35.45
CA LYS D 225 2.94 7.86 -35.37
C LYS D 225 2.44 7.43 -33.98
N LEU D 226 3.35 7.28 -33.03
CA LEU D 226 3.03 6.90 -31.67
C LEU D 226 3.79 7.79 -30.72
N THR D 227 3.09 8.26 -29.69
CA THR D 227 3.78 8.77 -28.51
C THR D 227 2.98 8.40 -27.27
N GLY D 228 3.44 8.83 -26.10
CA GLY D 228 2.72 8.47 -24.88
C GLY D 228 3.31 8.99 -23.59
N MET D 229 2.73 8.52 -22.51
CA MET D 229 3.21 8.85 -21.17
C MET D 229 2.93 7.72 -20.18
N ALA D 230 3.20 7.99 -18.90
CA ALA D 230 3.06 6.99 -17.86
C ALA D 230 2.46 7.56 -16.59
N PHE D 231 1.86 6.67 -15.79
CA PHE D 231 1.46 6.95 -14.43
C PHE D 231 2.07 5.86 -13.56
N ARG D 232 2.92 6.24 -12.62
CA ARG D 232 3.47 5.31 -11.63
C ARG D 232 2.49 5.22 -10.45
N VAL D 233 2.19 4.00 -10.04
CA VAL D 233 1.14 3.76 -9.04
C VAL D 233 1.67 2.83 -7.96
N PRO D 234 1.03 2.80 -6.76
CA PRO D 234 1.49 2.01 -5.61
C PRO D 234 1.41 0.48 -5.75
N THR D 235 2.03 -0.06 -6.79
CA THR D 235 2.21 -1.52 -6.90
C THR D 235 3.68 -1.83 -7.12
N PRO D 236 4.16 -2.94 -6.55
CA PRO D 236 5.57 -3.32 -6.55
C PRO D 236 6.05 -3.93 -7.86
N ASN D 237 5.12 -4.37 -8.70
CA ASN D 237 5.48 -5.04 -9.95
C ASN D 237 4.26 -5.42 -10.79
N VAL D 238 4.50 -5.54 -12.10
CA VAL D 238 3.46 -5.73 -13.12
C VAL D 238 2.86 -4.40 -13.53
N SER D 239 2.90 -4.13 -14.84
CA SER D 239 2.42 -2.88 -15.41
C SER D 239 1.47 -3.20 -16.57
N VAL D 240 0.85 -2.17 -17.12
CA VAL D 240 -0.08 -2.35 -18.20
C VAL D 240 -0.04 -1.18 -19.19
N VAL D 241 -0.03 -1.48 -20.49
CA VAL D 241 -0.11 -0.44 -21.53
C VAL D 241 -1.55 -0.27 -22.03
N ASP D 242 -1.89 1.00 -22.23
CA ASP D 242 -3.19 1.42 -22.67
C ASP D 242 -2.97 2.16 -23.97
N LEU D 243 -3.16 1.45 -25.10
CA LEU D 243 -2.92 1.98 -26.46
C LEU D 243 -4.19 2.42 -27.19
N THR D 244 -4.32 3.72 -27.41
CA THR D 244 -5.46 4.32 -28.11
C THR D 244 -5.04 4.64 -29.56
N CYS D 245 -5.63 3.98 -30.55
CA CYS D 245 -5.18 4.19 -31.92
C CYS D 245 -6.28 4.32 -32.96
N ARG D 246 -6.01 5.14 -33.97
CA ARG D 246 -6.75 5.21 -35.22
C ARG D 246 -6.25 4.16 -36.18
N LEU D 247 -7.16 3.33 -36.68
CA LEU D 247 -6.81 2.31 -37.66
C LEU D 247 -7.03 2.82 -39.08
N ALA D 248 -6.19 2.37 -40.02
CA ALA D 248 -6.36 2.73 -41.44
C ALA D 248 -7.55 1.99 -42.03
N GLN D 249 -7.52 0.67 -41.88
N GLN D 249 -7.53 0.67 -41.91
CA GLN D 249 -8.61 -0.21 -42.28
CA GLN D 249 -8.64 -0.16 -42.34
C GLN D 249 -9.58 -0.37 -41.10
C GLN D 249 -9.58 -0.40 -41.14
N PRO D 250 -10.89 -0.20 -41.34
CA PRO D 250 -11.87 -0.48 -40.29
C PRO D 250 -11.74 -1.89 -39.75
N ALA D 251 -11.93 -2.04 -38.45
CA ALA D 251 -11.81 -3.34 -37.82
C ALA D 251 -12.73 -3.43 -36.62
N SER D 252 -13.58 -4.46 -36.60
CA SER D 252 -14.40 -4.74 -35.43
C SER D 252 -13.48 -5.19 -34.32
N TYR D 253 -14.00 -5.18 -33.09
CA TYR D 253 -13.19 -5.59 -31.96
C TYR D 253 -12.99 -7.09 -31.98
N THR D 254 -13.87 -7.79 -32.71
CA THR D 254 -13.75 -9.23 -32.93
C THR D 254 -12.67 -9.55 -33.95
N ALA D 255 -12.56 -8.75 -35.00
CA ALA D 255 -11.48 -8.92 -35.95
C ALA D 255 -10.12 -8.71 -35.26
N ILE D 256 -10.03 -7.65 -34.45
CA ILE D 256 -8.83 -7.32 -33.70
C ILE D 256 -8.44 -8.45 -32.74
N LYS D 257 -9.41 -8.89 -31.96
CA LYS D 257 -9.24 -10.02 -31.07
C LYS D 257 -8.72 -11.26 -31.80
N GLU D 258 -9.22 -11.51 -33.01
CA GLU D 258 -8.80 -12.68 -33.77
C GLU D 258 -7.37 -12.55 -34.31
N ALA D 259 -7.00 -11.35 -34.74
CA ALA D 259 -5.64 -11.10 -35.24
C ALA D 259 -4.59 -11.34 -34.14
N VAL D 260 -4.84 -10.80 -32.95
CA VAL D 260 -3.93 -10.94 -31.81
C VAL D 260 -3.77 -12.41 -31.42
N LYS D 261 -4.90 -13.12 -31.27
CA LYS D 261 -4.90 -14.58 -30.99
C LYS D 261 -4.05 -15.33 -31.98
N ALA D 262 -4.21 -14.99 -33.25
CA ALA D 262 -3.44 -15.60 -34.31
C ALA D 262 -1.95 -15.51 -34.00
N ALA D 263 -1.47 -14.29 -33.82
CA ALA D 263 -0.03 -14.02 -33.58
C ALA D 263 0.49 -14.75 -32.35
N ALA D 264 -0.28 -14.65 -31.27
CA ALA D 264 0.00 -15.37 -30.02
C ALA D 264 0.20 -16.87 -30.22
N LYS D 265 -0.67 -17.48 -31.00
CA LYS D 265 -0.61 -18.92 -31.24
C LYS D 265 0.49 -19.34 -32.21
N GLY D 266 0.76 -18.51 -33.22
CA GLY D 266 1.84 -18.79 -34.17
C GLY D 266 3.17 -18.06 -33.96
N PRO D 267 3.37 -16.96 -34.72
CA PRO D 267 4.66 -16.26 -34.87
C PRO D 267 5.18 -15.51 -33.66
N MET D 268 4.32 -15.23 -32.67
CA MET D 268 4.77 -14.55 -31.46
C MET D 268 4.49 -15.36 -30.21
N ALA D 269 4.46 -16.68 -30.34
CA ALA D 269 4.29 -17.56 -29.17
C ALA D 269 5.48 -17.36 -28.23
N GLY D 270 5.19 -17.22 -26.94
CA GLY D 270 6.24 -16.93 -25.94
C GLY D 270 6.52 -15.44 -25.74
N ILE D 271 6.13 -14.61 -26.71
CA ILE D 271 6.30 -13.17 -26.64
C ILE D 271 4.97 -12.48 -26.38
N LEU D 272 3.98 -12.73 -27.25
CA LEU D 272 2.63 -12.15 -27.16
C LEU D 272 1.64 -13.20 -26.70
N ALA D 273 0.82 -12.85 -25.71
CA ALA D 273 -0.18 -13.75 -25.16
C ALA D 273 -1.56 -13.10 -25.20
N TYR D 274 -2.59 -13.92 -25.06
CA TYR D 274 -3.97 -13.48 -25.28
C TYR D 274 -4.83 -14.11 -24.21
N THR D 275 -5.63 -13.28 -23.54
CA THR D 275 -6.52 -13.72 -22.48
C THR D 275 -7.89 -13.04 -22.67
N GLU D 276 -8.94 -13.75 -22.24
CA GLU D 276 -10.28 -13.20 -22.16
C GLU D 276 -10.81 -13.35 -20.73
N ASP D 277 -9.94 -13.73 -19.81
CA ASP D 277 -10.35 -13.91 -18.42
C ASP D 277 -10.38 -12.57 -17.66
N GLN D 278 -11.10 -12.55 -16.54
CA GLN D 278 -11.24 -11.35 -15.71
C GLN D 278 -10.00 -11.09 -14.84
N VAL D 279 -8.86 -10.93 -15.52
CA VAL D 279 -7.56 -10.83 -14.85
C VAL D 279 -7.29 -9.48 -14.20
N VAL D 280 -6.31 -9.47 -13.30
CA VAL D 280 -5.80 -8.26 -12.65
C VAL D 280 -4.29 -8.35 -12.60
N SER D 281 -3.63 -7.31 -12.11
CA SER D 281 -2.19 -7.16 -12.30
C SER D 281 -1.40 -8.34 -11.72
N THR D 282 -1.67 -8.72 -10.47
CA THR D 282 -1.00 -9.88 -9.84
C THR D 282 -1.11 -11.18 -10.64
N ASP D 283 -2.11 -11.31 -11.51
CA ASP D 283 -2.22 -12.50 -12.34
C ASP D 283 -1.06 -12.67 -13.32
N PHE D 284 -0.30 -11.60 -13.56
CA PHE D 284 0.88 -11.71 -14.40
C PHE D 284 2.21 -11.54 -13.65
N ASN D 285 2.14 -11.56 -12.33
CA ASN D 285 3.34 -11.59 -11.53
C ASN D 285 4.02 -12.93 -11.79
N GLY D 286 5.20 -12.90 -12.41
CA GLY D 286 5.94 -14.10 -12.75
C GLY D 286 5.63 -14.62 -14.15
N ASP D 287 4.97 -13.78 -14.95
CA ASP D 287 4.63 -14.16 -16.29
C ASP D 287 5.79 -13.83 -17.22
N SER D 288 6.12 -14.81 -18.07
CA SER D 288 7.30 -14.78 -18.93
C SER D 288 7.12 -13.99 -20.22
N HIS D 289 5.86 -13.77 -20.62
CA HIS D 289 5.52 -13.05 -21.86
C HIS D 289 5.85 -11.53 -21.81
N SER D 290 6.15 -10.94 -22.96
CA SER D 290 6.42 -9.49 -23.03
C SER D 290 5.14 -8.65 -23.01
N SER D 291 4.06 -9.24 -23.49
CA SER D 291 2.80 -8.55 -23.68
C SER D 291 1.67 -9.58 -23.59
N ILE D 292 0.77 -9.40 -22.62
CA ILE D 292 -0.47 -10.21 -22.52
C ILE D 292 -1.71 -9.37 -22.83
N PHE D 293 -2.25 -9.57 -24.03
CA PHE D 293 -3.46 -8.86 -24.47
C PHE D 293 -4.66 -9.20 -23.60
N ASP D 294 -5.35 -8.16 -23.15
CA ASP D 294 -6.57 -8.29 -22.36
C ASP D 294 -7.80 -7.95 -23.22
N ALA D 295 -8.36 -8.97 -23.87
CA ALA D 295 -9.49 -8.79 -24.79
C ALA D 295 -10.66 -8.02 -24.19
N LYS D 296 -11.09 -8.43 -23.01
CA LYS D 296 -12.27 -7.83 -22.37
C LYS D 296 -12.03 -6.47 -21.69
N ALA D 297 -10.78 -6.09 -21.42
CA ALA D 297 -10.52 -4.79 -20.79
C ALA D 297 -10.59 -3.61 -21.77
N GLY D 298 -10.42 -3.88 -23.07
CA GLY D 298 -10.39 -2.82 -24.09
C GLY D 298 -11.77 -2.33 -24.50
N ILE D 299 -11.81 -1.23 -25.24
CA ILE D 299 -13.07 -0.66 -25.70
C ILE D 299 -12.86 0.04 -27.06
N ALA D 300 -13.78 -0.22 -28.00
CA ALA D 300 -13.80 0.45 -29.31
C ALA D 300 -14.88 1.53 -29.34
N LEU D 301 -14.57 2.69 -29.93
CA LEU D 301 -15.60 3.70 -30.15
C LEU D 301 -16.28 3.36 -31.46
N ASN D 302 -15.45 3.02 -32.44
CA ASN D 302 -15.93 2.60 -33.74
C ASN D 302 -14.85 1.74 -34.37
N ASP D 303 -15.14 1.21 -35.55
CA ASP D 303 -14.22 0.36 -36.29
C ASP D 303 -12.85 0.96 -36.64
N ASN D 304 -12.64 2.22 -36.33
CA ASN D 304 -11.38 2.85 -36.65
C ASN D 304 -10.71 3.53 -35.47
N PHE D 305 -11.32 3.45 -34.27
CA PHE D 305 -10.85 4.17 -33.11
C PHE D 305 -11.05 3.27 -31.89
N VAL D 306 -9.96 2.66 -31.43
CA VAL D 306 -10.00 1.66 -30.38
C VAL D 306 -8.96 1.92 -29.26
N LYS D 307 -9.27 1.39 -28.08
CA LYS D 307 -8.37 1.41 -26.95
C LYS D 307 -8.00 -0.01 -26.57
N LEU D 308 -6.73 -0.39 -26.77
CA LEU D 308 -6.21 -1.74 -26.50
C LEU D 308 -5.41 -1.81 -25.20
N VAL D 309 -5.49 -2.95 -24.51
CA VAL D 309 -4.90 -3.14 -23.19
C VAL D 309 -4.05 -4.43 -23.16
N SER D 310 -2.78 -4.30 -22.78
CA SER D 310 -1.88 -5.45 -22.64
C SER D 310 -1.08 -5.37 -21.36
N TRP D 311 -0.87 -6.53 -20.73
CA TRP D 311 -0.16 -6.60 -19.45
C TRP D 311 1.29 -6.97 -19.68
N TYR D 312 2.12 -6.63 -18.70
CA TYR D 312 3.52 -7.08 -18.72
C TYR D 312 4.09 -7.01 -17.31
N ASP D 313 4.72 -8.13 -16.90
CA ASP D 313 5.59 -8.16 -15.72
C ASP D 313 6.89 -7.45 -16.10
N ASN D 314 6.98 -6.19 -15.67
CA ASN D 314 8.10 -5.34 -16.06
C ASN D 314 9.49 -5.83 -15.59
N GLU D 315 9.50 -6.75 -14.63
CA GLU D 315 10.72 -7.32 -14.10
C GLU D 315 11.04 -8.62 -14.80
N TYR D 316 10.11 -9.56 -14.70
CA TYR D 316 10.34 -10.98 -14.98
C TYR D 316 10.17 -11.33 -16.47
N GLY D 317 9.17 -10.73 -17.13
CA GLY D 317 9.06 -10.81 -18.58
C GLY D 317 10.28 -10.19 -19.26
N TYR D 318 10.69 -9.03 -18.77
CA TYR D 318 11.84 -8.31 -19.33
C TYR D 318 13.15 -9.07 -19.13
N SER D 319 13.30 -9.73 -17.99
CA SER D 319 14.48 -10.58 -17.74
C SER D 319 14.50 -11.76 -18.69
N HIS D 320 13.32 -12.33 -18.93
CA HIS D 320 13.18 -13.48 -19.80
C HIS D 320 13.63 -13.14 -21.20
N ARG D 321 13.28 -11.94 -21.64
CA ARG D 321 13.68 -11.47 -22.96
C ARG D 321 15.18 -11.16 -23.07
N VAL D 322 15.82 -10.72 -22.00
CA VAL D 322 17.27 -10.51 -22.00
C VAL D 322 17.97 -11.84 -22.27
N VAL D 323 17.52 -12.89 -21.59
CA VAL D 323 18.05 -14.23 -21.75
C VAL D 323 17.71 -14.83 -23.13
N ASP D 324 16.52 -14.51 -23.65
CA ASP D 324 16.12 -14.89 -25.01
C ASP D 324 17.05 -14.25 -26.04
N LEU D 325 17.32 -12.97 -25.86
CA LEU D 325 18.09 -12.21 -26.84
C LEU D 325 19.55 -12.62 -26.85
N LEU D 326 20.12 -12.91 -25.69
CA LEU D 326 21.52 -13.27 -25.65
C LEU D 326 21.71 -14.68 -26.18
N ARG D 327 20.72 -15.54 -25.97
CA ARG D 327 20.70 -16.87 -26.64
C ARG D 327 20.57 -16.73 -28.16
N TYR D 328 19.72 -15.81 -28.59
CA TYR D 328 19.60 -15.50 -29.99
C TYR D 328 20.89 -14.92 -30.58
N MET D 329 21.51 -13.98 -29.86
CA MET D 329 22.79 -13.42 -30.30
C MET D 329 23.83 -14.52 -30.43
N PHE D 330 23.95 -15.37 -29.40
CA PHE D 330 24.90 -16.48 -29.41
C PHE D 330 24.69 -17.45 -30.58
N SER D 331 23.43 -17.73 -30.93
CA SER D 331 23.13 -18.60 -32.08
C SER D 331 23.65 -18.04 -33.41
N ARG D 332 23.85 -16.72 -33.48
CA ARG D 332 24.24 -16.04 -34.71
C ARG D 332 25.76 -15.85 -34.87
N GLU D 333 26.56 -16.36 -33.94
CA GLU D 333 28.03 -16.19 -34.04
C GLU D 333 28.51 -17.00 -35.25
N LYS D 334 29.31 -16.36 -36.11
CA LYS D 334 29.71 -16.95 -37.40
C LYS D 334 30.76 -18.03 -37.25
#